data_1XS3
#
_entry.id   1XS3
#
_entity_poly.entity_id   1
_entity_poly.type   'polypeptide(L)'
_entity_poly.pdbx_seq_one_letter_code
;MRKRPLDAETIRKLIESGLPEARVDVQGEDGVHFEATVVSPAFVGKAPLARHRMVYATLGELMGGAIHALQLKTLTPDEA
;
_entity_poly.pdbx_strand_id   A
#
# COMPACT_ATOMS: atom_id res chain seq x y z
N MET A 1 12.38 6.19 19.74
CA MET A 1 12.09 4.76 19.73
C MET A 1 11.10 4.39 20.83
N ARG A 2 9.88 4.05 20.42
CA ARG A 2 8.84 3.69 21.37
C ARG A 2 8.31 2.28 21.09
N LYS A 3 8.24 1.92 19.81
CA LYS A 3 7.77 0.61 19.42
C LYS A 3 8.45 0.15 18.13
N ARG A 4 9.28 -0.87 18.23
CA ARG A 4 9.99 -1.40 17.07
C ARG A 4 9.05 -1.61 15.90
N PRO A 5 8.02 -2.44 16.10
CA PRO A 5 7.02 -2.74 15.06
C PRO A 5 6.11 -1.55 14.78
N LEU A 6 5.23 -1.72 13.80
CA LEU A 6 4.30 -0.65 13.43
C LEU A 6 3.29 -1.15 12.40
N ASP A 7 2.15 -0.48 12.33
CA ASP A 7 1.10 -0.85 11.39
C ASP A 7 1.61 -0.81 9.96
N ALA A 8 1.98 0.40 9.50
CA ALA A 8 2.50 0.58 8.15
C ALA A 8 3.65 -0.37 7.87
N GLU A 9 4.35 -0.78 8.93
CA GLU A 9 5.48 -1.69 8.79
C GLU A 9 5.01 -3.10 8.42
N THR A 10 3.91 -3.53 9.05
CA THR A 10 3.37 -4.86 8.79
C THR A 10 2.96 -5.01 7.33
N ILE A 11 2.15 -4.07 6.85
CA ILE A 11 1.67 -4.09 5.47
C ILE A 11 2.83 -3.85 4.50
N ARG A 12 3.66 -2.86 4.80
CA ARG A 12 4.80 -2.53 3.96
C ARG A 12 5.73 -3.73 3.81
N LYS A 13 6.01 -4.39 4.93
CA LYS A 13 6.90 -5.56 4.92
C LYS A 13 6.27 -6.71 4.13
N LEU A 14 4.98 -6.94 4.37
CA LEU A 14 4.27 -8.02 3.68
C LEU A 14 4.38 -7.86 2.16
N ILE A 15 4.09 -6.66 1.68
CA ILE A 15 4.15 -6.37 0.25
C ILE A 15 5.59 -6.42 -0.26
N GLU A 16 6.50 -5.82 0.51
CA GLU A 16 7.91 -5.81 0.13
C GLU A 16 8.43 -7.22 -0.12
N SER A 17 7.97 -8.16 0.70
CA SER A 17 8.39 -9.55 0.57
C SER A 17 7.67 -10.23 -0.60
N GLY A 18 6.38 -9.94 -0.72
CA GLY A 18 5.59 -10.53 -1.79
C GLY A 18 6.06 -10.08 -3.16
N LEU A 19 6.05 -8.77 -3.40
CA LEU A 19 6.47 -8.22 -4.68
C LEU A 19 7.98 -8.31 -4.84
N PRO A 20 8.45 -8.33 -6.09
CA PRO A 20 9.88 -8.41 -6.41
C PRO A 20 10.62 -7.12 -6.06
N GLU A 21 10.70 -6.21 -7.03
CA GLU A 21 11.38 -4.94 -6.83
C GLU A 21 10.37 -3.81 -6.66
N ALA A 22 9.24 -4.11 -6.04
CA ALA A 22 8.19 -3.13 -5.81
C ALA A 22 8.44 -2.37 -4.50
N ARG A 23 8.19 -1.06 -4.53
CA ARG A 23 8.38 -0.22 -3.35
C ARG A 23 7.04 0.24 -2.79
N VAL A 24 6.83 -0.02 -1.51
CA VAL A 24 5.59 0.37 -0.85
C VAL A 24 5.86 1.26 0.36
N ASP A 25 5.11 2.35 0.46
CA ASP A 25 5.26 3.28 1.58
C ASP A 25 3.91 3.69 2.14
N VAL A 26 3.69 3.38 3.42
CA VAL A 26 2.43 3.71 4.07
C VAL A 26 2.68 4.54 5.34
N GLN A 27 1.94 5.64 5.47
CA GLN A 27 2.10 6.52 6.63
C GLN A 27 0.73 6.89 7.19
N GLY A 28 0.50 6.53 8.46
CA GLY A 28 -0.77 6.83 9.09
C GLY A 28 -1.15 5.81 10.14
N GLU A 29 -2.32 5.20 9.97
CA GLU A 29 -2.80 4.20 10.92
C GLU A 29 -4.11 3.58 10.44
N ASP A 30 -4.43 2.40 10.97
CA ASP A 30 -5.66 1.71 10.59
C ASP A 30 -6.88 2.40 11.20
N GLY A 31 -8.00 2.35 10.47
CA GLY A 31 -9.22 2.97 10.96
C GLY A 31 -9.16 4.49 10.91
N VAL A 32 -8.23 5.02 10.12
CA VAL A 32 -8.08 6.46 9.98
C VAL A 32 -7.56 6.83 8.59
N HIS A 33 -7.67 8.10 8.25
CA HIS A 33 -7.21 8.59 6.95
C HIS A 33 -5.69 8.64 6.89
N PHE A 34 -5.10 7.78 6.07
CA PHE A 34 -3.65 7.74 5.92
C PHE A 34 -3.25 7.79 4.45
N GLU A 35 -1.97 8.01 4.20
CA GLU A 35 -1.46 8.09 2.82
C GLU A 35 -0.46 6.97 2.56
N ALA A 36 -0.78 6.13 1.58
CA ALA A 36 0.10 5.01 1.22
C ALA A 36 0.40 5.02 -0.28
N THR A 37 1.68 5.19 -0.61
CA THR A 37 2.10 5.22 -2.01
C THR A 37 2.84 3.94 -2.38
N VAL A 38 2.28 3.20 -3.33
CA VAL A 38 2.89 1.94 -3.78
C VAL A 38 3.36 2.05 -5.23
N VAL A 39 4.51 1.45 -5.51
CA VAL A 39 5.07 1.48 -6.87
C VAL A 39 5.48 0.09 -7.31
N SER A 40 4.87 -0.40 -8.39
CA SER A 40 5.18 -1.72 -8.92
C SER A 40 4.76 -1.83 -10.38
N PRO A 41 5.37 -2.80 -11.09
CA PRO A 41 5.08 -3.03 -12.51
C PRO A 41 3.69 -3.61 -12.73
N ALA A 42 3.15 -4.24 -11.69
CA ALA A 42 1.82 -4.84 -11.76
C ALA A 42 0.80 -3.85 -12.32
N PHE A 43 0.92 -2.59 -11.91
CA PHE A 43 0.01 -1.55 -12.37
C PHE A 43 0.47 -0.97 -13.71
N VAL A 44 1.16 -1.80 -14.49
CA VAL A 44 1.65 -1.38 -15.80
C VAL A 44 0.54 -0.80 -16.65
N GLY A 45 0.84 0.29 -17.36
CA GLY A 45 -0.16 0.93 -18.20
C GLY A 45 -1.41 1.30 -17.44
N LYS A 46 -2.31 0.32 -17.26
CA LYS A 46 -3.55 0.54 -16.54
C LYS A 46 -3.64 -0.35 -15.31
N ALA A 47 -4.07 0.22 -14.19
CA ALA A 47 -4.20 -0.53 -12.95
C ALA A 47 -5.64 -0.96 -12.72
N PRO A 48 -5.94 -2.23 -13.01
CA PRO A 48 -7.29 -2.79 -12.85
C PRO A 48 -7.67 -2.94 -11.38
N LEU A 49 -8.92 -3.32 -11.14
CA LEU A 49 -9.41 -3.51 -9.78
C LEU A 49 -8.58 -4.55 -9.04
N ALA A 50 -7.98 -5.47 -9.79
CA ALA A 50 -7.15 -6.51 -9.19
C ALA A 50 -6.00 -5.91 -8.39
N ARG A 51 -5.24 -5.03 -9.01
CA ARG A 51 -4.12 -4.39 -8.35
C ARG A 51 -4.61 -3.38 -7.31
N HIS A 52 -5.62 -2.60 -7.66
CA HIS A 52 -6.18 -1.61 -6.75
C HIS A 52 -6.66 -2.25 -5.46
N ARG A 53 -7.49 -3.28 -5.59
CA ARG A 53 -8.03 -3.99 -4.43
C ARG A 53 -6.92 -4.75 -3.71
N MET A 54 -6.00 -5.32 -4.47
CA MET A 54 -4.89 -6.08 -3.90
C MET A 54 -4.12 -5.23 -2.89
N VAL A 55 -3.78 -4.00 -3.28
CA VAL A 55 -3.05 -3.09 -2.41
C VAL A 55 -3.92 -2.64 -1.24
N TYR A 56 -5.17 -2.32 -1.53
CA TYR A 56 -6.09 -1.87 -0.50
C TYR A 56 -6.31 -2.95 0.55
N ALA A 57 -6.35 -4.20 0.10
CA ALA A 57 -6.56 -5.34 1.00
C ALA A 57 -5.30 -5.62 1.81
N THR A 58 -4.15 -5.64 1.13
CA THR A 58 -2.89 -5.91 1.77
C THR A 58 -2.51 -4.79 2.75
N LEU A 59 -3.02 -3.60 2.48
CA LEU A 59 -2.74 -2.45 3.33
C LEU A 59 -3.74 -2.36 4.48
N GLY A 60 -4.61 -3.37 4.58
CA GLY A 60 -5.61 -3.39 5.63
C GLY A 60 -6.25 -2.04 5.84
N GLU A 61 -7.21 -1.70 4.97
CA GLU A 61 -7.91 -0.43 5.07
C GLU A 61 -9.27 -0.61 5.75
N LEU A 62 -10.02 -1.60 5.29
CA LEU A 62 -11.35 -1.88 5.84
C LEU A 62 -11.24 -2.78 7.06
N MET A 63 -10.01 -3.15 7.42
CA MET A 63 -9.78 -4.01 8.57
C MET A 63 -9.83 -3.21 9.87
N GLY A 64 -9.78 -1.89 9.74
CA GLY A 64 -9.82 -1.03 10.91
C GLY A 64 -10.97 -0.05 10.88
N GLY A 65 -11.39 0.33 9.67
CA GLY A 65 -12.48 1.27 9.52
C GLY A 65 -12.01 2.64 9.07
N ALA A 66 -10.98 2.67 8.23
CA ALA A 66 -10.43 3.92 7.73
C ALA A 66 -11.49 4.71 6.97
N ILE A 67 -11.30 6.03 6.90
CA ILE A 67 -12.24 6.90 6.20
C ILE A 67 -11.94 6.95 4.72
N HIS A 68 -12.91 7.42 3.94
CA HIS A 68 -12.74 7.52 2.49
C HIS A 68 -11.58 8.44 2.13
N ALA A 69 -11.04 9.13 3.15
CA ALA A 69 -9.93 10.04 2.94
C ALA A 69 -8.61 9.27 2.80
N LEU A 70 -8.64 8.21 2.00
CA LEU A 70 -7.44 7.40 1.78
C LEU A 70 -6.74 7.79 0.49
N GLN A 71 -5.44 8.08 0.59
CA GLN A 71 -4.65 8.47 -0.57
C GLN A 71 -3.72 7.36 -1.00
N LEU A 72 -3.96 6.81 -2.19
CA LEU A 72 -3.14 5.73 -2.71
C LEU A 72 -2.88 5.91 -4.20
N LYS A 73 -1.60 5.84 -4.60
CA LYS A 73 -1.22 5.99 -5.99
C LYS A 73 -0.47 4.75 -6.50
N THR A 74 -0.88 4.26 -7.66
CA THR A 74 -0.25 3.08 -8.24
C THR A 74 0.52 3.44 -9.52
N LEU A 75 1.84 3.45 -9.42
CA LEU A 75 2.68 3.78 -10.58
C LEU A 75 3.67 2.65 -10.87
N THR A 76 4.23 2.66 -12.08
CA THR A 76 5.18 1.63 -12.47
C THR A 76 6.52 1.83 -11.75
N PRO A 77 7.37 0.78 -11.79
CA PRO A 77 8.69 0.81 -11.15
C PRO A 77 9.65 1.74 -11.86
N ASP A 78 9.34 2.08 -13.11
CA ASP A 78 10.19 2.98 -13.89
C ASP A 78 9.98 4.43 -13.47
N GLU A 79 8.80 4.72 -12.93
CA GLU A 79 8.47 6.07 -12.50
C GLU A 79 9.03 6.34 -11.09
N ALA A 80 9.99 5.52 -10.68
CA ALA A 80 10.60 5.67 -9.37
C ALA A 80 12.02 6.23 -9.49
N MET A 1 16.04 9.44 17.51
CA MET A 1 15.25 9.40 18.74
C MET A 1 13.85 8.88 18.48
N ARG A 2 13.11 9.58 17.62
CA ARG A 2 11.75 9.18 17.28
C ARG A 2 11.72 7.78 16.69
N LYS A 3 10.52 7.29 16.42
CA LYS A 3 10.35 5.95 15.84
C LYS A 3 9.03 5.85 15.09
N ARG A 4 8.81 4.70 14.45
CA ARG A 4 7.59 4.48 13.69
C ARG A 4 6.81 3.29 14.26
N PRO A 5 5.48 3.31 14.05
CA PRO A 5 4.59 2.24 14.53
C PRO A 5 4.81 0.93 13.79
N LEU A 6 3.94 -0.05 14.06
CA LEU A 6 4.04 -1.35 13.42
C LEU A 6 2.97 -1.50 12.34
N ASP A 7 1.80 -0.93 12.58
CA ASP A 7 0.70 -0.99 11.62
C ASP A 7 1.21 -0.87 10.20
N ALA A 8 1.65 0.33 9.83
CA ALA A 8 2.17 0.59 8.50
C ALA A 8 3.32 -0.35 8.17
N GLU A 9 4.05 -0.77 9.21
CA GLU A 9 5.18 -1.67 9.02
C GLU A 9 4.70 -3.07 8.63
N THR A 10 3.52 -3.45 9.11
CA THR A 10 2.96 -4.75 8.82
C THR A 10 2.60 -4.88 7.35
N ILE A 11 1.81 -3.93 6.85
CA ILE A 11 1.40 -3.93 5.45
C ILE A 11 2.57 -3.62 4.52
N ARG A 12 3.44 -2.71 4.97
CA ARG A 12 4.61 -2.33 4.18
C ARG A 12 5.52 -3.52 3.94
N LYS A 13 5.85 -4.23 5.01
CA LYS A 13 6.73 -5.39 4.92
C LYS A 13 6.05 -6.52 4.16
N LEU A 14 4.75 -6.70 4.41
CA LEU A 14 3.98 -7.75 3.75
C LEU A 14 4.06 -7.60 2.23
N ILE A 15 3.80 -6.39 1.75
CA ILE A 15 3.84 -6.12 0.32
C ILE A 15 5.27 -6.19 -0.22
N GLU A 16 6.21 -5.61 0.52
CA GLU A 16 7.61 -5.62 0.12
C GLU A 16 8.10 -7.05 -0.10
N SER A 17 7.62 -7.97 0.73
CA SER A 17 8.02 -9.38 0.62
C SER A 17 7.29 -10.06 -0.53
N GLY A 18 5.99 -9.79 -0.65
CA GLY A 18 5.20 -10.38 -1.71
C GLY A 18 5.67 -9.97 -3.08
N LEU A 19 5.83 -8.66 -3.29
CA LEU A 19 6.27 -8.14 -4.58
C LEU A 19 7.79 -8.22 -4.69
N PRO A 20 8.29 -8.16 -5.94
CA PRO A 20 9.73 -8.23 -6.21
C PRO A 20 10.46 -6.96 -5.77
N GLU A 21 10.58 -5.99 -6.66
CA GLU A 21 11.25 -4.73 -6.36
C GLU A 21 10.25 -3.60 -6.20
N ALA A 22 9.01 -3.95 -5.84
CA ALA A 22 7.96 -2.97 -5.65
C ALA A 22 8.21 -2.11 -4.42
N ARG A 23 8.10 -0.80 -4.58
CA ARG A 23 8.32 0.12 -3.48
C ARG A 23 7.00 0.58 -2.87
N VAL A 24 6.76 0.19 -1.62
CA VAL A 24 5.52 0.56 -0.93
C VAL A 24 5.83 1.44 0.27
N ASP A 25 5.10 2.55 0.38
CA ASP A 25 5.28 3.48 1.48
C ASP A 25 3.93 3.86 2.10
N VAL A 26 3.76 3.53 3.38
CA VAL A 26 2.53 3.83 4.09
C VAL A 26 2.81 4.57 5.39
N GLN A 27 2.10 5.68 5.61
CA GLN A 27 2.27 6.47 6.82
C GLN A 27 0.92 6.83 7.42
N GLY A 28 0.71 6.40 8.67
CA GLY A 28 -0.54 6.69 9.35
C GLY A 28 -0.91 5.62 10.35
N GLU A 29 -2.12 5.06 10.21
CA GLU A 29 -2.58 4.02 11.12
C GLU A 29 -3.94 3.47 10.66
N ASP A 30 -4.30 2.31 11.17
CA ASP A 30 -5.57 1.68 10.82
C ASP A 30 -6.74 2.42 11.44
N GLY A 31 -7.84 2.49 10.72
CA GLY A 31 -9.02 3.18 11.21
C GLY A 31 -8.86 4.68 11.20
N VAL A 32 -7.96 5.17 10.36
CA VAL A 32 -7.70 6.61 10.25
C VAL A 32 -7.23 6.98 8.86
N HIS A 33 -7.27 8.27 8.55
CA HIS A 33 -6.84 8.76 7.25
C HIS A 33 -5.32 8.75 7.14
N PHE A 34 -4.79 7.81 6.37
CA PHE A 34 -3.35 7.70 6.18
C PHE A 34 -2.98 7.81 4.70
N GLU A 35 -1.69 7.98 4.43
CA GLU A 35 -1.21 8.09 3.05
C GLU A 35 -0.35 6.90 2.67
N ALA A 36 -0.76 6.19 1.62
CA ALA A 36 -0.03 5.02 1.15
C ALA A 36 0.24 5.11 -0.34
N THR A 37 1.52 5.06 -0.71
CA THR A 37 1.92 5.15 -2.11
C THR A 37 2.68 3.88 -2.54
N VAL A 38 2.09 3.14 -3.46
CA VAL A 38 2.71 1.91 -3.95
C VAL A 38 3.16 2.07 -5.40
N VAL A 39 4.34 1.55 -5.70
CA VAL A 39 4.90 1.63 -7.05
C VAL A 39 5.48 0.30 -7.49
N SER A 40 4.92 -0.27 -8.55
CA SER A 40 5.39 -1.55 -9.08
C SER A 40 4.94 -1.74 -10.53
N PRO A 41 5.54 -2.73 -11.20
CA PRO A 41 5.21 -3.04 -12.60
C PRO A 41 3.82 -3.66 -12.74
N ALA A 42 3.32 -4.21 -11.65
CA ALA A 42 1.99 -4.83 -11.66
C ALA A 42 0.97 -3.93 -12.33
N PHE A 43 0.97 -2.65 -11.97
CA PHE A 43 0.04 -1.69 -12.54
C PHE A 43 0.57 -1.12 -13.84
N VAL A 44 1.27 -1.96 -14.61
CA VAL A 44 1.84 -1.56 -15.89
C VAL A 44 0.78 -0.90 -16.77
N GLY A 45 1.11 0.27 -17.33
CA GLY A 45 0.18 0.97 -18.18
C GLY A 45 -1.12 1.32 -17.48
N LYS A 46 -1.98 0.32 -17.30
CA LYS A 46 -3.26 0.53 -16.62
C LYS A 46 -3.36 -0.35 -15.38
N ALA A 47 -3.89 0.22 -14.30
CA ALA A 47 -4.05 -0.51 -13.05
C ALA A 47 -5.49 -1.00 -12.88
N PRO A 48 -5.72 -2.27 -13.19
CA PRO A 48 -7.06 -2.88 -13.08
C PRO A 48 -7.50 -3.05 -11.63
N LEU A 49 -8.75 -3.42 -11.44
CA LEU A 49 -9.30 -3.62 -10.10
C LEU A 49 -8.48 -4.64 -9.32
N ALA A 50 -7.85 -5.56 -10.04
CA ALA A 50 -7.04 -6.59 -9.42
C ALA A 50 -5.92 -5.98 -8.59
N ARG A 51 -5.15 -5.09 -9.21
CA ARG A 51 -4.05 -4.43 -8.52
C ARG A 51 -4.56 -3.45 -7.47
N HIS A 52 -5.59 -2.67 -7.84
CA HIS A 52 -6.18 -1.70 -6.93
C HIS A 52 -6.67 -2.37 -5.65
N ARG A 53 -7.50 -3.40 -5.81
CA ARG A 53 -8.05 -4.13 -4.67
C ARG A 53 -6.93 -4.88 -3.92
N MET A 54 -5.96 -5.38 -4.67
CA MET A 54 -4.85 -6.11 -4.08
C MET A 54 -4.12 -5.25 -3.05
N VAL A 55 -3.83 -4.01 -3.42
CA VAL A 55 -3.14 -3.08 -2.53
C VAL A 55 -4.03 -2.66 -1.37
N TYR A 56 -5.31 -2.43 -1.66
CA TYR A 56 -6.26 -2.04 -0.63
C TYR A 56 -6.47 -3.15 0.39
N ALA A 57 -6.42 -4.40 -0.09
CA ALA A 57 -6.61 -5.56 0.78
C ALA A 57 -5.37 -5.80 1.63
N THR A 58 -4.20 -5.77 1.00
CA THR A 58 -2.94 -6.00 1.69
C THR A 58 -2.66 -4.87 2.68
N LEU A 59 -3.16 -3.68 2.38
CA LEU A 59 -2.96 -2.53 3.25
C LEU A 59 -3.97 -2.53 4.40
N GLY A 60 -4.86 -3.51 4.40
CA GLY A 60 -5.86 -3.60 5.45
C GLY A 60 -6.49 -2.26 5.78
N GLU A 61 -7.42 -1.83 4.93
CA GLU A 61 -8.09 -0.55 5.14
C GLU A 61 -9.35 -0.72 5.98
N LEU A 62 -10.10 -1.79 5.70
CA LEU A 62 -11.34 -2.07 6.43
C LEU A 62 -11.05 -2.94 7.64
N MET A 63 -9.77 -3.15 7.94
CA MET A 63 -9.36 -3.97 9.07
C MET A 63 -9.48 -3.18 10.38
N GLY A 64 -9.66 -1.87 10.25
CA GLY A 64 -9.77 -1.02 11.43
C GLY A 64 -10.84 0.05 11.26
N GLY A 65 -11.05 0.48 10.02
CA GLY A 65 -12.04 1.51 9.76
C GLY A 65 -11.50 2.64 8.92
N ALA A 66 -10.83 2.30 7.82
CA ALA A 66 -10.27 3.30 6.94
C ALA A 66 -11.34 4.23 6.38
N ILE A 67 -11.01 5.51 6.29
CA ILE A 67 -11.95 6.51 5.77
C ILE A 67 -11.68 6.83 4.30
N HIS A 68 -12.68 7.38 3.64
CA HIS A 68 -12.54 7.75 2.22
C HIS A 68 -11.32 8.62 2.01
N ALA A 69 -10.78 9.17 3.10
CA ALA A 69 -9.61 10.04 3.03
C ALA A 69 -8.33 9.22 2.92
N LEU A 70 -8.38 8.15 2.14
CA LEU A 70 -7.22 7.27 1.96
C LEU A 70 -6.50 7.60 0.66
N GLN A 71 -5.19 7.81 0.75
CA GLN A 71 -4.38 8.13 -0.42
C GLN A 71 -3.69 6.88 -0.96
N LEU A 72 -4.03 6.51 -2.19
CA LEU A 72 -3.46 5.33 -2.83
C LEU A 72 -3.15 5.60 -4.30
N LYS A 73 -1.87 5.52 -4.65
CA LYS A 73 -1.45 5.75 -6.03
C LYS A 73 -0.70 4.55 -6.59
N THR A 74 -1.07 4.13 -7.79
CA THR A 74 -0.45 2.98 -8.43
C THR A 74 0.27 3.39 -9.71
N LEU A 75 1.60 3.40 -9.67
CA LEU A 75 2.41 3.77 -10.82
C LEU A 75 3.46 2.70 -11.13
N THR A 76 3.98 2.72 -12.36
CA THR A 76 4.98 1.75 -12.77
C THR A 76 6.33 2.03 -12.10
N PRO A 77 7.22 1.04 -12.13
CA PRO A 77 8.55 1.16 -11.54
C PRO A 77 9.45 2.12 -12.31
N ASP A 78 8.94 2.63 -13.43
CA ASP A 78 9.70 3.56 -14.25
C ASP A 78 9.36 5.01 -13.90
N GLU A 79 8.14 5.21 -13.40
CA GLU A 79 7.69 6.54 -13.01
C GLU A 79 7.67 6.70 -11.50
N ALA A 80 8.68 6.14 -10.84
CA ALA A 80 8.79 6.21 -9.38
C ALA A 80 9.91 7.14 -8.96
N MET A 1 13.30 -4.42 18.61
CA MET A 1 13.05 -4.64 17.18
C MET A 1 12.76 -6.12 16.91
N ARG A 2 12.01 -6.75 17.81
CA ARG A 2 11.67 -8.17 17.66
C ARG A 2 10.22 -8.33 17.23
N LYS A 3 9.31 -7.75 18.01
CA LYS A 3 7.88 -7.83 17.72
C LYS A 3 7.36 -6.51 17.17
N ARG A 4 6.53 -6.58 16.13
CA ARG A 4 5.97 -5.38 15.52
C ARG A 4 4.45 -5.50 15.39
N PRO A 5 3.76 -4.37 15.56
CA PRO A 5 2.29 -4.31 15.48
C PRO A 5 1.79 -4.53 14.04
N LEU A 6 0.53 -4.19 13.81
CA LEU A 6 -0.07 -4.35 12.49
C LEU A 6 -0.24 -2.99 11.80
N ASP A 7 0.57 -2.02 12.22
CA ASP A 7 0.51 -0.68 11.64
C ASP A 7 0.95 -0.70 10.18
N ALA A 8 0.93 0.46 9.55
CA ALA A 8 1.34 0.59 8.15
C ALA A 8 2.64 -0.16 7.88
N GLU A 9 3.45 -0.30 8.92
CA GLU A 9 4.73 -0.99 8.81
C GLU A 9 4.53 -2.47 8.47
N THR A 10 3.53 -3.08 9.11
CA THR A 10 3.22 -4.48 8.88
C THR A 10 2.86 -4.75 7.43
N ILE A 11 1.97 -3.91 6.88
CA ILE A 11 1.54 -4.05 5.50
C ILE A 11 2.68 -3.76 4.54
N ARG A 12 3.49 -2.77 4.87
CA ARG A 12 4.63 -2.40 4.03
C ARG A 12 5.62 -3.55 3.92
N LYS A 13 5.87 -4.22 5.03
CA LYS A 13 6.80 -5.34 5.06
C LYS A 13 6.23 -6.54 4.29
N LEU A 14 4.97 -6.84 4.53
CA LEU A 14 4.31 -7.96 3.86
C LEU A 14 4.37 -7.80 2.35
N ILE A 15 4.01 -6.61 1.86
CA ILE A 15 4.05 -6.33 0.43
C ILE A 15 5.47 -6.35 -0.10
N GLU A 16 6.38 -5.71 0.63
CA GLU A 16 7.78 -5.67 0.22
C GLU A 16 8.33 -7.06 -0.03
N SER A 17 7.94 -8.00 0.83
CA SER A 17 8.40 -9.38 0.72
C SER A 17 7.60 -10.12 -0.36
N GLY A 18 6.34 -9.76 -0.51
CA GLY A 18 5.49 -10.40 -1.50
C GLY A 18 5.90 -10.06 -2.92
N LEU A 19 5.85 -8.78 -3.25
CA LEU A 19 6.22 -8.31 -4.59
C LEU A 19 7.72 -8.38 -4.80
N PRO A 20 8.15 -8.41 -6.07
CA PRO A 20 9.57 -8.48 -6.43
C PRO A 20 10.31 -7.18 -6.11
N GLU A 21 10.36 -6.27 -7.08
CA GLU A 21 11.03 -5.00 -6.90
C GLU A 21 10.03 -3.86 -6.72
N ALA A 22 8.95 -4.15 -5.99
CA ALA A 22 7.91 -3.16 -5.75
C ALA A 22 8.18 -2.38 -4.47
N ARG A 23 8.22 -1.05 -4.57
CA ARG A 23 8.47 -0.20 -3.42
C ARG A 23 7.16 0.29 -2.80
N VAL A 24 6.83 -0.22 -1.62
CA VAL A 24 5.61 0.17 -0.93
C VAL A 24 5.92 1.03 0.29
N ASP A 25 5.30 2.20 0.35
CA ASP A 25 5.51 3.12 1.46
C ASP A 25 4.18 3.70 1.94
N VAL A 26 3.83 3.41 3.19
CA VAL A 26 2.58 3.91 3.77
C VAL A 26 2.84 4.63 5.08
N GLN A 27 2.13 5.73 5.30
CA GLN A 27 2.28 6.51 6.52
C GLN A 27 0.93 6.79 7.16
N GLY A 28 0.77 6.34 8.40
CA GLY A 28 -0.49 6.55 9.11
C GLY A 28 -0.85 5.38 10.00
N GLU A 29 -2.11 4.96 9.94
CA GLU A 29 -2.58 3.85 10.76
C GLU A 29 -3.97 3.40 10.32
N ASP A 30 -4.44 2.28 10.88
CA ASP A 30 -5.75 1.75 10.54
C ASP A 30 -6.85 2.54 11.23
N GLY A 31 -8.02 2.59 10.61
CA GLY A 31 -9.14 3.31 11.18
C GLY A 31 -8.96 4.82 11.09
N VAL A 32 -7.85 5.24 10.50
CA VAL A 32 -7.56 6.67 10.36
C VAL A 32 -7.15 7.01 8.93
N HIS A 33 -7.17 8.30 8.60
CA HIS A 33 -6.79 8.76 7.27
C HIS A 33 -5.28 8.70 7.08
N PHE A 34 -4.82 7.74 6.30
CA PHE A 34 -3.39 7.58 6.03
C PHE A 34 -3.11 7.59 4.53
N GLU A 35 -1.84 7.71 4.18
CA GLU A 35 -1.44 7.73 2.77
C GLU A 35 -0.60 6.50 2.43
N ALA A 36 -1.04 5.75 1.42
CA ALA A 36 -0.34 4.55 0.99
C ALA A 36 0.17 4.70 -0.45
N THR A 37 1.48 4.70 -0.61
CA THR A 37 2.08 4.82 -1.94
C THR A 37 2.84 3.55 -2.32
N VAL A 38 2.26 2.78 -3.25
CA VAL A 38 2.88 1.55 -3.70
C VAL A 38 3.33 1.66 -5.16
N VAL A 39 4.60 1.37 -5.40
CA VAL A 39 5.15 1.43 -6.75
C VAL A 39 5.56 0.06 -7.25
N SER A 40 4.93 -0.39 -8.32
CA SER A 40 5.23 -1.70 -8.91
C SER A 40 4.79 -1.77 -10.36
N PRO A 41 5.38 -2.71 -11.11
CA PRO A 41 5.06 -2.90 -12.53
C PRO A 41 3.67 -3.47 -12.74
N ALA A 42 3.13 -4.11 -11.70
CA ALA A 42 1.80 -4.70 -11.77
C ALA A 42 0.78 -3.71 -12.32
N PHE A 43 0.87 -2.46 -11.87
CA PHE A 43 -0.04 -1.41 -12.32
C PHE A 43 0.44 -0.81 -13.64
N VAL A 44 1.12 -1.61 -14.44
CA VAL A 44 1.63 -1.16 -15.73
C VAL A 44 0.52 -0.51 -16.56
N GLY A 45 0.85 0.63 -17.17
CA GLY A 45 -0.12 1.34 -17.98
C GLY A 45 -1.40 1.65 -17.22
N LYS A 46 -2.30 0.68 -17.15
CA LYS A 46 -3.57 0.85 -16.45
C LYS A 46 -3.66 -0.09 -15.25
N ALA A 47 -4.12 0.44 -14.12
CA ALA A 47 -4.26 -0.35 -12.90
C ALA A 47 -5.70 -0.82 -12.71
N PRO A 48 -5.96 -2.08 -13.07
CA PRO A 48 -7.29 -2.68 -12.95
C PRO A 48 -7.70 -2.90 -11.49
N LEU A 49 -8.96 -3.25 -11.28
CA LEU A 49 -9.47 -3.50 -9.94
C LEU A 49 -8.63 -4.54 -9.20
N ALA A 50 -8.01 -5.43 -9.97
CA ALA A 50 -7.17 -6.48 -9.40
C ALA A 50 -6.06 -5.89 -8.56
N ARG A 51 -5.31 -4.96 -9.14
CA ARG A 51 -4.20 -4.31 -8.44
C ARG A 51 -4.73 -3.37 -7.37
N HIS A 52 -5.77 -2.61 -7.69
CA HIS A 52 -6.36 -1.67 -6.75
C HIS A 52 -6.81 -2.37 -5.48
N ARG A 53 -7.59 -3.44 -5.65
CA ARG A 53 -8.10 -4.21 -4.51
C ARG A 53 -6.96 -4.94 -3.81
N MET A 54 -6.01 -5.44 -4.59
CA MET A 54 -4.87 -6.16 -4.05
C MET A 54 -4.13 -5.32 -3.01
N VAL A 55 -3.83 -4.08 -3.38
CA VAL A 55 -3.13 -3.17 -2.48
C VAL A 55 -4.00 -2.79 -1.29
N TYR A 56 -5.26 -2.47 -1.56
CA TYR A 56 -6.19 -2.08 -0.51
C TYR A 56 -6.32 -3.19 0.54
N ALA A 57 -6.28 -4.44 0.07
CA ALA A 57 -6.39 -5.58 0.97
C ALA A 57 -5.10 -5.79 1.76
N THR A 58 -3.97 -5.73 1.05
CA THR A 58 -2.67 -5.91 1.68
C THR A 58 -2.29 -4.70 2.54
N LEU A 59 -3.04 -3.61 2.37
CA LEU A 59 -2.78 -2.39 3.11
C LEU A 59 -3.64 -2.33 4.38
N GLY A 60 -4.41 -3.40 4.61
CA GLY A 60 -5.26 -3.45 5.78
C GLY A 60 -6.21 -2.27 5.85
N GLU A 61 -7.15 -2.21 4.91
CA GLU A 61 -8.13 -1.12 4.88
C GLU A 61 -9.26 -1.38 5.85
N LEU A 62 -9.69 -2.64 5.94
CA LEU A 62 -10.77 -3.01 6.85
C LEU A 62 -10.23 -3.41 8.22
N MET A 63 -8.94 -3.16 8.44
CA MET A 63 -8.30 -3.48 9.70
C MET A 63 -8.77 -2.54 10.80
N GLY A 64 -9.50 -1.50 10.43
CA GLY A 64 -10.01 -0.55 11.40
C GLY A 64 -11.14 0.30 10.85
N GLY A 65 -11.10 0.56 9.55
CA GLY A 65 -12.14 1.36 8.92
C GLY A 65 -11.60 2.27 7.84
N ALA A 66 -11.88 1.94 6.59
CA ALA A 66 -11.41 2.73 5.47
C ALA A 66 -12.34 3.91 5.20
N ILE A 67 -11.78 5.12 5.21
CA ILE A 67 -12.57 6.33 4.98
C ILE A 67 -12.16 6.99 3.67
N HIS A 68 -13.01 7.89 3.18
CA HIS A 68 -12.74 8.60 1.94
C HIS A 68 -11.47 9.43 2.06
N ALA A 69 -10.93 9.52 3.27
CA ALA A 69 -9.71 10.28 3.52
C ALA A 69 -8.47 9.43 3.23
N LEU A 70 -8.62 8.45 2.35
CA LEU A 70 -7.52 7.57 1.98
C LEU A 70 -6.88 8.02 0.67
N GLN A 71 -5.55 8.06 0.65
CA GLN A 71 -4.81 8.46 -0.54
C GLN A 71 -3.89 7.35 -1.01
N LEU A 72 -4.16 6.82 -2.21
CA LEU A 72 -3.36 5.76 -2.77
C LEU A 72 -2.89 6.11 -4.18
N LYS A 73 -1.65 5.75 -4.50
CA LYS A 73 -1.09 6.03 -5.81
C LYS A 73 -0.32 4.82 -6.34
N THR A 74 -0.81 4.25 -7.45
CA THR A 74 -0.17 3.09 -8.05
C THR A 74 0.57 3.48 -9.32
N LEU A 75 1.91 3.49 -9.24
CA LEU A 75 2.73 3.84 -10.39
C LEU A 75 3.71 2.72 -10.71
N THR A 76 4.26 2.75 -11.93
CA THR A 76 5.21 1.74 -12.36
C THR A 76 6.55 1.90 -11.64
N PRO A 77 7.39 0.87 -11.74
CA PRO A 77 8.73 0.87 -11.11
C PRO A 77 9.69 1.84 -11.79
N ASP A 78 9.42 2.14 -13.06
CA ASP A 78 10.26 3.06 -13.81
C ASP A 78 10.14 4.48 -13.27
N GLU A 79 8.97 4.81 -12.75
CA GLU A 79 8.72 6.14 -12.19
C GLU A 79 9.49 6.33 -10.89
N ALA A 80 9.66 5.24 -10.14
CA ALA A 80 10.38 5.30 -8.87
C ALA A 80 11.88 5.44 -9.10
N MET A 1 17.67 -7.03 19.24
CA MET A 1 17.33 -5.95 18.31
C MET A 1 15.84 -5.64 18.38
N ARG A 2 15.48 -4.65 19.20
CA ARG A 2 14.09 -4.26 19.36
C ARG A 2 13.40 -4.12 17.99
N LYS A 3 12.15 -4.56 17.93
CA LYS A 3 11.39 -4.49 16.69
C LYS A 3 9.93 -4.17 16.97
N ARG A 4 9.50 -2.98 16.56
CA ARG A 4 8.13 -2.54 16.77
C ARG A 4 7.34 -2.60 15.47
N PRO A 5 6.64 -3.72 15.24
CA PRO A 5 5.84 -3.93 14.04
C PRO A 5 4.59 -3.04 14.01
N LEU A 6 4.65 -1.96 13.24
CA LEU A 6 3.54 -1.04 13.12
C LEU A 6 2.58 -1.47 12.00
N ASP A 7 1.41 -0.84 11.96
CA ASP A 7 0.43 -1.15 10.94
C ASP A 7 1.03 -1.04 9.54
N ALA A 8 1.64 0.10 9.25
CA ALA A 8 2.26 0.33 7.95
C ALA A 8 3.48 -0.57 7.77
N GLU A 9 4.08 -0.98 8.87
CA GLU A 9 5.26 -1.84 8.83
C GLU A 9 4.89 -3.25 8.37
N THR A 10 3.85 -3.81 8.97
CA THR A 10 3.38 -5.15 8.63
C THR A 10 2.96 -5.23 7.17
N ILE A 11 2.20 -4.23 6.72
CA ILE A 11 1.74 -4.19 5.34
C ILE A 11 2.87 -3.87 4.38
N ARG A 12 3.72 -2.92 4.76
CA ARG A 12 4.86 -2.53 3.94
C ARG A 12 5.80 -3.70 3.71
N LYS A 13 6.14 -4.40 4.78
CA LYS A 13 7.03 -5.56 4.71
C LYS A 13 6.38 -6.69 3.91
N LEU A 14 5.10 -6.94 4.18
CA LEU A 14 4.37 -7.98 3.49
C LEU A 14 4.43 -7.79 1.97
N ILE A 15 4.15 -6.57 1.52
CA ILE A 15 4.17 -6.26 0.10
C ILE A 15 5.60 -6.32 -0.45
N GLU A 16 6.53 -5.72 0.29
CA GLU A 16 7.93 -5.70 -0.12
C GLU A 16 8.44 -7.11 -0.38
N SER A 17 7.99 -8.06 0.43
CA SER A 17 8.40 -9.44 0.29
C SER A 17 7.65 -10.12 -0.86
N GLY A 18 6.36 -9.87 -0.95
CA GLY A 18 5.56 -10.45 -2.01
C GLY A 18 6.02 -10.06 -3.39
N LEU A 19 6.23 -8.75 -3.60
CA LEU A 19 6.68 -8.25 -4.89
C LEU A 19 8.20 -8.20 -4.94
N PRO A 20 8.76 -8.29 -6.16
CA PRO A 20 10.20 -8.25 -6.38
C PRO A 20 10.80 -6.87 -6.10
N GLU A 21 10.88 -6.04 -7.13
CA GLU A 21 11.43 -4.69 -6.99
C GLU A 21 10.31 -3.66 -6.87
N ALA A 22 9.42 -3.86 -5.92
CA ALA A 22 8.30 -2.94 -5.70
C ALA A 22 8.54 -2.09 -4.46
N ARG A 23 8.22 -0.80 -4.58
CA ARG A 23 8.40 0.13 -3.47
C ARG A 23 7.05 0.50 -2.85
N VAL A 24 6.87 0.16 -1.58
CA VAL A 24 5.63 0.46 -0.87
C VAL A 24 5.90 1.30 0.36
N ASP A 25 5.15 2.39 0.51
CA ASP A 25 5.30 3.28 1.66
C ASP A 25 3.94 3.67 2.22
N VAL A 26 3.71 3.31 3.48
CA VAL A 26 2.45 3.62 4.15
C VAL A 26 2.68 4.42 5.42
N GLN A 27 1.93 5.50 5.57
CA GLN A 27 2.06 6.36 6.75
C GLN A 27 0.68 6.70 7.32
N GLY A 28 0.46 6.33 8.58
CA GLY A 28 -0.81 6.60 9.21
C GLY A 28 -1.22 5.51 10.18
N GLU A 29 -2.51 5.20 10.22
CA GLU A 29 -3.03 4.16 11.11
C GLU A 29 -4.33 3.58 10.57
N ASP A 30 -4.89 2.63 11.30
CA ASP A 30 -6.13 1.98 10.89
C ASP A 30 -7.34 2.76 11.39
N GLY A 31 -8.40 2.80 10.57
CA GLY A 31 -9.60 3.52 10.95
C GLY A 31 -9.43 5.02 10.86
N VAL A 32 -8.44 5.46 10.08
CA VAL A 32 -8.18 6.88 9.91
C VAL A 32 -7.64 7.18 8.52
N HIS A 33 -7.65 8.46 8.14
CA HIS A 33 -7.16 8.88 6.83
C HIS A 33 -5.65 8.84 6.79
N PHE A 34 -5.09 7.86 6.08
CA PHE A 34 -3.65 7.71 5.96
C PHE A 34 -3.22 7.78 4.50
N GLU A 35 -1.91 7.92 4.28
CA GLU A 35 -1.37 8.00 2.93
C GLU A 35 -0.41 6.85 2.66
N ALA A 36 -0.75 6.03 1.66
CA ALA A 36 0.08 4.89 1.29
C ALA A 36 0.37 4.88 -0.19
N THR A 37 1.65 5.03 -0.54
CA THR A 37 2.06 5.04 -1.94
C THR A 37 2.72 3.72 -2.33
N VAL A 38 2.21 3.09 -3.38
CA VAL A 38 2.74 1.83 -3.85
C VAL A 38 3.19 1.92 -5.31
N VAL A 39 4.38 1.41 -5.59
CA VAL A 39 4.91 1.44 -6.95
C VAL A 39 5.40 0.06 -7.38
N SER A 40 4.80 -0.48 -8.44
CA SER A 40 5.18 -1.79 -8.94
C SER A 40 4.75 -1.96 -10.40
N PRO A 41 5.25 -3.02 -11.04
CA PRO A 41 4.93 -3.32 -12.44
C PRO A 41 3.49 -3.76 -12.63
N ALA A 42 2.93 -4.37 -11.59
CA ALA A 42 1.55 -4.86 -11.63
C ALA A 42 0.61 -3.77 -12.15
N PHE A 43 0.82 -2.54 -11.69
CA PHE A 43 -0.01 -1.42 -12.12
C PHE A 43 0.49 -0.84 -13.44
N VAL A 44 1.05 -1.70 -14.28
CA VAL A 44 1.57 -1.28 -15.58
C VAL A 44 0.50 -0.55 -16.39
N GLY A 45 0.87 0.59 -16.94
CA GLY A 45 -0.07 1.37 -17.73
C GLY A 45 -1.34 1.71 -16.96
N LYS A 46 -2.25 0.75 -16.88
CA LYS A 46 -3.50 0.95 -16.17
C LYS A 46 -3.62 0.00 -14.99
N ALA A 47 -4.08 0.52 -13.86
CA ALA A 47 -4.24 -0.28 -12.65
C ALA A 47 -5.69 -0.72 -12.47
N PRO A 48 -5.97 -1.98 -12.84
CA PRO A 48 -7.32 -2.55 -12.73
C PRO A 48 -7.73 -2.77 -11.28
N LEU A 49 -9.00 -3.14 -11.09
CA LEU A 49 -9.51 -3.39 -9.74
C LEU A 49 -8.68 -4.44 -9.02
N ALA A 50 -8.03 -5.30 -9.80
CA ALA A 50 -7.19 -6.36 -9.23
C ALA A 50 -6.07 -5.77 -8.36
N ARG A 51 -5.32 -4.84 -8.93
CA ARG A 51 -4.22 -4.20 -8.21
C ARG A 51 -4.75 -3.25 -7.14
N HIS A 52 -5.81 -2.51 -7.49
CA HIS A 52 -6.42 -1.57 -6.56
C HIS A 52 -6.91 -2.27 -5.30
N ARG A 53 -7.71 -3.32 -5.50
CA ARG A 53 -8.25 -4.09 -4.39
C ARG A 53 -7.14 -4.82 -3.64
N MET A 54 -6.18 -5.36 -4.39
CA MET A 54 -5.07 -6.09 -3.80
C MET A 54 -4.35 -5.24 -2.76
N VAL A 55 -3.97 -4.03 -3.14
CA VAL A 55 -3.28 -3.12 -2.24
C VAL A 55 -4.16 -2.73 -1.07
N TYR A 56 -5.42 -2.42 -1.35
CA TYR A 56 -6.37 -2.02 -0.32
C TYR A 56 -6.56 -3.15 0.69
N ALA A 57 -6.44 -4.38 0.22
CA ALA A 57 -6.59 -5.55 1.09
C ALA A 57 -5.37 -5.74 1.99
N THR A 58 -4.19 -5.64 1.40
CA THR A 58 -2.94 -5.81 2.13
C THR A 58 -2.74 -4.66 3.12
N LEU A 59 -3.32 -3.51 2.81
CA LEU A 59 -3.19 -2.34 3.66
C LEU A 59 -4.23 -2.38 4.80
N GLY A 60 -4.90 -3.52 4.93
CA GLY A 60 -5.89 -3.67 5.98
C GLY A 60 -6.81 -2.47 6.08
N GLU A 61 -7.62 -2.25 5.06
CA GLU A 61 -8.56 -1.12 5.04
C GLU A 61 -9.68 -1.34 6.05
N LEU A 62 -10.20 -2.55 6.10
CA LEU A 62 -11.28 -2.89 7.02
C LEU A 62 -10.73 -3.38 8.35
N MET A 63 -9.42 -3.29 8.51
CA MET A 63 -8.78 -3.72 9.75
C MET A 63 -9.08 -2.77 10.90
N GLY A 64 -9.63 -1.60 10.55
CA GLY A 64 -9.96 -0.62 11.57
C GLY A 64 -11.10 0.29 11.14
N GLY A 65 -11.17 0.58 9.84
CA GLY A 65 -12.21 1.44 9.33
C GLY A 65 -11.67 2.54 8.44
N ALA A 66 -11.00 2.15 7.36
CA ALA A 66 -10.43 3.11 6.43
C ALA A 66 -11.51 4.02 5.84
N ILE A 67 -11.14 5.27 5.57
CA ILE A 67 -12.09 6.22 5.00
C ILE A 67 -11.70 6.60 3.57
N HIS A 68 -12.69 6.99 2.77
CA HIS A 68 -12.45 7.38 1.39
C HIS A 68 -11.26 8.33 1.29
N ALA A 69 -10.92 8.96 2.41
CA ALA A 69 -9.80 9.90 2.45
C ALA A 69 -8.46 9.16 2.45
N LEU A 70 -8.33 8.19 1.54
CA LEU A 70 -7.11 7.41 1.44
C LEU A 70 -6.28 7.85 0.24
N GLN A 71 -5.01 8.16 0.48
CA GLN A 71 -4.11 8.60 -0.58
C GLN A 71 -3.27 7.43 -1.09
N LEU A 72 -3.47 7.07 -2.35
CA LEU A 72 -2.73 5.97 -2.97
C LEU A 72 -2.33 6.32 -4.40
N LYS A 73 -1.15 5.86 -4.80
CA LYS A 73 -0.64 6.11 -6.14
C LYS A 73 -0.03 4.86 -6.74
N THR A 74 -0.66 4.34 -7.80
CA THR A 74 -0.18 3.14 -8.47
C THR A 74 0.63 3.49 -9.72
N LEU A 75 1.93 3.32 -9.64
CA LEU A 75 2.82 3.61 -10.77
C LEU A 75 3.76 2.44 -11.04
N THR A 76 4.32 2.41 -12.26
CA THR A 76 5.24 1.35 -12.64
C THR A 76 6.59 1.53 -11.97
N PRO A 77 7.40 0.46 -11.98
CA PRO A 77 8.75 0.48 -11.38
C PRO A 77 9.72 1.36 -12.16
N ASP A 78 9.29 1.81 -13.33
CA ASP A 78 10.12 2.66 -14.17
C ASP A 78 10.15 4.10 -13.64
N GLU A 79 9.01 4.54 -13.11
CA GLU A 79 8.90 5.89 -12.58
C GLU A 79 9.71 6.04 -11.29
N ALA A 80 9.78 4.96 -10.52
CA ALA A 80 10.52 4.95 -9.27
C ALA A 80 12.01 5.11 -9.50
N MET A 1 13.35 2.91 11.33
CA MET A 1 14.06 2.39 12.50
C MET A 1 13.56 3.07 13.76
N ARG A 2 13.63 4.40 13.78
CA ARG A 2 13.19 5.18 14.94
C ARG A 2 11.76 4.81 15.34
N LYS A 3 10.86 4.83 14.37
CA LYS A 3 9.46 4.50 14.61
C LYS A 3 9.05 3.27 13.81
N ARG A 4 9.02 2.12 14.48
CA ARG A 4 8.63 0.87 13.82
C ARG A 4 7.34 0.32 14.42
N PRO A 5 6.20 0.87 13.96
CA PRO A 5 4.88 0.45 14.43
C PRO A 5 4.50 -0.95 13.95
N LEU A 6 3.26 -1.35 14.20
CA LEU A 6 2.79 -2.66 13.79
C LEU A 6 1.65 -2.54 12.79
N ASP A 7 1.61 -1.42 12.08
CA ASP A 7 0.57 -1.18 11.09
C ASP A 7 1.18 -0.97 9.71
N ALA A 8 1.83 0.17 9.53
CA ALA A 8 2.46 0.50 8.25
C ALA A 8 3.63 -0.43 7.96
N GLU A 9 4.31 -0.87 9.02
CA GLU A 9 5.45 -1.76 8.87
C GLU A 9 5.00 -3.17 8.47
N THR A 10 3.90 -3.63 9.07
CA THR A 10 3.37 -4.94 8.77
C THR A 10 2.96 -5.06 7.31
N ILE A 11 2.15 -4.12 6.85
CA ILE A 11 1.70 -4.11 5.47
C ILE A 11 2.84 -3.81 4.52
N ARG A 12 3.66 -2.84 4.88
CA ARG A 12 4.81 -2.46 4.06
C ARG A 12 5.75 -3.63 3.84
N LYS A 13 6.07 -4.33 4.93
CA LYS A 13 6.95 -5.49 4.87
C LYS A 13 6.32 -6.62 4.07
N LEU A 14 5.02 -6.84 4.30
CA LEU A 14 4.31 -7.90 3.61
C LEU A 14 4.41 -7.74 2.09
N ILE A 15 4.14 -6.52 1.61
CA ILE A 15 4.20 -6.23 0.19
C ILE A 15 5.64 -6.30 -0.32
N GLU A 16 6.57 -5.76 0.46
CA GLU A 16 7.97 -5.76 0.10
C GLU A 16 8.47 -7.18 -0.17
N SER A 17 8.04 -8.11 0.66
CA SER A 17 8.43 -9.51 0.52
C SER A 17 7.71 -10.17 -0.66
N GLY A 18 6.41 -9.90 -0.76
CA GLY A 18 5.62 -10.46 -1.84
C GLY A 18 6.10 -10.02 -3.21
N LEU A 19 6.23 -8.71 -3.39
CA LEU A 19 6.68 -8.16 -4.65
C LEU A 19 8.20 -8.24 -4.79
N PRO A 20 8.69 -8.23 -6.03
CA PRO A 20 10.13 -8.31 -6.31
C PRO A 20 10.86 -7.03 -5.91
N GLU A 21 10.97 -6.10 -6.85
CA GLU A 21 11.64 -4.83 -6.60
C GLU A 21 10.63 -3.69 -6.46
N ALA A 22 9.43 -4.03 -6.01
CA ALA A 22 8.38 -3.03 -5.83
C ALA A 22 8.61 -2.21 -4.57
N ARG A 23 8.27 -0.93 -4.63
CA ARG A 23 8.44 -0.04 -3.49
C ARG A 23 7.09 0.36 -2.90
N VAL A 24 6.92 0.13 -1.61
CA VAL A 24 5.67 0.47 -0.93
C VAL A 24 5.93 1.38 0.26
N ASP A 25 5.19 2.49 0.33
CA ASP A 25 5.34 3.44 1.42
C ASP A 25 3.98 3.80 2.00
N VAL A 26 3.79 3.51 3.29
CA VAL A 26 2.55 3.81 3.97
C VAL A 26 2.79 4.61 5.24
N GLN A 27 1.99 5.66 5.43
CA GLN A 27 2.13 6.52 6.61
C GLN A 27 0.76 6.78 7.25
N GLY A 28 0.61 6.39 8.50
CA GLY A 28 -0.65 6.60 9.20
C GLY A 28 -1.03 5.42 10.08
N GLU A 29 -2.26 4.95 9.95
CA GLU A 29 -2.74 3.82 10.74
C GLU A 29 -4.13 3.40 10.29
N ASP A 30 -4.51 2.18 10.64
CA ASP A 30 -5.82 1.65 10.29
C ASP A 30 -6.94 2.39 11.01
N GLY A 31 -8.11 2.44 10.38
CA GLY A 31 -9.24 3.13 10.99
C GLY A 31 -9.09 4.64 10.95
N VAL A 32 -8.08 5.12 10.20
CA VAL A 32 -7.84 6.55 10.09
C VAL A 32 -7.36 6.90 8.68
N HIS A 33 -7.39 8.19 8.37
CA HIS A 33 -6.96 8.67 7.05
C HIS A 33 -5.44 8.64 6.94
N PHE A 34 -4.94 7.70 6.13
CA PHE A 34 -3.50 7.57 5.94
C PHE A 34 -3.14 7.64 4.45
N GLU A 35 -1.85 7.78 4.16
CA GLU A 35 -1.39 7.86 2.79
C GLU A 35 -0.42 6.72 2.47
N ALA A 36 -0.77 5.90 1.49
CA ALA A 36 0.06 4.78 1.10
C ALA A 36 0.32 4.79 -0.41
N THR A 37 1.58 4.97 -0.79
CA THR A 37 1.95 4.99 -2.20
C THR A 37 2.72 3.74 -2.59
N VAL A 38 2.18 2.98 -3.54
CA VAL A 38 2.82 1.76 -4.00
C VAL A 38 3.28 1.90 -5.45
N VAL A 39 4.49 1.42 -5.72
CA VAL A 39 5.05 1.49 -7.06
C VAL A 39 5.56 0.12 -7.52
N SER A 40 5.08 -0.33 -8.68
CA SER A 40 5.48 -1.62 -9.22
C SER A 40 4.93 -1.80 -10.63
N PRO A 41 5.48 -2.79 -11.35
CA PRO A 41 5.07 -3.10 -12.72
C PRO A 41 3.66 -3.70 -12.79
N ALA A 42 3.22 -4.28 -11.67
CA ALA A 42 1.90 -4.88 -11.60
C ALA A 42 0.84 -3.94 -12.17
N PHE A 43 0.94 -2.66 -11.84
CA PHE A 43 -0.01 -1.66 -12.31
C PHE A 43 0.43 -1.08 -13.65
N VAL A 44 1.03 -1.92 -14.49
CA VAL A 44 1.51 -1.49 -15.80
C VAL A 44 0.41 -0.79 -16.58
N GLY A 45 0.77 0.29 -17.26
CA GLY A 45 -0.20 1.03 -18.05
C GLY A 45 -1.38 1.49 -17.21
N LYS A 46 -2.41 0.66 -17.12
CA LYS A 46 -3.60 1.00 -16.35
C LYS A 46 -3.80 0.00 -15.20
N ALA A 47 -3.62 0.49 -13.97
CA ALA A 47 -3.77 -0.34 -12.79
C ALA A 47 -5.19 -0.91 -12.70
N PRO A 48 -5.33 -2.22 -12.95
CA PRO A 48 -6.62 -2.91 -12.91
C PRO A 48 -7.17 -3.02 -11.49
N LEU A 49 -8.47 -3.26 -11.38
CA LEU A 49 -9.13 -3.38 -10.08
C LEU A 49 -8.44 -4.45 -9.24
N ALA A 50 -7.82 -5.42 -9.90
CA ALA A 50 -7.12 -6.49 -9.21
C ALA A 50 -6.00 -5.94 -8.32
N ARG A 51 -5.14 -5.13 -8.92
CA ARG A 51 -4.02 -4.53 -8.18
C ARG A 51 -4.52 -3.51 -7.17
N HIS A 52 -5.50 -2.71 -7.58
CA HIS A 52 -6.08 -1.69 -6.71
C HIS A 52 -6.65 -2.31 -5.44
N ARG A 53 -7.53 -3.29 -5.62
CA ARG A 53 -8.15 -3.97 -4.49
C ARG A 53 -7.13 -4.78 -3.70
N MET A 54 -6.16 -5.35 -4.40
CA MET A 54 -5.11 -6.13 -3.77
C MET A 54 -4.36 -5.31 -2.74
N VAL A 55 -3.89 -4.14 -3.14
CA VAL A 55 -3.16 -3.26 -2.25
C VAL A 55 -4.03 -2.77 -1.10
N TYR A 56 -5.26 -2.37 -1.43
CA TYR A 56 -6.20 -1.88 -0.43
C TYR A 56 -6.46 -2.95 0.64
N ALA A 57 -6.56 -4.20 0.19
CA ALA A 57 -6.81 -5.32 1.10
C ALA A 57 -5.55 -5.68 1.89
N THR A 58 -4.39 -5.50 1.26
CA THR A 58 -3.12 -5.80 1.90
C THR A 58 -2.79 -4.79 2.99
N LEU A 59 -3.30 -3.57 2.83
CA LEU A 59 -3.07 -2.51 3.80
C LEU A 59 -4.12 -2.53 4.90
N GLY A 60 -5.16 -3.34 4.70
CA GLY A 60 -6.22 -3.43 5.69
C GLY A 60 -6.80 -2.08 6.07
N GLU A 61 -7.61 -1.52 5.18
CA GLU A 61 -8.23 -0.22 5.41
C GLU A 61 -9.59 -0.38 6.08
N LEU A 62 -10.36 -1.34 5.61
CA LEU A 62 -11.69 -1.60 6.16
C LEU A 62 -11.60 -2.51 7.38
N MET A 63 -10.42 -3.07 7.62
CA MET A 63 -10.21 -3.94 8.76
C MET A 63 -10.18 -3.14 10.07
N GLY A 64 -10.06 -1.82 9.95
CA GLY A 64 -10.03 -0.98 11.12
C GLY A 64 -11.06 0.13 11.06
N GLY A 65 -11.62 0.36 9.88
CA GLY A 65 -12.62 1.39 9.72
C GLY A 65 -12.04 2.66 9.12
N ALA A 66 -11.09 2.51 8.21
CA ALA A 66 -10.46 3.65 7.56
C ALA A 66 -11.48 4.49 6.81
N ILE A 67 -11.30 5.81 6.85
CA ILE A 67 -12.20 6.72 6.18
C ILE A 67 -11.86 6.86 4.70
N HIS A 68 -12.83 7.33 3.91
CA HIS A 68 -12.61 7.51 2.47
C HIS A 68 -11.44 8.45 2.21
N ALA A 69 -10.96 9.09 3.26
CA ALA A 69 -9.83 10.01 3.13
C ALA A 69 -8.52 9.27 2.98
N LEU A 70 -8.51 8.28 2.10
CA LEU A 70 -7.31 7.47 1.86
C LEU A 70 -6.65 7.86 0.55
N GLN A 71 -5.34 8.05 0.58
CA GLN A 71 -4.58 8.42 -0.61
C GLN A 71 -3.67 7.28 -1.06
N LEU A 72 -3.94 6.74 -2.25
CA LEU A 72 -3.15 5.64 -2.78
C LEU A 72 -2.92 5.83 -4.28
N LYS A 73 -1.66 5.73 -4.70
CA LYS A 73 -1.31 5.88 -6.10
C LYS A 73 -0.56 4.65 -6.61
N THR A 74 -0.93 4.19 -7.81
CA THR A 74 -0.30 3.02 -8.41
C THR A 74 0.37 3.38 -9.74
N LEU A 75 1.69 3.43 -9.73
CA LEU A 75 2.45 3.75 -10.93
C LEU A 75 3.47 2.66 -11.24
N THR A 76 3.95 2.64 -12.49
CA THR A 76 4.93 1.65 -12.92
C THR A 76 6.30 1.93 -12.30
N PRO A 77 7.19 0.93 -12.36
CA PRO A 77 8.54 1.04 -11.81
C PRO A 77 9.41 1.99 -12.62
N ASP A 78 8.93 2.37 -13.80
CA ASP A 78 9.67 3.28 -14.68
C ASP A 78 9.58 4.71 -14.16
N GLU A 79 8.43 5.06 -13.60
CA GLU A 79 8.22 6.41 -13.07
C GLU A 79 9.05 6.64 -11.82
N ALA A 80 9.14 5.62 -10.98
CA ALA A 80 9.90 5.71 -9.74
C ALA A 80 11.39 5.95 -10.04
N MET A 1 8.09 6.19 19.43
CA MET A 1 6.97 5.31 19.12
C MET A 1 7.41 3.85 19.09
N ARG A 2 8.57 3.61 18.49
CA ARG A 2 9.11 2.26 18.38
C ARG A 2 7.98 1.23 18.26
N LYS A 3 6.97 1.58 17.47
CA LYS A 3 5.83 0.69 17.26
C LYS A 3 6.18 -0.42 16.27
N ARG A 4 6.52 -1.59 16.80
CA ARG A 4 6.88 -2.74 15.96
C ARG A 4 5.66 -3.25 15.19
N PRO A 5 4.56 -3.49 15.93
CA PRO A 5 3.32 -3.99 15.33
C PRO A 5 2.63 -2.94 14.47
N LEU A 6 3.35 -1.88 14.14
CA LEU A 6 2.81 -0.80 13.32
C LEU A 6 1.92 -1.36 12.21
N ASP A 7 1.08 -0.51 11.65
CA ASP A 7 0.18 -0.91 10.58
C ASP A 7 0.87 -0.83 9.22
N ALA A 8 1.51 0.31 8.95
CA ALA A 8 2.21 0.51 7.69
C ALA A 8 3.44 -0.38 7.61
N GLU A 9 4.04 -0.67 8.76
CA GLU A 9 5.23 -1.51 8.81
C GLU A 9 4.89 -2.96 8.44
N THR A 10 3.84 -3.49 9.06
CA THR A 10 3.41 -4.86 8.80
C THR A 10 3.00 -5.04 7.34
N ILE A 11 2.16 -4.12 6.85
CA ILE A 11 1.71 -4.18 5.47
C ILE A 11 2.84 -3.88 4.49
N ARG A 12 3.68 -2.92 4.85
CA ARG A 12 4.80 -2.54 4.00
C ARG A 12 5.74 -3.73 3.76
N LYS A 13 6.05 -4.45 4.84
CA LYS A 13 6.93 -5.61 4.76
C LYS A 13 6.25 -6.74 4.00
N LEU A 14 4.97 -6.95 4.28
CA LEU A 14 4.20 -8.01 3.63
C LEU A 14 4.25 -7.86 2.11
N ILE A 15 3.98 -6.66 1.63
CA ILE A 15 4.01 -6.39 0.20
C ILE A 15 5.43 -6.42 -0.35
N GLU A 16 6.36 -5.86 0.40
CA GLU A 16 7.76 -5.82 0.00
C GLU A 16 8.28 -7.23 -0.27
N SER A 17 7.82 -8.18 0.54
CA SER A 17 8.25 -9.57 0.40
C SER A 17 7.49 -10.26 -0.72
N GLY A 18 6.18 -10.01 -0.79
CA GLY A 18 5.36 -10.62 -1.83
C GLY A 18 5.77 -10.18 -3.22
N LEU A 19 5.86 -8.87 -3.43
CA LEU A 19 6.25 -8.32 -4.72
C LEU A 19 7.76 -8.40 -4.92
N PRO A 20 8.19 -8.36 -6.18
CA PRO A 20 9.62 -8.41 -6.53
C PRO A 20 10.37 -7.15 -6.15
N GLU A 21 10.43 -6.19 -7.07
CA GLU A 21 11.11 -4.93 -6.82
C GLU A 21 10.10 -3.81 -6.59
N ALA A 22 8.93 -4.17 -6.08
CA ALA A 22 7.88 -3.18 -5.81
C ALA A 22 8.15 -2.44 -4.51
N ARG A 23 8.10 -1.11 -4.58
CA ARG A 23 8.35 -0.27 -3.41
C ARG A 23 7.03 0.23 -2.81
N VAL A 24 6.72 -0.23 -1.61
CA VAL A 24 5.50 0.17 -0.93
C VAL A 24 5.81 1.01 0.31
N ASP A 25 5.18 2.17 0.41
CA ASP A 25 5.39 3.06 1.55
C ASP A 25 4.06 3.59 2.07
N VAL A 26 3.75 3.26 3.33
CA VAL A 26 2.51 3.71 3.94
C VAL A 26 2.78 4.50 5.21
N GLN A 27 2.05 5.60 5.39
CA GLN A 27 2.21 6.44 6.56
C GLN A 27 0.85 6.81 7.17
N GLY A 28 0.64 6.42 8.42
CA GLY A 28 -0.61 6.71 9.08
C GLY A 28 -1.03 5.62 10.04
N GLU A 29 -2.29 5.22 9.96
CA GLU A 29 -2.82 4.17 10.83
C GLU A 29 -4.22 3.75 10.39
N ASP A 30 -4.65 2.58 10.86
CA ASP A 30 -5.97 2.06 10.52
C ASP A 30 -7.06 2.91 11.16
N GLY A 31 -8.19 3.05 10.46
CA GLY A 31 -9.29 3.83 10.97
C GLY A 31 -9.07 5.33 10.80
N VAL A 32 -7.83 5.72 10.53
CA VAL A 32 -7.49 7.12 10.34
C VAL A 32 -7.08 7.39 8.89
N HIS A 33 -7.05 8.67 8.52
CA HIS A 33 -6.67 9.07 7.18
C HIS A 33 -5.16 8.95 6.98
N PHE A 34 -4.75 7.93 6.22
CA PHE A 34 -3.34 7.71 5.95
C PHE A 34 -3.05 7.75 4.45
N GLU A 35 -1.77 7.81 4.11
CA GLU A 35 -1.36 7.87 2.71
C GLU A 35 -0.48 6.68 2.35
N ALA A 36 -0.90 5.91 1.35
CA ALA A 36 -0.14 4.74 0.91
C ALA A 36 0.34 4.90 -0.53
N THR A 37 1.65 4.95 -0.71
CA THR A 37 2.25 5.10 -2.03
C THR A 37 2.95 3.82 -2.48
N VAL A 38 2.35 3.12 -3.43
CA VAL A 38 2.93 1.88 -3.94
C VAL A 38 3.44 2.06 -5.36
N VAL A 39 4.58 1.44 -5.66
CA VAL A 39 5.18 1.53 -6.99
C VAL A 39 5.64 0.16 -7.47
N SER A 40 5.06 -0.29 -8.57
CA SER A 40 5.41 -1.59 -9.15
C SER A 40 4.91 -1.70 -10.59
N PRO A 41 5.42 -2.72 -11.31
CA PRO A 41 5.04 -2.95 -12.71
C PRO A 41 3.60 -3.44 -12.85
N ALA A 42 3.11 -4.11 -11.82
CA ALA A 42 1.74 -4.63 -11.82
C ALA A 42 0.75 -3.53 -12.18
N PHE A 43 1.04 -2.30 -11.77
CA PHE A 43 0.17 -1.17 -12.05
C PHE A 43 0.56 -0.49 -13.35
N VAL A 44 1.09 -1.28 -14.30
CA VAL A 44 1.51 -0.76 -15.59
C VAL A 44 0.34 -0.15 -16.34
N GLY A 45 0.60 0.93 -17.06
CA GLY A 45 -0.45 1.60 -17.82
C GLY A 45 -1.67 1.91 -16.98
N LYS A 46 -2.62 0.99 -16.93
CA LYS A 46 -3.83 1.18 -16.15
C LYS A 46 -3.98 0.08 -15.09
N ALA A 47 -3.71 0.45 -13.85
CA ALA A 47 -3.81 -0.50 -12.74
C ALA A 47 -5.22 -1.06 -12.62
N PRO A 48 -5.38 -2.34 -12.97
CA PRO A 48 -6.67 -3.03 -12.91
C PRO A 48 -7.16 -3.25 -11.48
N LEU A 49 -8.41 -3.65 -11.34
CA LEU A 49 -8.98 -3.91 -10.02
C LEU A 49 -8.13 -4.89 -9.23
N ALA A 50 -7.40 -5.75 -9.95
CA ALA A 50 -6.54 -6.72 -9.30
C ALA A 50 -5.49 -6.05 -8.43
N ARG A 51 -4.76 -5.11 -9.00
CA ARG A 51 -3.73 -4.38 -8.27
C ARG A 51 -4.34 -3.46 -7.23
N HIS A 52 -5.41 -2.78 -7.61
CA HIS A 52 -6.10 -1.86 -6.72
C HIS A 52 -6.58 -2.58 -5.46
N ARG A 53 -7.34 -3.66 -5.67
CA ARG A 53 -7.88 -4.44 -4.56
C ARG A 53 -6.75 -5.12 -3.78
N MET A 54 -5.72 -5.55 -4.51
CA MET A 54 -4.58 -6.22 -3.89
C MET A 54 -3.93 -5.33 -2.84
N VAL A 55 -3.71 -4.07 -3.20
CA VAL A 55 -3.09 -3.10 -2.29
C VAL A 55 -4.03 -2.76 -1.14
N TYR A 56 -5.31 -2.60 -1.46
CA TYR A 56 -6.32 -2.25 -0.46
C TYR A 56 -6.48 -3.38 0.55
N ALA A 57 -6.35 -4.62 0.07
CA ALA A 57 -6.49 -5.79 0.93
C ALA A 57 -5.25 -5.98 1.79
N THR A 58 -4.08 -5.88 1.17
CA THR A 58 -2.81 -6.04 1.89
C THR A 58 -2.60 -4.91 2.89
N LEU A 59 -3.16 -3.75 2.59
CA LEU A 59 -3.04 -2.59 3.46
C LEU A 59 -4.06 -2.64 4.60
N GLY A 60 -4.98 -3.60 4.51
CA GLY A 60 -5.98 -3.74 5.54
C GLY A 60 -6.54 -2.40 5.99
N GLU A 61 -7.48 -1.86 5.21
CA GLU A 61 -8.09 -0.57 5.54
C GLU A 61 -9.35 -0.77 6.36
N LEU A 62 -9.97 -1.94 6.22
CA LEU A 62 -11.19 -2.25 6.95
C LEU A 62 -10.87 -2.91 8.28
N MET A 63 -9.59 -2.91 8.65
CA MET A 63 -9.15 -3.50 9.92
C MET A 63 -9.55 -2.62 11.09
N GLY A 64 -9.95 -1.38 10.80
CA GLY A 64 -10.33 -0.47 11.85
C GLY A 64 -11.46 0.46 11.42
N GLY A 65 -11.48 0.81 10.14
CA GLY A 65 -12.51 1.69 9.63
C GLY A 65 -12.04 2.51 8.43
N ALA A 66 -11.93 1.84 7.29
CA ALA A 66 -11.48 2.51 6.07
C ALA A 66 -12.43 3.65 5.71
N ILE A 67 -11.87 4.85 5.57
CA ILE A 67 -12.66 6.03 5.23
C ILE A 67 -12.27 6.55 3.85
N HIS A 68 -13.14 7.40 3.28
CA HIS A 68 -12.89 7.97 1.96
C HIS A 68 -11.67 8.88 1.99
N ALA A 69 -11.11 9.10 3.18
CA ALA A 69 -9.94 9.95 3.35
C ALA A 69 -8.66 9.15 3.16
N LEU A 70 -8.60 8.35 2.10
CA LEU A 70 -7.43 7.53 1.82
C LEU A 70 -6.77 7.96 0.51
N GLN A 71 -5.45 8.11 0.55
CA GLN A 71 -4.70 8.51 -0.64
C GLN A 71 -3.78 7.39 -1.12
N LEU A 72 -4.05 6.88 -2.32
CA LEU A 72 -3.25 5.81 -2.88
C LEU A 72 -2.74 6.19 -4.27
N LYS A 73 -1.53 5.73 -4.59
CA LYS A 73 -0.93 6.02 -5.89
C LYS A 73 -0.27 4.77 -6.48
N THR A 74 -0.69 4.39 -7.68
CA THR A 74 -0.14 3.23 -8.35
C THR A 74 0.60 3.62 -9.62
N LEU A 75 1.93 3.53 -9.58
CA LEU A 75 2.75 3.87 -10.74
C LEU A 75 3.72 2.74 -11.07
N THR A 76 4.24 2.74 -12.29
CA THR A 76 5.18 1.73 -12.73
C THR A 76 6.55 1.92 -12.08
N PRO A 77 7.40 0.90 -12.15
CA PRO A 77 8.75 0.93 -11.58
C PRO A 77 9.67 1.87 -12.34
N ASP A 78 9.27 2.24 -13.54
CA ASP A 78 10.06 3.14 -14.37
C ASP A 78 10.00 4.56 -13.85
N GLU A 79 8.83 4.95 -13.33
CA GLU A 79 8.64 6.29 -12.80
C GLU A 79 9.47 6.49 -11.53
N ALA A 80 9.56 5.45 -10.71
CA ALA A 80 10.31 5.51 -9.47
C ALA A 80 11.80 5.71 -9.74
N MET A 1 15.05 1.44 10.84
CA MET A 1 15.19 0.04 10.47
C MET A 1 14.81 -0.87 11.64
N ARG A 2 13.74 -0.51 12.34
CA ARG A 2 13.28 -1.29 13.48
C ARG A 2 12.40 -2.45 13.03
N LYS A 3 12.50 -3.57 13.74
CA LYS A 3 11.72 -4.76 13.41
C LYS A 3 10.48 -4.86 14.30
N ARG A 4 9.90 -3.71 14.64
CA ARG A 4 8.72 -3.67 15.48
C ARG A 4 7.52 -3.13 14.72
N PRO A 5 7.08 -3.87 13.69
CA PRO A 5 5.94 -3.49 12.86
C PRO A 5 4.61 -3.56 13.62
N LEU A 6 3.66 -2.72 13.22
CA LEU A 6 2.36 -2.70 13.87
C LEU A 6 1.24 -2.80 12.83
N ASP A 7 1.07 -1.75 12.04
CA ASP A 7 0.04 -1.72 11.01
C ASP A 7 0.65 -1.40 9.64
N ALA A 8 1.10 -0.15 9.49
CA ALA A 8 1.70 0.29 8.24
C ALA A 8 3.05 -0.40 8.00
N GLU A 9 3.75 -0.69 9.09
CA GLU A 9 5.05 -1.35 9.00
C GLU A 9 4.90 -2.81 8.60
N THR A 10 3.99 -3.51 9.28
CA THR A 10 3.75 -4.92 8.99
C THR A 10 3.34 -5.13 7.55
N ILE A 11 2.37 -4.35 7.08
CA ILE A 11 1.88 -4.45 5.71
C ILE A 11 2.96 -3.98 4.72
N ARG A 12 3.62 -2.88 5.07
CA ARG A 12 4.66 -2.32 4.21
C ARG A 12 5.72 -3.37 3.89
N LYS A 13 6.27 -3.99 4.94
CA LYS A 13 7.30 -5.01 4.77
C LYS A 13 6.73 -6.25 4.08
N LEU A 14 5.47 -6.56 4.39
CA LEU A 14 4.81 -7.72 3.80
C LEU A 14 4.83 -7.64 2.26
N ILE A 15 4.43 -6.48 1.74
CA ILE A 15 4.41 -6.27 0.30
C ILE A 15 5.81 -6.17 -0.27
N GLU A 16 6.67 -5.42 0.42
CA GLU A 16 8.05 -5.24 -0.01
C GLU A 16 8.73 -6.58 -0.22
N SER A 17 8.41 -7.54 0.64
CA SER A 17 9.00 -8.87 0.55
C SER A 17 8.28 -9.72 -0.49
N GLY A 18 6.96 -9.62 -0.53
CA GLY A 18 6.18 -10.37 -1.49
C GLY A 18 6.48 -9.98 -2.93
N LEU A 19 6.35 -8.69 -3.23
CA LEU A 19 6.62 -8.19 -4.58
C LEU A 19 8.11 -8.18 -4.86
N PRO A 20 8.46 -8.15 -6.15
CA PRO A 20 9.87 -8.13 -6.60
C PRO A 20 10.55 -6.80 -6.29
N GLU A 21 10.48 -5.87 -7.23
CA GLU A 21 11.09 -4.56 -7.06
C GLU A 21 10.03 -3.49 -6.83
N ALA A 22 8.89 -3.89 -6.28
CA ALA A 22 7.80 -2.98 -6.01
C ALA A 22 8.06 -2.17 -4.74
N ARG A 23 7.98 -0.85 -4.85
CA ARG A 23 8.21 0.03 -3.71
C ARG A 23 6.89 0.37 -3.01
N VAL A 24 6.69 -0.18 -1.82
CA VAL A 24 5.47 0.07 -1.06
C VAL A 24 5.77 0.86 0.22
N ASP A 25 5.15 2.02 0.35
CA ASP A 25 5.36 2.87 1.52
C ASP A 25 4.02 3.34 2.09
N VAL A 26 3.73 2.95 3.32
CA VAL A 26 2.49 3.35 3.98
C VAL A 26 2.75 3.99 5.33
N GLN A 27 2.07 5.09 5.60
CA GLN A 27 2.23 5.81 6.87
C GLN A 27 0.88 6.16 7.47
N GLY A 28 0.63 5.66 8.68
CA GLY A 28 -0.64 5.94 9.34
C GLY A 28 -1.10 4.78 10.20
N GLU A 29 -2.34 4.35 10.00
CA GLU A 29 -2.90 3.25 10.77
C GLU A 29 -4.30 2.89 10.27
N ASP A 30 -4.84 1.78 10.77
CA ASP A 30 -6.16 1.33 10.36
C ASP A 30 -7.25 2.18 11.03
N GLY A 31 -8.36 2.36 10.32
CA GLY A 31 -9.46 3.15 10.84
C GLY A 31 -9.15 4.63 10.85
N VAL A 32 -8.13 5.03 10.09
CA VAL A 32 -7.73 6.44 10.02
C VAL A 32 -7.20 6.78 8.63
N HIS A 33 -7.13 8.08 8.34
CA HIS A 33 -6.63 8.54 7.04
C HIS A 33 -5.11 8.42 6.96
N PHE A 34 -4.64 7.43 6.19
CA PHE A 34 -3.21 7.21 6.04
C PHE A 34 -2.79 7.36 4.58
N GLU A 35 -1.49 7.46 4.34
CA GLU A 35 -0.96 7.61 2.99
C GLU A 35 -0.12 6.41 2.60
N ALA A 36 -0.52 5.74 1.53
CA ALA A 36 0.21 4.57 1.03
C ALA A 36 0.54 4.70 -0.44
N THR A 37 1.83 4.77 -0.74
CA THR A 37 2.29 4.90 -2.13
C THR A 37 3.00 3.64 -2.59
N VAL A 38 2.42 2.97 -3.58
CA VAL A 38 3.01 1.74 -4.13
C VAL A 38 3.32 1.89 -5.61
N VAL A 39 4.56 1.62 -5.98
CA VAL A 39 4.99 1.71 -7.37
C VAL A 39 5.58 0.40 -7.86
N SER A 40 4.96 -0.18 -8.88
CA SER A 40 5.43 -1.46 -9.44
C SER A 40 4.87 -1.67 -10.84
N PRO A 41 5.44 -2.65 -11.56
CA PRO A 41 5.01 -2.97 -12.92
C PRO A 41 3.63 -3.61 -12.96
N ALA A 42 3.22 -4.19 -11.84
CA ALA A 42 1.92 -4.84 -11.73
C ALA A 42 0.82 -3.96 -12.33
N PHE A 43 0.84 -2.68 -11.98
CA PHE A 43 -0.15 -1.74 -12.49
C PHE A 43 0.28 -1.15 -13.83
N VAL A 44 0.91 -1.98 -14.65
CA VAL A 44 1.38 -1.55 -15.97
C VAL A 44 0.26 -0.89 -16.75
N GLY A 45 0.49 0.34 -17.20
CA GLY A 45 -0.51 1.06 -17.96
C GLY A 45 -1.65 1.57 -17.10
N LYS A 46 -2.67 0.74 -16.93
CA LYS A 46 -3.84 1.10 -16.12
C LYS A 46 -4.00 0.14 -14.95
N ALA A 47 -3.77 0.63 -13.74
CA ALA A 47 -3.91 -0.18 -12.54
C ALA A 47 -5.32 -0.75 -12.42
N PRO A 48 -5.45 -2.07 -12.65
CA PRO A 48 -6.73 -2.76 -12.57
C PRO A 48 -7.25 -2.86 -11.14
N LEU A 49 -8.55 -3.14 -11.00
CA LEU A 49 -9.16 -3.26 -9.69
C LEU A 49 -8.47 -4.35 -8.86
N ALA A 50 -7.89 -5.32 -9.54
CA ALA A 50 -7.19 -6.41 -8.86
C ALA A 50 -6.04 -5.88 -8.01
N ARG A 51 -5.18 -5.08 -8.61
CA ARG A 51 -4.04 -4.50 -7.92
C ARG A 51 -4.50 -3.48 -6.88
N HIS A 52 -5.48 -2.67 -7.26
CA HIS A 52 -6.00 -1.63 -6.37
C HIS A 52 -6.60 -2.26 -5.11
N ARG A 53 -7.51 -3.21 -5.30
CA ARG A 53 -8.15 -3.88 -4.18
C ARG A 53 -7.13 -4.73 -3.40
N MET A 54 -6.17 -5.29 -4.12
CA MET A 54 -5.14 -6.12 -3.49
C MET A 54 -4.34 -5.31 -2.46
N VAL A 55 -3.88 -4.14 -2.86
CA VAL A 55 -3.11 -3.27 -1.97
C VAL A 55 -3.97 -2.79 -0.81
N TYR A 56 -5.19 -2.40 -1.11
CA TYR A 56 -6.11 -1.91 -0.08
C TYR A 56 -6.40 -2.99 0.96
N ALA A 57 -6.51 -4.23 0.49
CA ALA A 57 -6.79 -5.35 1.37
C ALA A 57 -5.53 -5.76 2.15
N THR A 58 -4.37 -5.61 1.51
CA THR A 58 -3.11 -5.96 2.13
C THR A 58 -2.74 -4.97 3.23
N LEU A 59 -3.18 -3.72 3.06
CA LEU A 59 -2.88 -2.67 4.03
C LEU A 59 -3.88 -2.71 5.18
N GLY A 60 -4.90 -3.57 5.05
CA GLY A 60 -5.90 -3.69 6.10
C GLY A 60 -6.48 -2.34 6.50
N GLU A 61 -7.26 -1.75 5.60
CA GLU A 61 -7.88 -0.45 5.87
C GLU A 61 -9.32 -0.62 6.31
N LEU A 62 -9.92 -1.75 5.94
CA LEU A 62 -11.31 -2.03 6.29
C LEU A 62 -11.38 -2.78 7.62
N MET A 63 -10.23 -2.98 8.25
CA MET A 63 -10.17 -3.68 9.53
C MET A 63 -10.73 -2.82 10.64
N GLY A 64 -10.92 -1.52 10.35
CA GLY A 64 -11.46 -0.61 11.35
C GLY A 64 -12.40 0.41 10.76
N GLY A 65 -12.15 0.79 9.50
CA GLY A 65 -12.99 1.76 8.83
C GLY A 65 -12.26 2.50 7.73
N ALA A 66 -12.62 2.22 6.49
CA ALA A 66 -11.99 2.87 5.35
C ALA A 66 -12.70 4.18 5.00
N ILE A 67 -11.95 5.27 4.99
CA ILE A 67 -12.51 6.58 4.68
C ILE A 67 -11.93 7.12 3.38
N HIS A 68 -12.60 8.12 2.81
CA HIS A 68 -12.15 8.74 1.57
C HIS A 68 -10.90 9.58 1.79
N ALA A 69 -10.41 9.57 3.02
CA ALA A 69 -9.22 10.34 3.37
C ALA A 69 -7.95 9.52 3.15
N LEU A 70 -8.06 8.50 2.30
CA LEU A 70 -6.92 7.64 2.00
C LEU A 70 -6.24 8.06 0.70
N GLN A 71 -4.92 8.15 0.73
CA GLN A 71 -4.16 8.55 -0.44
C GLN A 71 -3.33 7.37 -0.97
N LEU A 72 -3.66 6.93 -2.18
CA LEU A 72 -2.95 5.82 -2.80
C LEU A 72 -2.73 6.07 -4.29
N LYS A 73 -1.53 5.75 -4.77
CA LYS A 73 -1.19 5.93 -6.17
C LYS A 73 -0.45 4.72 -6.73
N THR A 74 -0.94 4.19 -7.85
CA THR A 74 -0.32 3.03 -8.47
C THR A 74 0.28 3.40 -9.82
N LEU A 75 1.61 3.45 -9.87
CA LEU A 75 2.32 3.79 -11.10
C LEU A 75 3.36 2.72 -11.45
N THR A 76 3.79 2.71 -12.70
CA THR A 76 4.78 1.74 -13.15
C THR A 76 6.15 2.05 -12.59
N PRO A 77 7.06 1.07 -12.66
CA PRO A 77 8.44 1.22 -12.16
C PRO A 77 9.26 2.18 -13.01
N ASP A 78 8.84 2.37 -14.26
CA ASP A 78 9.54 3.26 -15.17
C ASP A 78 9.36 4.72 -14.76
N GLU A 79 8.18 5.04 -14.25
CA GLU A 79 7.86 6.40 -13.82
C GLU A 79 8.72 6.80 -12.62
N ALA A 80 9.02 5.82 -11.76
CA ALA A 80 9.84 6.06 -10.59
C ALA A 80 11.28 6.39 -10.97
N MET A 1 10.34 2.04 20.37
CA MET A 1 10.62 2.80 21.58
C MET A 1 9.59 3.91 21.79
N ARG A 2 9.28 4.61 20.70
CA ARG A 2 8.30 5.70 20.76
C ARG A 2 6.88 5.15 20.69
N LYS A 3 6.62 4.29 19.71
CA LYS A 3 5.30 3.71 19.54
C LYS A 3 5.37 2.44 18.68
N ARG A 4 4.51 1.47 18.98
CA ARG A 4 4.48 0.22 18.24
C ARG A 4 3.11 0.00 17.60
N PRO A 5 2.90 0.64 16.44
CA PRO A 5 1.63 0.52 15.70
C PRO A 5 1.43 -0.87 15.10
N LEU A 6 2.44 -1.34 14.37
CA LEU A 6 2.38 -2.65 13.74
C LEU A 6 1.22 -2.72 12.74
N ASP A 7 1.20 -1.76 11.81
CA ASP A 7 0.16 -1.72 10.79
C ASP A 7 0.76 -1.44 9.42
N ALA A 8 1.25 -0.22 9.22
CA ALA A 8 1.85 0.17 7.96
C ALA A 8 3.16 -0.56 7.72
N GLU A 9 3.89 -0.82 8.80
CA GLU A 9 5.18 -1.52 8.70
C GLU A 9 4.97 -2.99 8.35
N THR A 10 4.06 -3.64 9.06
CA THR A 10 3.76 -5.05 8.83
C THR A 10 3.29 -5.27 7.39
N ILE A 11 2.31 -4.49 6.97
CA ILE A 11 1.77 -4.61 5.61
C ILE A 11 2.82 -4.24 4.57
N ARG A 12 3.59 -3.19 4.85
CA ARG A 12 4.63 -2.74 3.95
C ARG A 12 5.67 -3.82 3.72
N LYS A 13 6.11 -4.45 4.81
CA LYS A 13 7.11 -5.51 4.73
C LYS A 13 6.57 -6.70 3.94
N LEU A 14 5.31 -7.07 4.21
CA LEU A 14 4.68 -8.19 3.53
C LEU A 14 4.69 -7.99 2.02
N ILE A 15 4.26 -6.81 1.58
CA ILE A 15 4.22 -6.50 0.16
C ILE A 15 5.62 -6.50 -0.44
N GLU A 16 6.56 -5.85 0.25
CA GLU A 16 7.94 -5.79 -0.22
C GLU A 16 8.51 -7.18 -0.47
N SER A 17 8.17 -8.11 0.43
CA SER A 17 8.65 -9.49 0.32
C SER A 17 7.99 -10.20 -0.85
N GLY A 18 6.68 -10.00 -0.99
CA GLY A 18 5.94 -10.62 -2.08
C GLY A 18 6.37 -10.11 -3.44
N LEU A 19 6.43 -8.80 -3.58
CA LEU A 19 6.82 -8.17 -4.84
C LEU A 19 8.33 -8.17 -4.99
N PRO A 20 8.80 -8.08 -6.25
CA PRO A 20 10.23 -8.06 -6.56
C PRO A 20 10.90 -6.77 -6.11
N GLU A 21 10.94 -5.79 -7.01
CA GLU A 21 11.56 -4.50 -6.71
C GLU A 21 10.49 -3.41 -6.52
N ALA A 22 9.32 -3.82 -6.06
CA ALA A 22 8.22 -2.89 -5.84
C ALA A 22 8.45 -2.06 -4.58
N ARG A 23 8.25 -0.75 -4.69
CA ARG A 23 8.44 0.15 -3.57
C ARG A 23 7.11 0.51 -2.93
N VAL A 24 6.90 0.02 -1.70
CA VAL A 24 5.67 0.29 -0.98
C VAL A 24 5.92 1.14 0.25
N ASP A 25 5.22 2.27 0.36
CA ASP A 25 5.38 3.17 1.49
C ASP A 25 4.01 3.62 2.01
N VAL A 26 3.73 3.29 3.27
CA VAL A 26 2.47 3.65 3.88
C VAL A 26 2.69 4.31 5.25
N GLN A 27 1.97 5.39 5.51
CA GLN A 27 2.09 6.10 6.78
C GLN A 27 0.72 6.42 7.36
N GLY A 28 0.46 5.90 8.56
CA GLY A 28 -0.82 6.13 9.21
C GLY A 28 -1.23 4.98 10.11
N GLU A 29 -2.53 4.71 10.17
CA GLU A 29 -3.05 3.64 11.01
C GLU A 29 -4.40 3.15 10.50
N ASP A 30 -4.94 2.13 11.14
CA ASP A 30 -6.22 1.56 10.74
C ASP A 30 -7.38 2.41 11.28
N GLY A 31 -8.40 2.59 10.47
CA GLY A 31 -9.55 3.38 10.87
C GLY A 31 -9.25 4.86 10.91
N VAL A 32 -8.27 5.28 10.12
CA VAL A 32 -7.88 6.69 10.08
C VAL A 32 -7.37 7.07 8.69
N HIS A 33 -7.29 8.38 8.43
CA HIS A 33 -6.81 8.87 7.14
C HIS A 33 -5.29 8.72 7.03
N PHE A 34 -4.85 7.78 6.21
CA PHE A 34 -3.44 7.53 6.02
C PHE A 34 -3.05 7.63 4.54
N GLU A 35 -1.76 7.69 4.26
CA GLU A 35 -1.27 7.78 2.90
C GLU A 35 -0.41 6.58 2.54
N ALA A 36 -0.81 5.85 1.49
CA ALA A 36 -0.07 4.68 1.05
C ALA A 36 0.28 4.77 -0.43
N THR A 37 1.56 4.86 -0.73
CA THR A 37 2.02 4.95 -2.11
C THR A 37 2.76 3.70 -2.54
N VAL A 38 2.21 3.00 -3.53
CA VAL A 38 2.82 1.77 -4.03
C VAL A 38 3.27 1.93 -5.47
N VAL A 39 4.49 1.51 -5.77
CA VAL A 39 5.03 1.60 -7.12
C VAL A 39 5.59 0.26 -7.58
N SER A 40 5.05 -0.26 -8.67
CA SER A 40 5.49 -1.54 -9.22
C SER A 40 4.93 -1.75 -10.62
N PRO A 41 5.51 -2.73 -11.35
CA PRO A 41 5.09 -3.06 -12.71
C PRO A 41 3.71 -3.71 -12.75
N ALA A 42 3.28 -4.24 -11.61
CA ALA A 42 1.98 -4.88 -11.52
C ALA A 42 0.89 -4.04 -12.17
N PHE A 43 0.95 -2.73 -11.92
CA PHE A 43 -0.03 -1.81 -12.47
C PHE A 43 0.44 -1.25 -13.81
N VAL A 44 1.07 -2.10 -14.61
CA VAL A 44 1.58 -1.70 -15.92
C VAL A 44 0.48 -1.05 -16.76
N GLY A 45 0.72 0.18 -17.20
CA GLY A 45 -0.26 0.89 -18.00
C GLY A 45 -1.43 1.37 -17.19
N LYS A 46 -2.47 0.55 -17.09
CA LYS A 46 -3.66 0.90 -16.32
C LYS A 46 -3.86 -0.06 -15.15
N ALA A 47 -3.67 0.45 -13.94
CA ALA A 47 -3.83 -0.35 -12.73
C ALA A 47 -5.24 -0.93 -12.65
N PRO A 48 -5.36 -2.24 -12.87
CA PRO A 48 -6.64 -2.94 -12.82
C PRO A 48 -7.19 -3.03 -11.40
N LEU A 49 -8.47 -3.39 -11.29
CA LEU A 49 -9.11 -3.52 -9.99
C LEU A 49 -8.41 -4.56 -9.13
N ALA A 50 -7.76 -5.52 -9.79
CA ALA A 50 -7.04 -6.57 -9.08
C ALA A 50 -5.94 -5.98 -8.21
N ARG A 51 -5.09 -5.16 -8.81
CA ARG A 51 -3.98 -4.54 -8.10
C ARG A 51 -4.49 -3.50 -7.11
N HIS A 52 -5.49 -2.73 -7.52
CA HIS A 52 -6.07 -1.70 -6.66
C HIS A 52 -6.63 -2.32 -5.37
N ARG A 53 -7.47 -3.33 -5.54
CA ARG A 53 -8.08 -4.00 -4.38
C ARG A 53 -7.01 -4.74 -3.56
N MET A 54 -6.04 -5.32 -4.27
CA MET A 54 -4.97 -6.05 -3.60
C MET A 54 -4.25 -5.18 -2.58
N VAL A 55 -3.82 -4.01 -3.03
CA VAL A 55 -3.11 -3.06 -2.16
C VAL A 55 -4.01 -2.60 -1.02
N TYR A 56 -5.25 -2.27 -1.36
CA TYR A 56 -6.21 -1.80 -0.35
C TYR A 56 -6.45 -2.86 0.70
N ALA A 57 -6.34 -4.13 0.30
CA ALA A 57 -6.54 -5.24 1.22
C ALA A 57 -5.35 -5.42 2.15
N THR A 58 -4.15 -5.38 1.58
CA THR A 58 -2.93 -5.54 2.36
C THR A 58 -2.76 -4.39 3.35
N LEU A 59 -3.30 -3.23 3.00
CA LEU A 59 -3.21 -2.05 3.85
C LEU A 59 -4.28 -2.08 4.94
N GLY A 60 -5.02 -3.18 5.00
CA GLY A 60 -6.07 -3.32 6.00
C GLY A 60 -6.75 -1.99 6.30
N GLU A 61 -7.48 -1.47 5.32
CA GLU A 61 -8.18 -0.21 5.48
C GLU A 61 -9.55 -0.42 6.13
N LEU A 62 -10.22 -1.49 5.73
CA LEU A 62 -11.54 -1.81 6.26
C LEU A 62 -11.42 -2.72 7.48
N MET A 63 -10.19 -2.94 7.93
CA MET A 63 -9.95 -3.80 9.09
C MET A 63 -10.37 -3.10 10.37
N GLY A 64 -10.63 -1.80 10.28
CA GLY A 64 -11.04 -1.04 11.45
C GLY A 64 -12.06 0.02 11.12
N GLY A 65 -11.97 0.58 9.91
CA GLY A 65 -12.90 1.61 9.50
C GLY A 65 -12.21 2.77 8.80
N ALA A 66 -11.44 2.46 7.77
CA ALA A 66 -10.72 3.49 7.02
C ALA A 66 -11.69 4.52 6.44
N ILE A 67 -11.25 5.77 6.38
CA ILE A 67 -12.08 6.84 5.85
C ILE A 67 -11.72 7.13 4.39
N HIS A 68 -12.73 7.55 3.62
CA HIS A 68 -12.52 7.86 2.21
C HIS A 68 -11.30 8.75 2.01
N ALA A 69 -10.86 9.37 3.10
CA ALA A 69 -9.69 10.25 3.05
C ALA A 69 -8.40 9.45 2.94
N LEU A 70 -8.38 8.50 2.01
CA LEU A 70 -7.21 7.66 1.81
C LEU A 70 -6.49 8.03 0.51
N GLN A 71 -5.19 8.27 0.60
CA GLN A 71 -4.39 8.63 -0.57
C GLN A 71 -3.58 7.43 -1.06
N LEU A 72 -3.89 6.97 -2.26
CA LEU A 72 -3.19 5.83 -2.85
C LEU A 72 -2.94 6.06 -4.34
N LYS A 73 -1.73 5.74 -4.78
CA LYS A 73 -1.36 5.89 -6.18
C LYS A 73 -0.58 4.68 -6.68
N THR A 74 -0.99 4.16 -7.84
CA THR A 74 -0.34 3.00 -8.42
C THR A 74 0.30 3.35 -9.76
N LEU A 75 1.63 3.44 -9.78
CA LEU A 75 2.36 3.76 -11.00
C LEU A 75 3.40 2.69 -11.32
N THR A 76 3.85 2.67 -12.57
CA THR A 76 4.84 1.69 -12.99
C THR A 76 6.21 2.00 -12.40
N PRO A 77 7.11 1.01 -12.44
CA PRO A 77 8.48 1.15 -11.91
C PRO A 77 9.32 2.09 -12.76
N ASP A 78 8.81 2.46 -13.93
CA ASP A 78 9.53 3.36 -14.83
C ASP A 78 9.46 4.79 -14.33
N GLU A 79 8.33 5.16 -13.75
CA GLU A 79 8.13 6.51 -13.23
C GLU A 79 9.02 6.77 -12.03
N ALA A 80 9.21 5.74 -11.21
CA ALA A 80 10.04 5.85 -10.02
C ALA A 80 11.49 6.17 -10.39
N MET A 1 15.97 9.48 12.24
CA MET A 1 15.11 10.64 12.44
C MET A 1 13.70 10.37 11.91
N ARG A 2 13.20 9.17 12.15
CA ARG A 2 11.87 8.79 11.69
C ARG A 2 11.25 7.73 12.61
N LYS A 3 10.15 8.08 13.25
CA LYS A 3 9.47 7.17 14.15
C LYS A 3 8.95 5.96 13.40
N ARG A 4 9.53 4.80 13.68
CA ARG A 4 9.12 3.55 13.03
C ARG A 4 7.82 3.04 13.62
N PRO A 5 6.76 3.02 12.79
CA PRO A 5 5.44 2.55 13.20
C PRO A 5 5.40 1.04 13.45
N LEU A 6 4.28 0.55 13.94
CA LEU A 6 4.11 -0.87 14.21
C LEU A 6 2.94 -1.45 13.43
N ASP A 7 2.14 -0.58 12.83
CA ASP A 7 0.99 -1.00 12.06
C ASP A 7 1.28 -0.89 10.55
N ALA A 8 1.72 0.28 10.13
CA ALA A 8 2.03 0.52 8.72
C ALA A 8 3.19 -0.37 8.27
N GLU A 9 4.06 -0.73 9.21
CA GLU A 9 5.21 -1.56 8.91
C GLU A 9 4.78 -2.97 8.55
N THR A 10 3.62 -3.38 9.08
CA THR A 10 3.09 -4.72 8.83
C THR A 10 2.83 -4.93 7.35
N ILE A 11 2.01 -4.06 6.76
CA ILE A 11 1.67 -4.15 5.35
C ILE A 11 2.84 -3.69 4.47
N ARG A 12 3.64 -2.78 5.00
CA ARG A 12 4.79 -2.26 4.28
C ARG A 12 5.81 -3.37 4.00
N LYS A 13 6.18 -4.10 5.06
CA LYS A 13 7.14 -5.19 4.95
C LYS A 13 6.52 -6.38 4.23
N LEU A 14 5.23 -6.62 4.50
CA LEU A 14 4.52 -7.74 3.88
C LEU A 14 4.57 -7.65 2.36
N ILE A 15 4.20 -6.48 1.83
CA ILE A 15 4.20 -6.26 0.39
C ILE A 15 5.63 -6.12 -0.14
N GLU A 16 6.44 -5.35 0.57
CA GLU A 16 7.83 -5.13 0.17
C GLU A 16 8.57 -6.46 0.04
N SER A 17 8.19 -7.44 0.85
CA SER A 17 8.81 -8.75 0.83
C SER A 17 8.22 -9.61 -0.28
N GLY A 18 6.90 -9.57 -0.41
CA GLY A 18 6.22 -10.36 -1.42
C GLY A 18 6.68 -10.01 -2.83
N LEU A 19 6.85 -8.71 -3.09
CA LEU A 19 7.29 -8.24 -4.39
C LEU A 19 8.56 -7.41 -4.28
N PRO A 20 9.70 -8.02 -4.62
CA PRO A 20 11.00 -7.36 -4.57
C PRO A 20 11.15 -6.28 -5.63
N GLU A 21 10.25 -6.30 -6.62
CA GLU A 21 10.29 -5.32 -7.70
C GLU A 21 9.26 -4.22 -7.47
N ALA A 22 8.54 -4.32 -6.36
CA ALA A 22 7.53 -3.33 -6.01
C ALA A 22 7.83 -2.66 -4.67
N ARG A 23 7.69 -1.34 -4.63
CA ARG A 23 7.96 -0.59 -3.41
C ARG A 23 6.66 -0.03 -2.83
N VAL A 24 6.40 -0.36 -1.56
CA VAL A 24 5.20 0.10 -0.89
C VAL A 24 5.55 0.87 0.38
N ASP A 25 4.89 2.01 0.57
CA ASP A 25 5.14 2.84 1.74
C ASP A 25 3.82 3.34 2.35
N VAL A 26 3.56 2.94 3.58
CA VAL A 26 2.34 3.34 4.27
C VAL A 26 2.65 4.05 5.58
N GLN A 27 2.03 5.21 5.78
CA GLN A 27 2.24 5.99 7.00
C GLN A 27 0.92 6.45 7.59
N GLY A 28 0.64 6.04 8.82
CA GLY A 28 -0.60 6.43 9.47
C GLY A 28 -1.09 5.38 10.45
N GLU A 29 -2.30 4.87 10.20
CA GLU A 29 -2.88 3.85 11.06
C GLU A 29 -4.16 3.30 10.45
N ASP A 30 -4.69 2.23 11.04
CA ASP A 30 -5.91 1.60 10.57
C ASP A 30 -7.14 2.36 11.05
N GLY A 31 -8.17 2.40 10.22
CA GLY A 31 -9.39 3.11 10.58
C GLY A 31 -9.22 4.61 10.54
N VAL A 32 -8.02 5.07 10.21
CA VAL A 32 -7.73 6.49 10.14
C VAL A 32 -7.20 6.88 8.77
N HIS A 33 -7.19 8.18 8.49
CA HIS A 33 -6.71 8.68 7.20
C HIS A 33 -5.19 8.62 7.14
N PHE A 34 -4.68 7.68 6.36
CA PHE A 34 -3.23 7.51 6.20
C PHE A 34 -2.82 7.66 4.74
N GLU A 35 -1.52 7.77 4.51
CA GLU A 35 -0.99 7.93 3.16
C GLU A 35 -0.18 6.70 2.75
N ALA A 36 -0.60 6.06 1.67
CA ALA A 36 0.09 4.87 1.17
C ALA A 36 0.47 5.04 -0.30
N THR A 37 1.75 4.81 -0.60
CA THR A 37 2.24 4.94 -1.96
C THR A 37 2.86 3.64 -2.45
N VAL A 38 2.30 3.10 -3.53
CA VAL A 38 2.79 1.85 -4.10
C VAL A 38 3.28 2.05 -5.53
N VAL A 39 4.43 1.46 -5.85
CA VAL A 39 5.00 1.57 -7.19
C VAL A 39 5.51 0.22 -7.68
N SER A 40 5.01 -0.21 -8.84
CA SER A 40 5.42 -1.48 -9.43
C SER A 40 4.81 -1.66 -10.81
N PRO A 41 5.35 -2.62 -11.57
CA PRO A 41 4.88 -2.92 -12.93
C PRO A 41 3.49 -3.55 -12.94
N ALA A 42 3.09 -4.11 -11.80
CA ALA A 42 1.78 -4.75 -11.67
C ALA A 42 0.69 -3.86 -12.24
N PHE A 43 0.79 -2.56 -11.96
CA PHE A 43 -0.20 -1.60 -12.45
C PHE A 43 0.22 -1.01 -13.80
N VAL A 44 0.80 -1.86 -14.64
CA VAL A 44 1.25 -1.43 -15.96
C VAL A 44 0.12 -0.74 -16.73
N GLY A 45 0.44 0.36 -17.37
CA GLY A 45 -0.55 1.10 -18.14
C GLY A 45 -1.70 1.57 -17.28
N LYS A 46 -2.73 0.73 -17.15
CA LYS A 46 -3.90 1.07 -16.34
C LYS A 46 -4.08 0.08 -15.19
N ALA A 47 -3.86 0.55 -13.97
CA ALA A 47 -4.01 -0.29 -12.79
C ALA A 47 -5.41 -0.87 -12.69
N PRO A 48 -5.54 -2.18 -12.96
CA PRO A 48 -6.82 -2.88 -12.91
C PRO A 48 -7.35 -3.02 -11.48
N LEU A 49 -8.64 -3.34 -11.36
CA LEU A 49 -9.26 -3.50 -10.07
C LEU A 49 -8.55 -4.56 -9.23
N ALA A 50 -7.88 -5.47 -9.92
CA ALA A 50 -7.15 -6.55 -9.24
C ALA A 50 -6.03 -5.97 -8.37
N ARG A 51 -5.19 -5.13 -8.95
CA ARG A 51 -4.08 -4.53 -8.23
C ARG A 51 -4.60 -3.52 -7.20
N HIS A 52 -5.60 -2.75 -7.59
CA HIS A 52 -6.20 -1.74 -6.71
C HIS A 52 -6.73 -2.39 -5.44
N ARG A 53 -7.58 -3.39 -5.59
CA ARG A 53 -8.17 -4.09 -4.47
C ARG A 53 -7.10 -4.86 -3.69
N MET A 54 -6.13 -5.40 -4.41
CA MET A 54 -5.05 -6.16 -3.79
C MET A 54 -4.30 -5.31 -2.77
N VAL A 55 -3.97 -4.08 -3.16
CA VAL A 55 -3.27 -3.16 -2.27
C VAL A 55 -4.14 -2.72 -1.11
N TYR A 56 -5.42 -2.46 -1.41
CA TYR A 56 -6.36 -2.02 -0.39
C TYR A 56 -6.58 -3.12 0.65
N ALA A 57 -6.58 -4.36 0.19
CA ALA A 57 -6.79 -5.51 1.08
C ALA A 57 -5.54 -5.77 1.93
N THR A 58 -4.38 -5.77 1.28
CA THR A 58 -3.12 -6.01 1.97
C THR A 58 -2.81 -4.88 2.95
N LEU A 59 -3.30 -3.69 2.64
CA LEU A 59 -3.07 -2.53 3.50
C LEU A 59 -4.07 -2.51 4.66
N GLY A 60 -4.84 -3.58 4.79
CA GLY A 60 -5.81 -3.65 5.86
C GLY A 60 -6.45 -2.31 6.17
N GLU A 61 -7.25 -1.82 5.23
CA GLU A 61 -7.93 -0.54 5.40
C GLU A 61 -9.39 -0.73 5.78
N LEU A 62 -9.94 -1.88 5.41
CA LEU A 62 -11.34 -2.20 5.72
C LEU A 62 -11.46 -2.84 7.09
N MET A 63 -10.36 -3.39 7.60
CA MET A 63 -10.35 -4.01 8.91
C MET A 63 -10.34 -2.97 10.02
N GLY A 64 -10.07 -1.71 9.64
CA GLY A 64 -10.03 -0.65 10.62
C GLY A 64 -11.05 0.44 10.32
N GLY A 65 -11.67 0.37 9.15
CA GLY A 65 -12.65 1.36 8.77
C GLY A 65 -12.02 2.64 8.26
N ALA A 66 -10.99 2.49 7.42
CA ALA A 66 -10.29 3.65 6.86
C ALA A 66 -11.25 4.53 6.07
N ILE A 67 -11.27 5.82 6.39
CA ILE A 67 -12.14 6.77 5.71
C ILE A 67 -11.65 7.02 4.28
N HIS A 68 -12.54 7.58 3.46
CA HIS A 68 -12.20 7.89 2.07
C HIS A 68 -10.96 8.76 1.98
N ALA A 69 -10.55 9.31 3.12
CA ALA A 69 -9.38 10.17 3.18
C ALA A 69 -8.10 9.36 3.10
N LEU A 70 -8.04 8.44 2.13
CA LEU A 70 -6.87 7.60 1.94
C LEU A 70 -6.12 7.96 0.67
N GLN A 71 -4.80 7.99 0.75
CA GLN A 71 -3.97 8.31 -0.41
C GLN A 71 -3.32 7.07 -0.99
N LEU A 72 -3.67 6.75 -2.23
CA LEU A 72 -3.12 5.59 -2.91
C LEU A 72 -2.80 5.90 -4.37
N LYS A 73 -1.55 5.68 -4.75
CA LYS A 73 -1.11 5.93 -6.12
C LYS A 73 -0.43 4.70 -6.72
N THR A 74 -0.95 4.23 -7.85
CA THR A 74 -0.40 3.06 -8.51
C THR A 74 0.22 3.44 -9.85
N LEU A 75 1.55 3.43 -9.91
CA LEU A 75 2.27 3.76 -11.13
C LEU A 75 3.31 2.69 -11.47
N THR A 76 3.75 2.68 -12.72
CA THR A 76 4.74 1.71 -13.17
C THR A 76 6.12 2.04 -12.60
N PRO A 77 7.03 1.05 -12.66
CA PRO A 77 8.40 1.20 -12.14
C PRO A 77 9.23 2.16 -12.99
N ASP A 78 8.84 2.32 -14.25
CA ASP A 78 9.55 3.21 -15.16
C ASP A 78 9.39 4.67 -14.73
N GLU A 79 8.21 5.00 -14.19
CA GLU A 79 7.93 6.36 -13.74
C GLU A 79 8.84 6.74 -12.58
N ALA A 80 9.18 5.76 -11.75
CA ALA A 80 10.04 5.99 -10.59
C ALA A 80 11.47 6.27 -11.03
N MET A 1 16.54 -4.80 8.62
CA MET A 1 16.21 -3.54 7.97
C MET A 1 14.98 -2.89 8.60
N ARG A 2 13.90 -3.66 8.70
CA ARG A 2 12.66 -3.18 9.26
C ARG A 2 12.40 -3.83 10.62
N LYS A 3 11.49 -3.24 11.39
CA LYS A 3 11.16 -3.76 12.71
C LYS A 3 9.92 -3.06 13.28
N ARG A 4 9.49 -3.49 14.46
CA ARG A 4 8.32 -2.90 15.10
C ARG A 4 7.13 -2.88 14.14
N PRO A 5 6.80 -4.05 13.57
CA PRO A 5 5.68 -4.19 12.63
C PRO A 5 4.33 -4.03 13.31
N LEU A 6 3.66 -2.90 13.05
CA LEU A 6 2.35 -2.63 13.64
C LEU A 6 1.27 -2.61 12.57
N ASP A 7 1.27 -1.57 11.75
CA ASP A 7 0.28 -1.43 10.68
C ASP A 7 0.96 -1.13 9.35
N ALA A 8 1.58 0.04 9.25
CA ALA A 8 2.27 0.44 8.03
C ALA A 8 3.51 -0.42 7.79
N GLU A 9 4.18 -0.78 8.88
CA GLU A 9 5.39 -1.61 8.79
C GLU A 9 5.04 -3.04 8.40
N THR A 10 4.05 -3.60 9.09
CA THR A 10 3.62 -4.97 8.83
C THR A 10 3.18 -5.14 7.38
N ILE A 11 2.29 -4.26 6.93
CA ILE A 11 1.79 -4.31 5.56
C ILE A 11 2.90 -4.00 4.56
N ARG A 12 3.72 -3.00 4.88
CA ARG A 12 4.82 -2.61 4.01
C ARG A 12 5.80 -3.76 3.81
N LYS A 13 6.28 -4.33 4.90
CA LYS A 13 7.21 -5.45 4.86
C LYS A 13 6.60 -6.63 4.11
N LEU A 14 5.36 -6.94 4.42
CA LEU A 14 4.66 -8.05 3.78
C LEU A 14 4.66 -7.89 2.27
N ILE A 15 4.28 -6.71 1.80
CA ILE A 15 4.23 -6.42 0.38
C ILE A 15 5.63 -6.38 -0.23
N GLU A 16 6.56 -5.73 0.48
CA GLU A 16 7.94 -5.64 0.02
C GLU A 16 8.53 -7.01 -0.25
N SER A 17 8.17 -7.98 0.59
CA SER A 17 8.66 -9.34 0.44
C SER A 17 7.91 -10.08 -0.66
N GLY A 18 6.59 -9.87 -0.71
CA GLY A 18 5.78 -10.53 -1.71
C GLY A 18 6.13 -10.08 -3.12
N LEU A 19 6.11 -8.77 -3.34
CA LEU A 19 6.43 -8.21 -4.65
C LEU A 19 7.93 -8.22 -4.90
N PRO A 20 8.32 -8.14 -6.18
CA PRO A 20 9.73 -8.15 -6.58
C PRO A 20 10.43 -6.84 -6.20
N GLU A 21 10.37 -5.85 -7.08
CA GLU A 21 11.00 -4.56 -6.82
C GLU A 21 9.96 -3.48 -6.61
N ALA A 22 8.78 -3.88 -6.15
CA ALA A 22 7.69 -2.95 -5.90
C ALA A 22 7.96 -2.12 -4.64
N ARG A 23 7.92 -0.79 -4.79
CA ARG A 23 8.16 0.11 -3.68
C ARG A 23 6.85 0.46 -2.97
N VAL A 24 6.66 -0.08 -1.77
CA VAL A 24 5.45 0.18 -1.00
C VAL A 24 5.76 1.03 0.22
N ASP A 25 5.11 2.19 0.31
CA ASP A 25 5.31 3.10 1.43
C ASP A 25 3.98 3.57 1.99
N VAL A 26 3.72 3.27 3.26
CA VAL A 26 2.49 3.66 3.92
C VAL A 26 2.76 4.41 5.21
N GLN A 27 2.02 5.49 5.44
CA GLN A 27 2.20 6.29 6.64
C GLN A 27 0.85 6.55 7.32
N GLY A 28 0.72 6.12 8.57
CA GLY A 28 -0.51 6.31 9.30
C GLY A 28 -0.88 5.11 10.15
N GLU A 29 -2.17 4.80 10.21
CA GLU A 29 -2.65 3.67 11.00
C GLU A 29 -4.09 3.32 10.63
N ASP A 30 -4.47 2.07 10.87
CA ASP A 30 -5.82 1.60 10.57
C ASP A 30 -6.86 2.38 11.38
N GLY A 31 -8.07 2.45 10.85
CA GLY A 31 -9.13 3.16 11.54
C GLY A 31 -8.97 4.67 11.45
N VAL A 32 -7.88 5.12 10.82
CA VAL A 32 -7.61 6.54 10.68
C VAL A 32 -7.21 6.88 9.25
N HIS A 33 -7.25 8.17 8.93
CA HIS A 33 -6.89 8.63 7.59
C HIS A 33 -5.38 8.58 7.39
N PHE A 34 -4.93 7.61 6.60
CA PHE A 34 -3.50 7.46 6.33
C PHE A 34 -3.22 7.54 4.83
N GLU A 35 -1.95 7.66 4.47
CA GLU A 35 -1.55 7.75 3.07
C GLU A 35 -0.75 6.52 2.66
N ALA A 36 -1.10 5.95 1.50
CA ALA A 36 -0.41 4.77 1.00
C ALA A 36 0.05 4.97 -0.44
N THR A 37 1.36 4.91 -0.65
CA THR A 37 1.93 5.10 -1.99
C THR A 37 2.73 3.87 -2.42
N VAL A 38 2.21 3.16 -3.41
CA VAL A 38 2.88 1.96 -3.92
C VAL A 38 3.21 2.11 -5.41
N VAL A 39 4.43 1.73 -5.77
CA VAL A 39 4.87 1.81 -7.16
C VAL A 39 5.51 0.51 -7.61
N SER A 40 4.96 -0.07 -8.68
CA SER A 40 5.48 -1.33 -9.21
C SER A 40 4.99 -1.55 -10.65
N PRO A 41 5.64 -2.50 -11.34
CA PRO A 41 5.29 -2.83 -12.73
C PRO A 41 3.93 -3.51 -12.84
N ALA A 42 3.49 -4.12 -11.74
CA ALA A 42 2.21 -4.81 -11.72
C ALA A 42 1.11 -3.96 -12.34
N PHE A 43 1.09 -2.68 -11.99
CA PHE A 43 0.09 -1.76 -12.52
C PHE A 43 0.55 -1.16 -13.84
N VAL A 44 1.25 -1.96 -14.64
CA VAL A 44 1.75 -1.50 -15.93
C VAL A 44 0.63 -0.90 -16.77
N GLY A 45 0.84 0.33 -17.23
CA GLY A 45 -0.16 1.00 -18.04
C GLY A 45 -1.34 1.49 -17.22
N LYS A 46 -2.35 0.63 -17.07
CA LYS A 46 -3.54 0.98 -16.31
C LYS A 46 -3.74 0.02 -15.14
N ALA A 47 -3.53 0.52 -13.93
CA ALA A 47 -3.69 -0.29 -12.73
C ALA A 47 -5.10 -0.86 -12.63
N PRO A 48 -5.22 -2.18 -12.85
CA PRO A 48 -6.51 -2.87 -12.80
C PRO A 48 -7.06 -2.97 -11.38
N LEU A 49 -8.35 -3.23 -11.27
CA LEU A 49 -9.01 -3.35 -9.98
C LEU A 49 -8.34 -4.44 -9.13
N ALA A 50 -7.76 -5.42 -9.80
CA ALA A 50 -7.09 -6.52 -9.12
C ALA A 50 -5.96 -6.00 -8.22
N ARG A 51 -5.07 -5.20 -8.80
CA ARG A 51 -3.95 -4.64 -8.06
C ARG A 51 -4.43 -3.62 -7.04
N HIS A 52 -5.36 -2.78 -7.45
CA HIS A 52 -5.90 -1.74 -6.57
C HIS A 52 -6.54 -2.37 -5.33
N ARG A 53 -7.43 -3.34 -5.55
CA ARG A 53 -8.11 -4.01 -4.45
C ARG A 53 -7.12 -4.83 -3.61
N MET A 54 -6.16 -5.46 -4.29
CA MET A 54 -5.16 -6.27 -3.61
C MET A 54 -4.42 -5.44 -2.56
N VAL A 55 -3.97 -4.25 -2.96
CA VAL A 55 -3.25 -3.37 -2.05
C VAL A 55 -4.15 -2.90 -0.91
N TYR A 56 -5.40 -2.61 -1.24
CA TYR A 56 -6.36 -2.15 -0.24
C TYR A 56 -6.54 -3.18 0.86
N ALA A 57 -6.58 -4.46 0.48
CA ALA A 57 -6.74 -5.54 1.43
C ALA A 57 -5.45 -5.79 2.22
N THR A 58 -4.33 -5.85 1.49
CA THR A 58 -3.04 -6.08 2.12
C THR A 58 -2.69 -4.96 3.09
N LEU A 59 -3.17 -3.76 2.80
CA LEU A 59 -2.90 -2.61 3.64
C LEU A 59 -3.88 -2.54 4.80
N GLY A 60 -4.84 -3.47 4.81
CA GLY A 60 -5.82 -3.50 5.87
C GLY A 60 -6.55 -2.18 6.04
N GLU A 61 -7.38 -1.83 5.06
CA GLU A 61 -8.13 -0.58 5.10
C GLU A 61 -9.42 -0.75 5.89
N LEU A 62 -10.09 -1.88 5.68
CA LEU A 62 -11.34 -2.16 6.36
C LEU A 62 -11.08 -2.84 7.71
N MET A 63 -9.82 -2.87 8.12
CA MET A 63 -9.44 -3.49 9.39
C MET A 63 -9.90 -2.63 10.57
N GLY A 64 -10.30 -1.39 10.28
CA GLY A 64 -10.75 -0.49 11.32
C GLY A 64 -11.76 0.52 10.81
N GLY A 65 -11.62 0.92 9.56
CA GLY A 65 -12.53 1.89 8.98
C GLY A 65 -11.88 2.72 7.88
N ALA A 66 -12.24 2.44 6.64
CA ALA A 66 -11.69 3.16 5.50
C ALA A 66 -12.47 4.43 5.23
N ILE A 67 -11.78 5.57 5.23
CA ILE A 67 -12.42 6.85 4.98
C ILE A 67 -11.94 7.46 3.66
N HIS A 68 -12.69 8.44 3.16
CA HIS A 68 -12.34 9.11 1.92
C HIS A 68 -10.98 9.79 2.02
N ALA A 69 -10.44 9.83 3.24
CA ALA A 69 -9.14 10.45 3.47
C ALA A 69 -8.01 9.48 3.18
N LEU A 70 -8.27 8.53 2.28
CA LEU A 70 -7.27 7.53 1.91
C LEU A 70 -6.56 7.93 0.62
N GLN A 71 -5.26 7.69 0.57
CA GLN A 71 -4.47 8.02 -0.61
C GLN A 71 -3.83 6.77 -1.21
N LEU A 72 -4.25 6.44 -2.44
CA LEU A 72 -3.72 5.26 -3.12
C LEU A 72 -3.28 5.61 -4.54
N LYS A 73 -1.99 5.47 -4.81
CA LYS A 73 -1.44 5.76 -6.12
C LYS A 73 -0.66 4.57 -6.67
N THR A 74 -1.06 4.09 -7.83
CA THR A 74 -0.41 2.95 -8.47
C THR A 74 0.24 3.35 -9.78
N LEU A 75 1.57 3.42 -9.79
CA LEU A 75 2.31 3.80 -10.98
C LEU A 75 3.40 2.77 -11.29
N THR A 76 3.89 2.79 -12.53
CA THR A 76 4.93 1.86 -12.95
C THR A 76 6.28 2.22 -12.32
N PRO A 77 7.21 1.27 -12.35
CA PRO A 77 8.55 1.45 -11.78
C PRO A 77 9.39 2.43 -12.60
N ASP A 78 8.86 2.84 -13.75
CA ASP A 78 9.56 3.78 -14.62
C ASP A 78 9.30 5.22 -14.18
N GLU A 79 8.12 5.45 -13.62
CA GLU A 79 7.75 6.78 -13.15
C GLU A 79 8.28 7.05 -11.74
N ALA A 80 9.39 6.39 -11.41
CA ALA A 80 9.99 6.56 -10.10
C ALA A 80 11.35 7.24 -10.20
N MET A 1 14.26 -0.47 8.48
CA MET A 1 14.34 -0.76 9.91
C MET A 1 12.96 -1.04 10.48
N ARG A 2 12.52 -2.30 10.39
CA ARG A 2 11.23 -2.69 10.90
C ARG A 2 11.37 -3.75 12.00
N LYS A 3 11.42 -3.30 13.24
CA LYS A 3 11.56 -4.20 14.39
C LYS A 3 10.21 -4.45 15.04
N ARG A 4 9.47 -3.37 15.32
CA ARG A 4 8.16 -3.48 15.95
C ARG A 4 7.07 -2.97 15.02
N PRO A 5 6.57 -3.86 14.16
CA PRO A 5 5.51 -3.53 13.19
C PRO A 5 4.17 -3.29 13.86
N LEU A 6 3.48 -2.24 13.43
CA LEU A 6 2.17 -1.90 14.00
C LEU A 6 1.08 -2.02 12.94
N ASP A 7 1.11 -1.12 11.96
CA ASP A 7 0.12 -1.13 10.89
C ASP A 7 0.80 -0.99 9.53
N ALA A 8 1.38 0.18 9.27
CA ALA A 8 2.06 0.44 8.01
C ALA A 8 3.32 -0.41 7.89
N GLU A 9 3.88 -0.79 9.02
CA GLU A 9 5.10 -1.59 9.04
C GLU A 9 4.80 -3.03 8.60
N THR A 10 3.76 -3.63 9.19
CA THR A 10 3.38 -4.98 8.86
C THR A 10 2.98 -5.12 7.40
N ILE A 11 2.15 -4.19 6.94
CA ILE A 11 1.68 -4.20 5.56
C ILE A 11 2.83 -3.89 4.60
N ARG A 12 3.64 -2.89 4.95
CA ARG A 12 4.77 -2.48 4.13
C ARG A 12 5.68 -3.67 3.84
N LYS A 13 6.10 -4.36 4.89
CA LYS A 13 6.98 -5.52 4.76
C LYS A 13 6.26 -6.65 4.02
N LEU A 14 4.97 -6.80 4.29
CA LEU A 14 4.18 -7.85 3.65
C LEU A 14 4.23 -7.73 2.13
N ILE A 15 3.99 -6.53 1.63
CA ILE A 15 4.02 -6.29 0.20
C ILE A 15 5.45 -6.29 -0.34
N GLU A 16 6.37 -5.77 0.47
CA GLU A 16 7.78 -5.72 0.08
C GLU A 16 8.31 -7.12 -0.20
N SER A 17 7.88 -8.09 0.59
CA SER A 17 8.32 -9.47 0.43
C SER A 17 7.54 -10.16 -0.69
N GLY A 18 6.23 -9.92 -0.72
CA GLY A 18 5.39 -10.52 -1.74
C GLY A 18 5.76 -10.07 -3.14
N LEU A 19 6.02 -8.78 -3.29
CA LEU A 19 6.38 -8.22 -4.59
C LEU A 19 7.89 -8.25 -4.80
N PRO A 20 8.32 -8.23 -6.07
CA PRO A 20 9.74 -8.26 -6.43
C PRO A 20 10.46 -6.96 -6.06
N GLU A 21 10.49 -6.02 -6.99
CA GLU A 21 11.15 -4.74 -6.76
C GLU A 21 10.13 -3.63 -6.52
N ALA A 22 8.95 -4.02 -6.01
CA ALA A 22 7.89 -3.06 -5.74
C ALA A 22 8.17 -2.30 -4.45
N ARG A 23 8.02 -0.98 -4.51
CA ARG A 23 8.26 -0.13 -3.35
C ARG A 23 6.93 0.29 -2.71
N VAL A 24 6.68 -0.21 -1.50
CA VAL A 24 5.46 0.10 -0.77
C VAL A 24 5.74 1.05 0.39
N ASP A 25 4.98 2.13 0.47
CA ASP A 25 5.14 3.11 1.53
C ASP A 25 3.78 3.54 2.09
N VAL A 26 3.58 3.27 3.38
CA VAL A 26 2.33 3.62 4.04
C VAL A 26 2.58 4.43 5.31
N GLN A 27 1.88 5.56 5.44
CA GLN A 27 2.04 6.42 6.60
C GLN A 27 0.68 6.83 7.15
N GLY A 28 0.42 6.48 8.41
CA GLY A 28 -0.85 6.83 9.03
C GLY A 28 -1.26 5.83 10.09
N GLU A 29 -2.47 5.30 9.96
CA GLU A 29 -2.99 4.34 10.92
C GLU A 29 -4.33 3.78 10.46
N ASP A 30 -4.69 2.60 10.97
CA ASP A 30 -5.95 1.97 10.62
C ASP A 30 -7.14 2.76 11.19
N GLY A 31 -8.23 2.80 10.44
CA GLY A 31 -9.41 3.52 10.89
C GLY A 31 -9.24 5.02 10.82
N VAL A 32 -8.30 5.47 9.98
CA VAL A 32 -8.03 6.90 9.83
C VAL A 32 -7.52 7.21 8.43
N HIS A 33 -7.55 8.49 8.08
CA HIS A 33 -7.09 8.93 6.77
C HIS A 33 -5.56 8.90 6.68
N PHE A 34 -5.03 7.93 5.95
CA PHE A 34 -3.59 7.78 5.80
C PHE A 34 -3.20 7.82 4.33
N GLU A 35 -1.90 7.97 4.07
CA GLU A 35 -1.39 8.02 2.70
C GLU A 35 -0.52 6.80 2.40
N ALA A 36 -0.93 6.02 1.40
CA ALA A 36 -0.20 4.84 1.00
C ALA A 36 0.20 4.90 -0.47
N THR A 37 1.51 4.94 -0.72
CA THR A 37 2.02 5.00 -2.09
C THR A 37 2.78 3.73 -2.45
N VAL A 38 2.35 3.08 -3.52
CA VAL A 38 2.99 1.85 -3.98
C VAL A 38 3.46 1.97 -5.41
N VAL A 39 4.63 1.42 -5.71
CA VAL A 39 5.18 1.47 -7.05
C VAL A 39 5.63 0.08 -7.51
N SER A 40 5.01 -0.42 -8.57
CA SER A 40 5.34 -1.73 -9.11
C SER A 40 4.84 -1.88 -10.54
N PRO A 41 5.36 -2.90 -11.25
CA PRO A 41 4.96 -3.18 -12.63
C PRO A 41 3.54 -3.70 -12.74
N ALA A 42 3.03 -4.25 -11.64
CA ALA A 42 1.67 -4.78 -11.62
C ALA A 42 0.67 -3.78 -12.19
N PHE A 43 0.81 -2.52 -11.79
CA PHE A 43 -0.07 -1.47 -12.28
C PHE A 43 0.44 -0.86 -13.58
N VAL A 44 1.07 -1.70 -14.40
CA VAL A 44 1.61 -1.27 -15.68
C VAL A 44 0.55 -0.53 -16.50
N GLY A 45 0.92 0.64 -17.03
CA GLY A 45 0.00 1.42 -17.82
C GLY A 45 -1.28 1.74 -17.08
N LYS A 46 -2.20 0.77 -17.05
CA LYS A 46 -3.48 0.96 -16.37
C LYS A 46 -3.59 0.03 -15.17
N ALA A 47 -4.03 0.58 -14.05
CA ALA A 47 -4.19 -0.20 -12.82
C ALA A 47 -5.64 -0.62 -12.62
N PRO A 48 -5.94 -1.88 -12.98
CA PRO A 48 -7.29 -2.44 -12.84
C PRO A 48 -7.70 -2.65 -11.38
N LEU A 49 -8.96 -3.00 -11.16
CA LEU A 49 -9.46 -3.23 -9.82
C LEU A 49 -8.65 -4.30 -9.10
N ALA A 50 -8.06 -5.20 -9.88
CA ALA A 50 -7.25 -6.28 -9.33
C ALA A 50 -6.10 -5.72 -8.47
N ARG A 51 -5.33 -4.82 -9.07
CA ARG A 51 -4.20 -4.21 -8.37
C ARG A 51 -4.68 -3.26 -7.29
N HIS A 52 -5.70 -2.47 -7.62
CA HIS A 52 -6.26 -1.51 -6.66
C HIS A 52 -6.72 -2.21 -5.39
N ARG A 53 -7.55 -3.23 -5.55
CA ARG A 53 -8.06 -3.99 -4.41
C ARG A 53 -6.94 -4.77 -3.72
N MET A 54 -6.04 -5.33 -4.52
CA MET A 54 -4.92 -6.09 -4.00
C MET A 54 -4.13 -5.29 -2.97
N VAL A 55 -3.82 -4.04 -3.32
CA VAL A 55 -3.07 -3.15 -2.42
C VAL A 55 -3.91 -2.76 -1.22
N TYR A 56 -5.19 -2.48 -1.47
CA TYR A 56 -6.10 -2.09 -0.39
C TYR A 56 -6.30 -3.22 0.60
N ALA A 57 -6.30 -4.45 0.10
CA ALA A 57 -6.48 -5.63 0.94
C ALA A 57 -5.21 -5.93 1.73
N THR A 58 -4.07 -5.92 1.04
CA THR A 58 -2.79 -6.19 1.67
C THR A 58 -2.42 -5.10 2.66
N LEU A 59 -2.94 -3.90 2.44
CA LEU A 59 -2.66 -2.76 3.32
C LEU A 59 -3.57 -2.79 4.54
N GLY A 60 -4.44 -3.80 4.62
CA GLY A 60 -5.35 -3.92 5.74
C GLY A 60 -6.00 -2.61 6.10
N GLU A 61 -6.87 -2.12 5.22
CA GLU A 61 -7.57 -0.86 5.45
C GLU A 61 -8.86 -1.09 6.23
N LEU A 62 -9.41 -2.29 6.12
CA LEU A 62 -10.64 -2.64 6.81
C LEU A 62 -10.34 -3.21 8.20
N MET A 63 -9.07 -3.16 8.59
CA MET A 63 -8.66 -3.67 9.90
C MET A 63 -9.11 -2.74 11.01
N GLY A 64 -9.66 -1.59 10.63
CA GLY A 64 -10.13 -0.62 11.62
C GLY A 64 -11.28 0.22 11.11
N GLY A 65 -11.24 0.54 9.81
CA GLY A 65 -12.29 1.35 9.22
C GLY A 65 -11.75 2.48 8.38
N ALA A 66 -11.06 2.15 7.30
CA ALA A 66 -10.48 3.15 6.42
C ALA A 66 -11.56 4.07 5.86
N ILE A 67 -11.35 5.37 5.97
CA ILE A 67 -12.30 6.35 5.47
C ILE A 67 -12.01 6.71 4.02
N HIS A 68 -12.99 7.31 3.36
CA HIS A 68 -12.84 7.70 1.95
C HIS A 68 -11.65 8.64 1.78
N ALA A 69 -11.12 9.13 2.89
CA ALA A 69 -9.97 10.03 2.86
C ALA A 69 -8.67 9.25 2.75
N LEU A 70 -8.68 8.19 1.94
CA LEU A 70 -7.49 7.37 1.75
C LEU A 70 -6.76 7.77 0.48
N GLN A 71 -5.44 7.89 0.58
CA GLN A 71 -4.61 8.27 -0.56
C GLN A 71 -3.81 7.07 -1.08
N LEU A 72 -4.06 6.70 -2.33
CA LEU A 72 -3.37 5.58 -2.95
C LEU A 72 -2.65 6.01 -4.22
N LYS A 73 -1.44 5.49 -4.41
CA LYS A 73 -0.65 5.82 -5.59
C LYS A 73 -0.07 4.56 -6.23
N THR A 74 -0.45 4.31 -7.47
CA THR A 74 0.03 3.13 -8.19
C THR A 74 0.80 3.53 -9.45
N LEU A 75 2.11 3.37 -9.40
CA LEU A 75 2.96 3.71 -10.53
C LEU A 75 3.86 2.55 -10.92
N THR A 76 4.40 2.58 -12.14
CA THR A 76 5.26 1.52 -12.63
C THR A 76 6.67 1.65 -12.02
N PRO A 77 7.46 0.57 -12.14
CA PRO A 77 8.82 0.53 -11.61
C PRO A 77 9.77 1.45 -12.39
N ASP A 78 9.24 2.12 -13.40
CA ASP A 78 10.04 3.01 -14.23
C ASP A 78 10.12 4.41 -13.59
N GLU A 79 9.10 4.75 -12.81
CA GLU A 79 9.05 6.05 -12.14
C GLU A 79 9.88 6.03 -10.86
N ALA A 80 10.85 5.12 -10.80
CA ALA A 80 11.71 5.00 -9.63
C ALA A 80 13.15 5.39 -9.95
N MET A 1 15.83 -1.34 8.84
CA MET A 1 15.85 -0.59 10.08
C MET A 1 14.81 0.52 10.07
N ARG A 2 13.62 0.20 9.56
CA ARG A 2 12.53 1.17 9.48
C ARG A 2 11.29 0.65 10.19
N LYS A 3 11.50 -0.13 11.24
CA LYS A 3 10.39 -0.70 12.01
C LYS A 3 9.84 0.33 12.99
N ARG A 4 9.69 1.57 12.53
CA ARG A 4 9.17 2.64 13.37
C ARG A 4 7.67 2.47 13.61
N PRO A 5 6.90 2.48 12.51
CA PRO A 5 5.44 2.33 12.57
C PRO A 5 5.03 0.92 12.98
N LEU A 6 3.72 0.66 12.93
CA LEU A 6 3.19 -0.64 13.29
C LEU A 6 2.42 -1.26 12.12
N ASP A 7 1.39 -0.55 11.66
CA ASP A 7 0.58 -1.02 10.55
C ASP A 7 1.29 -0.78 9.22
N ALA A 8 2.04 0.31 9.14
CA ALA A 8 2.77 0.65 7.92
C ALA A 8 3.91 -0.34 7.67
N GLU A 9 4.63 -0.67 8.74
CA GLU A 9 5.76 -1.60 8.63
C GLU A 9 5.27 -3.00 8.27
N THR A 10 4.24 -3.47 8.99
CA THR A 10 3.69 -4.79 8.75
C THR A 10 3.21 -4.94 7.31
N ILE A 11 2.38 -4.00 6.87
CA ILE A 11 1.85 -4.01 5.51
C ILE A 11 2.96 -3.76 4.49
N ARG A 12 3.83 -2.80 4.79
CA ARG A 12 4.93 -2.46 3.90
C ARG A 12 5.82 -3.67 3.65
N LYS A 13 6.25 -4.32 4.72
CA LYS A 13 7.10 -5.50 4.62
C LYS A 13 6.38 -6.64 3.91
N LEU A 14 5.10 -6.80 4.23
CA LEU A 14 4.29 -7.86 3.62
C LEU A 14 4.31 -7.74 2.10
N ILE A 15 4.02 -6.55 1.60
CA ILE A 15 4.02 -6.30 0.16
C ILE A 15 5.41 -6.37 -0.43
N GLU A 16 6.37 -5.76 0.26
CA GLU A 16 7.76 -5.75 -0.18
C GLU A 16 8.26 -7.18 -0.39
N SER A 17 7.80 -8.09 0.45
CA SER A 17 8.22 -9.49 0.36
C SER A 17 7.46 -10.21 -0.75
N GLY A 18 6.15 -9.96 -0.83
CA GLY A 18 5.33 -10.59 -1.84
C GLY A 18 5.71 -10.15 -3.25
N LEU A 19 6.11 -8.88 -3.38
CA LEU A 19 6.49 -8.35 -4.68
C LEU A 19 8.00 -8.40 -4.86
N PRO A 20 8.45 -8.34 -6.13
CA PRO A 20 9.87 -8.38 -6.48
C PRO A 20 10.60 -7.10 -6.07
N GLU A 21 10.65 -6.14 -6.97
CA GLU A 21 11.32 -4.88 -6.70
C GLU A 21 10.31 -3.75 -6.51
N ALA A 22 9.15 -4.09 -5.96
CA ALA A 22 8.09 -3.11 -5.72
C ALA A 22 8.33 -2.35 -4.42
N ARG A 23 8.18 -1.03 -4.48
CA ARG A 23 8.38 -0.19 -3.30
C ARG A 23 7.05 0.32 -2.77
N VAL A 24 6.79 0.07 -1.48
CA VAL A 24 5.56 0.51 -0.84
C VAL A 24 5.84 1.37 0.37
N ASP A 25 5.10 2.47 0.49
CA ASP A 25 5.27 3.38 1.62
C ASP A 25 3.92 3.80 2.19
N VAL A 26 3.69 3.47 3.46
CA VAL A 26 2.43 3.81 4.11
C VAL A 26 2.69 4.58 5.41
N GLN A 27 1.91 5.63 5.63
CA GLN A 27 2.04 6.45 6.84
C GLN A 27 0.69 6.71 7.47
N GLY A 28 0.53 6.28 8.72
CA GLY A 28 -0.72 6.48 9.43
C GLY A 28 -1.12 5.28 10.25
N GLU A 29 -2.42 5.00 10.30
CA GLU A 29 -2.93 3.87 11.07
C GLU A 29 -4.22 3.33 10.45
N ASP A 30 -4.83 2.35 11.13
CA ASP A 30 -6.07 1.76 10.65
C ASP A 30 -7.28 2.54 11.14
N GLY A 31 -8.32 2.58 10.32
CA GLY A 31 -9.53 3.31 10.70
C GLY A 31 -9.36 4.80 10.62
N VAL A 32 -8.17 5.24 10.22
CA VAL A 32 -7.87 6.67 10.11
C VAL A 32 -7.36 7.01 8.72
N HIS A 33 -7.36 8.30 8.40
CA HIS A 33 -6.90 8.77 7.10
C HIS A 33 -5.37 8.70 7.00
N PHE A 34 -4.88 7.74 6.23
CA PHE A 34 -3.45 7.56 6.06
C PHE A 34 -3.07 7.66 4.58
N GLU A 35 -1.76 7.77 4.32
CA GLU A 35 -1.27 7.86 2.95
C GLU A 35 -0.45 6.63 2.57
N ALA A 36 -0.85 5.99 1.48
CA ALA A 36 -0.15 4.79 1.01
C ALA A 36 0.24 4.92 -0.45
N THR A 37 1.55 4.93 -0.71
CA THR A 37 2.05 5.05 -2.07
C THR A 37 2.84 3.81 -2.47
N VAL A 38 2.31 3.06 -3.44
CA VAL A 38 2.97 1.85 -3.91
C VAL A 38 3.49 2.04 -5.33
N VAL A 39 4.67 1.48 -5.60
CA VAL A 39 5.27 1.58 -6.93
C VAL A 39 5.72 0.22 -7.43
N SER A 40 5.16 -0.22 -8.55
CA SER A 40 5.49 -1.50 -9.14
C SER A 40 4.92 -1.63 -10.54
N PRO A 41 5.49 -2.56 -11.33
CA PRO A 41 5.04 -2.81 -12.71
C PRO A 41 3.66 -3.45 -12.77
N ALA A 42 3.25 -4.05 -11.66
CA ALA A 42 1.95 -4.71 -11.57
C ALA A 42 0.85 -3.81 -12.10
N PHE A 43 0.94 -2.51 -11.79
CA PHE A 43 -0.05 -1.54 -12.23
C PHE A 43 0.34 -0.94 -13.58
N VAL A 44 0.97 -1.75 -14.42
CA VAL A 44 1.40 -1.29 -15.74
C VAL A 44 0.24 -0.65 -16.50
N GLY A 45 0.55 0.35 -17.32
CA GLY A 45 -0.48 1.02 -18.09
C GLY A 45 -1.63 1.49 -17.23
N LYS A 46 -2.64 0.63 -17.06
CA LYS A 46 -3.80 0.96 -16.25
C LYS A 46 -3.97 -0.02 -15.10
N ALA A 47 -3.75 0.46 -13.88
CA ALA A 47 -3.89 -0.38 -12.70
C ALA A 47 -5.30 -0.94 -12.58
N PRO A 48 -5.43 -2.25 -12.82
CA PRO A 48 -6.73 -2.94 -12.75
C PRO A 48 -7.25 -3.05 -11.32
N LEU A 49 -8.54 -3.31 -11.18
CA LEU A 49 -9.15 -3.43 -9.87
C LEU A 49 -8.44 -4.51 -9.04
N ALA A 50 -7.80 -5.44 -9.72
CA ALA A 50 -7.07 -6.51 -9.04
C ALA A 50 -5.95 -5.95 -8.18
N ARG A 51 -5.11 -5.12 -8.78
CA ARG A 51 -3.99 -4.52 -8.06
C ARG A 51 -4.48 -3.50 -7.05
N HIS A 52 -5.48 -2.71 -7.44
CA HIS A 52 -6.04 -1.69 -6.56
C HIS A 52 -6.61 -2.31 -5.29
N ARG A 53 -7.48 -3.30 -5.47
CA ARG A 53 -8.10 -3.99 -4.34
C ARG A 53 -7.06 -4.76 -3.53
N MET A 54 -6.08 -5.32 -4.24
CA MET A 54 -5.02 -6.10 -3.59
C MET A 54 -4.27 -5.24 -2.58
N VAL A 55 -3.84 -4.06 -3.01
CA VAL A 55 -3.11 -3.15 -2.14
C VAL A 55 -3.99 -2.66 -0.98
N TYR A 56 -5.25 -2.36 -1.29
CA TYR A 56 -6.18 -1.89 -0.28
C TYR A 56 -6.41 -2.95 0.78
N ALA A 57 -6.45 -4.21 0.36
CA ALA A 57 -6.66 -5.32 1.28
C ALA A 57 -5.41 -5.61 2.09
N THR A 58 -4.25 -5.45 1.45
CA THR A 58 -2.98 -5.69 2.12
C THR A 58 -2.68 -4.62 3.17
N LEU A 59 -3.18 -3.42 2.93
CA LEU A 59 -2.97 -2.31 3.85
C LEU A 59 -3.99 -2.35 4.98
N GLY A 60 -4.92 -3.29 4.90
CA GLY A 60 -5.95 -3.41 5.93
C GLY A 60 -6.90 -2.24 5.93
N GLU A 61 -7.64 -2.08 4.84
CA GLU A 61 -8.60 -0.99 4.71
C GLU A 61 -9.79 -1.21 5.64
N LEU A 62 -10.46 -2.34 5.48
CA LEU A 62 -11.62 -2.67 6.29
C LEU A 62 -11.20 -3.33 7.60
N MET A 63 -9.90 -3.32 7.86
CA MET A 63 -9.35 -3.91 9.08
C MET A 63 -9.55 -2.98 10.27
N GLY A 64 -9.91 -1.73 9.98
CA GLY A 64 -10.13 -0.76 11.04
C GLY A 64 -11.24 0.22 10.71
N GLY A 65 -11.37 0.53 9.43
CA GLY A 65 -12.40 1.46 9.00
C GLY A 65 -11.84 2.66 8.27
N ALA A 66 -10.97 2.40 7.29
CA ALA A 66 -10.36 3.47 6.51
C ALA A 66 -11.41 4.31 5.81
N ILE A 67 -11.37 5.61 6.05
CA ILE A 67 -12.32 6.53 5.44
C ILE A 67 -11.88 6.93 4.04
N HIS A 68 -12.81 7.47 3.25
CA HIS A 68 -12.52 7.90 1.90
C HIS A 68 -11.28 8.78 1.86
N ALA A 69 -10.89 9.31 3.02
CA ALA A 69 -9.73 10.17 3.13
C ALA A 69 -8.44 9.36 3.04
N LEU A 70 -8.36 8.48 2.04
CA LEU A 70 -7.18 7.65 1.85
C LEU A 70 -6.45 8.02 0.56
N GLN A 71 -5.13 7.87 0.57
CA GLN A 71 -4.32 8.19 -0.60
C GLN A 71 -3.67 6.94 -1.17
N LEU A 72 -4.00 6.62 -2.42
CA LEU A 72 -3.45 5.44 -3.08
C LEU A 72 -2.85 5.82 -4.43
N LYS A 73 -1.55 5.60 -4.58
CA LYS A 73 -0.85 5.91 -5.82
C LYS A 73 -0.22 4.65 -6.42
N THR A 74 -0.72 4.24 -7.58
CA THR A 74 -0.21 3.07 -8.26
C THR A 74 0.41 3.42 -9.60
N LEU A 75 1.74 3.38 -9.67
CA LEU A 75 2.45 3.70 -10.90
C LEU A 75 3.51 2.64 -11.21
N THR A 76 3.97 2.62 -12.45
CA THR A 76 4.99 1.66 -12.87
C THR A 76 6.35 2.00 -12.26
N PRO A 77 7.28 1.03 -12.32
CA PRO A 77 8.63 1.20 -11.77
C PRO A 77 9.46 2.19 -12.59
N ASP A 78 9.11 2.35 -13.85
CA ASP A 78 9.82 3.27 -14.73
C ASP A 78 9.63 4.70 -14.27
N GLU A 79 8.48 5.00 -13.70
CA GLU A 79 8.18 6.34 -13.22
C GLU A 79 9.02 6.68 -12.00
N ALA A 80 9.27 5.68 -11.16
CA ALA A 80 10.07 5.87 -9.95
C ALA A 80 11.52 6.15 -10.29
N MET A 1 10.62 11.52 11.92
CA MET A 1 9.88 10.95 13.04
C MET A 1 10.00 9.43 13.04
N ARG A 2 9.79 8.82 14.21
CA ARG A 2 9.87 7.38 14.35
C ARG A 2 8.79 6.86 15.29
N LYS A 3 7.77 6.22 14.70
CA LYS A 3 6.67 5.68 15.50
C LYS A 3 6.74 4.16 15.54
N ARG A 4 7.06 3.55 14.40
CA ARG A 4 7.16 2.10 14.31
C ARG A 4 5.84 1.44 14.70
N PRO A 5 4.76 1.84 14.03
CA PRO A 5 3.42 1.31 14.29
C PRO A 5 3.27 -0.15 13.84
N LEU A 6 2.16 -0.77 14.20
CA LEU A 6 1.90 -2.16 13.83
C LEU A 6 0.78 -2.25 12.81
N ASP A 7 0.73 -1.28 11.91
CA ASP A 7 -0.29 -1.26 10.87
C ASP A 7 0.33 -1.10 9.49
N ALA A 8 0.80 0.11 9.20
CA ALA A 8 1.44 0.38 7.90
C ALA A 8 2.76 -0.35 7.77
N GLU A 9 3.40 -0.64 8.90
CA GLU A 9 4.67 -1.34 8.92
C GLU A 9 4.49 -2.80 8.55
N THR A 10 3.52 -3.45 9.18
CA THR A 10 3.25 -4.86 8.92
C THR A 10 2.84 -5.08 7.46
N ILE A 11 1.93 -4.25 6.98
CA ILE A 11 1.45 -4.36 5.61
C ILE A 11 2.55 -3.96 4.62
N ARG A 12 3.33 -2.95 4.99
CA ARG A 12 4.41 -2.48 4.14
C ARG A 12 5.46 -3.57 3.92
N LYS A 13 5.90 -4.16 5.02
CA LYS A 13 6.91 -5.22 4.96
C LYS A 13 6.37 -6.45 4.22
N LEU A 14 5.12 -6.79 4.50
CA LEU A 14 4.48 -7.94 3.87
C LEU A 14 4.50 -7.81 2.35
N ILE A 15 4.06 -6.66 1.86
CA ILE A 15 4.03 -6.40 0.43
C ILE A 15 5.44 -6.28 -0.14
N GLU A 16 6.31 -5.56 0.57
CA GLU A 16 7.69 -5.37 0.15
C GLU A 16 8.38 -6.73 -0.05
N SER A 17 8.03 -7.70 0.79
CA SER A 17 8.62 -9.02 0.71
C SER A 17 8.02 -9.82 -0.45
N GLY A 18 6.70 -9.73 -0.60
CA GLY A 18 6.02 -10.45 -1.67
C GLY A 18 6.55 -10.07 -3.03
N LEU A 19 6.65 -8.77 -3.30
CA LEU A 19 7.13 -8.29 -4.58
C LEU A 19 8.40 -7.45 -4.39
N PRO A 20 9.56 -8.06 -4.69
CA PRO A 20 10.86 -7.39 -4.58
C PRO A 20 11.04 -6.29 -5.62
N GLU A 21 10.20 -6.31 -6.65
CA GLU A 21 10.28 -5.32 -7.71
C GLU A 21 9.30 -4.17 -7.45
N ALA A 22 8.42 -4.35 -6.47
CA ALA A 22 7.44 -3.34 -6.12
C ALA A 22 7.75 -2.71 -4.76
N ARG A 23 7.83 -1.39 -4.71
CA ARG A 23 8.12 -0.68 -3.48
C ARG A 23 6.85 -0.06 -2.91
N VAL A 24 6.47 -0.50 -1.71
CA VAL A 24 5.27 0.01 -1.05
C VAL A 24 5.64 0.81 0.19
N ASP A 25 5.06 2.01 0.31
CA ASP A 25 5.33 2.88 1.44
C ASP A 25 4.03 3.48 1.98
N VAL A 26 3.70 3.16 3.23
CA VAL A 26 2.49 3.67 3.85
C VAL A 26 2.80 4.34 5.19
N GLN A 27 2.14 5.46 5.45
CA GLN A 27 2.35 6.20 6.69
C GLN A 27 1.02 6.57 7.33
N GLY A 28 0.80 6.09 8.56
CA GLY A 28 -0.44 6.39 9.26
C GLY A 28 -0.83 5.29 10.22
N GLU A 29 -2.12 4.98 10.27
CA GLU A 29 -2.63 3.94 11.15
C GLU A 29 -4.06 3.56 10.80
N ASP A 30 -4.44 2.33 11.12
CA ASP A 30 -5.79 1.85 10.83
C ASP A 30 -6.84 2.73 11.50
N GLY A 31 -8.00 2.85 10.85
CA GLY A 31 -9.06 3.67 11.40
C GLY A 31 -8.81 5.15 11.23
N VAL A 32 -7.58 5.51 10.83
CA VAL A 32 -7.22 6.90 10.64
C VAL A 32 -6.83 7.16 9.19
N HIS A 33 -6.80 8.44 8.82
CA HIS A 33 -6.44 8.83 7.45
C HIS A 33 -4.93 8.71 7.23
N PHE A 34 -4.53 7.70 6.46
CA PHE A 34 -3.11 7.47 6.18
C PHE A 34 -2.85 7.56 4.68
N GLU A 35 -1.58 7.64 4.31
CA GLU A 35 -1.18 7.73 2.91
C GLU A 35 -0.43 6.47 2.48
N ALA A 36 -0.78 5.97 1.31
CA ALA A 36 -0.14 4.77 0.76
C ALA A 36 0.37 5.01 -0.65
N THR A 37 1.67 4.83 -0.84
CA THR A 37 2.29 5.03 -2.14
C THR A 37 2.98 3.75 -2.62
N VAL A 38 2.42 3.14 -3.67
CA VAL A 38 2.99 1.92 -4.22
C VAL A 38 3.54 2.15 -5.62
N VAL A 39 4.68 1.55 -5.92
CA VAL A 39 5.31 1.69 -7.22
C VAL A 39 5.78 0.34 -7.76
N SER A 40 5.23 -0.06 -8.90
CA SER A 40 5.59 -1.33 -9.51
C SER A 40 5.02 -1.43 -10.93
N PRO A 41 5.58 -2.35 -11.73
CA PRO A 41 5.13 -2.57 -13.11
C PRO A 41 3.75 -3.20 -13.19
N ALA A 42 3.35 -3.88 -12.13
CA ALA A 42 2.05 -4.53 -12.06
C ALA A 42 0.95 -3.59 -12.53
N PHE A 43 1.03 -2.33 -12.12
CA PHE A 43 0.04 -1.32 -12.49
C PHE A 43 0.40 -0.68 -13.82
N VAL A 44 1.02 -1.46 -14.70
CA VAL A 44 1.42 -0.97 -16.02
C VAL A 44 0.24 -0.32 -16.74
N GLY A 45 0.52 0.69 -17.54
CA GLY A 45 -0.52 1.38 -18.27
C GLY A 45 -1.69 1.79 -17.39
N LYS A 46 -2.65 0.88 -17.23
CA LYS A 46 -3.82 1.15 -16.40
C LYS A 46 -3.94 0.14 -15.28
N ALA A 47 -3.75 0.59 -14.05
CA ALA A 47 -3.84 -0.28 -12.89
C ALA A 47 -5.21 -0.94 -12.79
N PRO A 48 -5.27 -2.24 -13.07
CA PRO A 48 -6.51 -3.00 -13.02
C PRO A 48 -7.03 -3.18 -11.59
N LEU A 49 -8.31 -3.54 -11.47
CA LEU A 49 -8.92 -3.75 -10.17
C LEU A 49 -8.15 -4.79 -9.36
N ALA A 50 -7.48 -5.69 -10.07
CA ALA A 50 -6.70 -6.73 -9.41
C ALA A 50 -5.62 -6.14 -8.52
N ARG A 51 -4.81 -5.25 -9.09
CA ARG A 51 -3.73 -4.60 -8.33
C ARG A 51 -4.30 -3.64 -7.29
N HIS A 52 -5.30 -2.87 -7.69
CA HIS A 52 -5.93 -1.90 -6.79
C HIS A 52 -6.49 -2.60 -5.55
N ARG A 53 -7.30 -3.63 -5.77
CA ARG A 53 -7.90 -4.38 -4.67
C ARG A 53 -6.84 -5.12 -3.87
N MET A 54 -5.81 -5.61 -4.56
CA MET A 54 -4.73 -6.34 -3.92
C MET A 54 -4.07 -5.49 -2.85
N VAL A 55 -3.74 -4.25 -3.20
CA VAL A 55 -3.10 -3.32 -2.27
C VAL A 55 -4.05 -2.93 -1.15
N TYR A 56 -5.31 -2.70 -1.50
CA TYR A 56 -6.31 -2.32 -0.51
C TYR A 56 -6.57 -3.45 0.48
N ALA A 57 -6.47 -4.68 -0.02
CA ALA A 57 -6.69 -5.86 0.82
C ALA A 57 -5.51 -6.09 1.76
N THR A 58 -4.30 -6.01 1.22
CA THR A 58 -3.09 -6.21 2.00
C THR A 58 -2.95 -5.15 3.08
N LEU A 59 -3.40 -3.93 2.77
CA LEU A 59 -3.33 -2.82 3.71
C LEU A 59 -4.48 -2.87 4.71
N GLY A 60 -5.37 -3.85 4.54
CA GLY A 60 -6.50 -3.99 5.43
C GLY A 60 -7.01 -2.66 5.94
N GLU A 61 -7.81 -1.98 5.13
CA GLU A 61 -8.37 -0.69 5.51
C GLU A 61 -9.62 -0.85 6.37
N LEU A 62 -10.23 -2.04 6.29
CA LEU A 62 -11.42 -2.33 7.08
C LEU A 62 -11.06 -2.87 8.46
N MET A 63 -9.78 -2.81 8.79
CA MET A 63 -9.31 -3.29 10.08
C MET A 63 -9.74 -2.35 11.20
N GLY A 64 -10.21 -1.17 10.84
CA GLY A 64 -10.65 -0.21 11.83
C GLY A 64 -11.78 0.67 11.32
N GLY A 65 -11.76 0.96 10.02
CA GLY A 65 -12.79 1.80 9.44
C GLY A 65 -12.28 2.62 8.26
N ALA A 66 -12.60 2.17 7.05
CA ALA A 66 -12.16 2.87 5.84
C ALA A 66 -12.83 4.23 5.73
N ILE A 67 -12.02 5.29 5.65
CA ILE A 67 -12.53 6.64 5.53
C ILE A 67 -12.17 7.25 4.19
N HIS A 68 -12.95 8.26 3.78
CA HIS A 68 -12.71 8.93 2.51
C HIS A 68 -11.49 9.84 2.59
N ALA A 69 -10.44 9.34 3.24
CA ALA A 69 -9.20 10.11 3.40
C ALA A 69 -7.98 9.24 3.11
N LEU A 70 -8.15 8.25 2.25
CA LEU A 70 -7.07 7.34 1.90
C LEU A 70 -6.41 7.77 0.59
N GLN A 71 -5.09 7.60 0.51
CA GLN A 71 -4.33 7.98 -0.68
C GLN A 71 -3.65 6.76 -1.29
N LEU A 72 -4.07 6.40 -2.49
CA LEU A 72 -3.50 5.25 -3.20
C LEU A 72 -2.95 5.66 -4.56
N LYS A 73 -1.64 5.52 -4.74
CA LYS A 73 -0.99 5.87 -5.99
C LYS A 73 -0.32 4.65 -6.62
N THR A 74 -0.82 4.23 -7.78
CA THR A 74 -0.27 3.09 -8.48
C THR A 74 0.33 3.49 -9.82
N LEU A 75 1.66 3.50 -9.89
CA LEU A 75 2.36 3.87 -11.11
C LEU A 75 3.45 2.85 -11.45
N THR A 76 3.90 2.87 -12.69
CA THR A 76 4.94 1.95 -13.15
C THR A 76 6.29 2.30 -12.53
N PRO A 77 7.24 1.35 -12.60
CA PRO A 77 8.59 1.53 -12.05
C PRO A 77 9.40 2.55 -12.85
N ASP A 78 9.04 2.73 -14.12
CA ASP A 78 9.74 3.69 -14.98
C ASP A 78 9.56 5.11 -14.47
N GLU A 79 8.38 5.41 -13.93
CA GLU A 79 8.09 6.73 -13.41
C GLU A 79 8.93 7.04 -12.19
N ALA A 80 9.09 6.04 -11.32
CA ALA A 80 9.87 6.22 -10.10
C ALA A 80 11.34 6.45 -10.44
N MET A 1 16.86 -5.30 24.67
CA MET A 1 16.51 -4.78 23.35
C MET A 1 15.01 -4.92 23.10
N ARG A 2 14.47 -4.07 22.23
CA ARG A 2 13.05 -4.10 21.91
C ARG A 2 12.84 -4.04 20.39
N LYS A 3 12.46 -5.18 19.81
CA LYS A 3 12.23 -5.26 18.37
C LYS A 3 10.77 -5.61 18.08
N ARG A 4 10.06 -4.68 17.44
CA ARG A 4 8.66 -4.89 17.10
C ARG A 4 8.23 -3.95 15.98
N PRO A 5 7.77 -4.54 14.86
CA PRO A 5 7.32 -3.78 13.69
C PRO A 5 6.01 -3.03 13.96
N LEU A 6 5.80 -1.93 13.24
CA LEU A 6 4.60 -1.14 13.39
C LEU A 6 3.50 -1.62 12.46
N ASP A 7 2.29 -1.06 12.62
CA ASP A 7 1.16 -1.44 11.79
C ASP A 7 1.50 -1.27 10.31
N ALA A 8 1.62 -0.02 9.87
CA ALA A 8 1.93 0.27 8.48
C ALA A 8 3.19 -0.47 8.03
N GLU A 9 4.05 -0.79 8.99
CA GLU A 9 5.29 -1.50 8.69
C GLU A 9 5.00 -2.95 8.31
N THR A 10 4.03 -3.56 8.98
CA THR A 10 3.66 -4.94 8.71
C THR A 10 3.22 -5.12 7.26
N ILE A 11 2.25 -4.31 6.83
CA ILE A 11 1.75 -4.38 5.47
C ILE A 11 2.80 -3.91 4.47
N ARG A 12 3.42 -2.77 4.76
CA ARG A 12 4.44 -2.21 3.88
C ARG A 12 5.53 -3.25 3.60
N LYS A 13 6.05 -3.86 4.65
CA LYS A 13 7.09 -4.86 4.51
C LYS A 13 6.56 -6.11 3.81
N LEU A 14 5.31 -6.45 4.08
CA LEU A 14 4.67 -7.61 3.48
C LEU A 14 4.73 -7.53 1.96
N ILE A 15 4.34 -6.39 1.41
CA ILE A 15 4.34 -6.19 -0.03
C ILE A 15 5.77 -6.03 -0.55
N GLU A 16 6.57 -5.26 0.17
CA GLU A 16 7.96 -5.01 -0.22
C GLU A 16 8.70 -6.33 -0.41
N SER A 17 8.40 -7.31 0.43
CA SER A 17 9.03 -8.62 0.37
C SER A 17 8.36 -9.50 -0.68
N GLY A 18 7.03 -9.46 -0.70
CA GLY A 18 6.28 -10.27 -1.65
C GLY A 18 6.63 -9.92 -3.09
N LEU A 19 6.64 -8.64 -3.41
CA LEU A 19 6.96 -8.18 -4.75
C LEU A 19 8.46 -8.26 -5.02
N PRO A 20 8.82 -8.33 -6.31
CA PRO A 20 10.22 -8.42 -6.73
C PRO A 20 10.98 -7.12 -6.49
N GLU A 21 10.49 -6.04 -7.09
CA GLU A 21 11.13 -4.73 -6.93
C GLU A 21 10.08 -3.65 -6.67
N ALA A 22 8.92 -4.06 -6.21
CA ALA A 22 7.83 -3.13 -5.91
C ALA A 22 8.11 -2.35 -4.63
N ARG A 23 8.05 -1.02 -4.72
CA ARG A 23 8.30 -0.17 -3.57
C ARG A 23 6.99 0.32 -2.96
N VAL A 24 6.66 -0.19 -1.78
CA VAL A 24 5.43 0.20 -1.10
C VAL A 24 5.74 0.96 0.19
N ASP A 25 5.02 2.06 0.42
CA ASP A 25 5.21 2.87 1.61
C ASP A 25 3.87 3.25 2.23
N VAL A 26 3.65 2.82 3.46
CA VAL A 26 2.41 3.12 4.17
C VAL A 26 2.67 3.87 5.46
N GLN A 27 1.94 4.96 5.67
CA GLN A 27 2.10 5.77 6.87
C GLN A 27 0.75 6.10 7.50
N GLY A 28 0.56 5.68 8.75
CA GLY A 28 -0.69 5.93 9.43
C GLY A 28 -1.13 4.77 10.30
N GLU A 29 -2.40 4.77 10.69
CA GLU A 29 -2.93 3.71 11.54
C GLU A 29 -4.30 3.25 11.03
N ASP A 30 -4.84 2.23 11.68
CA ASP A 30 -6.14 1.68 11.29
C ASP A 30 -7.27 2.57 11.82
N GLY A 31 -8.36 2.65 11.05
CA GLY A 31 -9.49 3.46 11.46
C GLY A 31 -9.22 4.95 11.32
N VAL A 32 -8.21 5.29 10.54
CA VAL A 32 -7.84 6.69 10.33
C VAL A 32 -7.34 6.91 8.90
N HIS A 33 -7.29 8.18 8.50
CA HIS A 33 -6.83 8.53 7.16
C HIS A 33 -5.32 8.42 7.06
N PHE A 34 -4.85 7.40 6.33
CA PHE A 34 -3.43 7.17 6.16
C PHE A 34 -3.03 7.35 4.69
N GLU A 35 -1.73 7.43 4.45
CA GLU A 35 -1.21 7.59 3.09
C GLU A 35 -0.37 6.39 2.68
N ALA A 36 -0.72 5.81 1.53
CA ALA A 36 0.01 4.64 1.01
C ALA A 36 0.43 4.86 -0.43
N THR A 37 1.74 4.71 -0.69
CA THR A 37 2.27 4.89 -2.02
C THR A 37 2.96 3.62 -2.52
N VAL A 38 2.36 2.97 -3.51
CA VAL A 38 2.92 1.74 -4.07
C VAL A 38 3.40 1.96 -5.50
N VAL A 39 4.57 1.41 -5.82
CA VAL A 39 5.14 1.54 -7.15
C VAL A 39 5.69 0.21 -7.65
N SER A 40 5.18 -0.25 -8.79
CA SER A 40 5.62 -1.51 -9.37
C SER A 40 5.06 -1.69 -10.78
N PRO A 41 5.61 -2.65 -11.52
CA PRO A 41 5.18 -2.95 -12.89
C PRO A 41 3.80 -3.57 -12.94
N ALA A 42 3.37 -4.16 -11.83
CA ALA A 42 2.07 -4.79 -11.75
C ALA A 42 0.98 -3.89 -12.33
N PHE A 43 1.01 -2.62 -11.94
CA PHE A 43 0.03 -1.66 -12.42
C PHE A 43 0.45 -1.08 -13.77
N VAL A 44 1.08 -1.91 -14.60
CA VAL A 44 1.54 -1.48 -15.92
C VAL A 44 0.40 -0.83 -16.70
N GLY A 45 0.69 0.31 -17.31
CA GLY A 45 -0.32 1.01 -18.10
C GLY A 45 -1.47 1.50 -17.25
N LYS A 46 -2.49 0.65 -17.09
CA LYS A 46 -3.65 0.99 -16.30
C LYS A 46 -3.84 0.01 -15.14
N ALA A 47 -3.68 0.50 -13.92
CA ALA A 47 -3.83 -0.33 -12.74
C ALA A 47 -5.22 -0.95 -12.68
N PRO A 48 -5.29 -2.27 -12.93
CA PRO A 48 -6.55 -3.02 -12.90
C PRO A 48 -7.12 -3.14 -11.50
N LEU A 49 -8.39 -3.53 -11.41
CA LEU A 49 -9.07 -3.69 -10.13
C LEU A 49 -8.36 -4.74 -9.28
N ALA A 50 -7.67 -5.67 -9.94
CA ALA A 50 -6.95 -6.73 -9.25
C ALA A 50 -5.86 -6.15 -8.34
N ARG A 51 -5.02 -5.29 -8.91
CA ARG A 51 -3.93 -4.67 -8.15
C ARG A 51 -4.49 -3.67 -7.14
N HIS A 52 -5.49 -2.90 -7.56
CA HIS A 52 -6.11 -1.91 -6.68
C HIS A 52 -6.67 -2.57 -5.43
N ARG A 53 -7.51 -3.58 -5.62
CA ARG A 53 -8.11 -4.28 -4.50
C ARG A 53 -7.06 -5.04 -3.70
N MET A 54 -6.07 -5.59 -4.39
CA MET A 54 -5.00 -6.34 -3.74
C MET A 54 -4.30 -5.49 -2.70
N VAL A 55 -3.95 -4.26 -3.07
CA VAL A 55 -3.27 -3.34 -2.16
C VAL A 55 -4.21 -2.90 -1.05
N TYR A 56 -5.46 -2.63 -1.39
CA TYR A 56 -6.45 -2.19 -0.42
C TYR A 56 -6.67 -3.27 0.65
N ALA A 57 -6.62 -4.52 0.23
CA ALA A 57 -6.82 -5.64 1.15
C ALA A 57 -5.59 -5.86 2.02
N THR A 58 -4.42 -5.86 1.39
CA THR A 58 -3.16 -6.07 2.10
C THR A 58 -2.93 -4.96 3.13
N LEU A 59 -3.38 -3.75 2.81
CA LEU A 59 -3.23 -2.61 3.70
C LEU A 59 -4.35 -2.58 4.74
N GLY A 60 -5.32 -3.47 4.59
CA GLY A 60 -6.44 -3.53 5.52
C GLY A 60 -6.83 -2.16 6.03
N GLU A 61 -7.67 -1.45 5.28
CA GLU A 61 -8.12 -0.12 5.65
C GLU A 61 -9.46 -0.19 6.37
N LEU A 62 -10.32 -1.11 5.94
CA LEU A 62 -11.64 -1.28 6.54
C LEU A 62 -11.58 -2.24 7.72
N MET A 63 -10.37 -2.64 8.09
CA MET A 63 -10.17 -3.54 9.22
C MET A 63 -10.44 -2.83 10.54
N GLY A 64 -10.57 -1.52 10.48
CA GLY A 64 -10.82 -0.74 11.68
C GLY A 64 -11.71 0.47 11.42
N GLY A 65 -11.59 1.03 10.23
CA GLY A 65 -12.40 2.20 9.87
C GLY A 65 -11.86 2.93 8.67
N ALA A 66 -12.38 2.57 7.48
CA ALA A 66 -11.95 3.21 6.24
C ALA A 66 -12.71 4.50 6.00
N ILE A 67 -11.97 5.60 5.84
CA ILE A 67 -12.57 6.90 5.59
C ILE A 67 -12.23 7.41 4.20
N HIS A 68 -12.98 8.41 3.75
CA HIS A 68 -12.76 8.99 2.43
C HIS A 68 -11.55 9.91 2.43
N ALA A 69 -10.49 9.49 3.13
CA ALA A 69 -9.27 10.28 3.22
C ALA A 69 -8.04 9.41 3.00
N LEU A 70 -8.16 8.44 2.09
CA LEU A 70 -7.05 7.54 1.78
C LEU A 70 -6.31 8.00 0.54
N GLN A 71 -4.98 7.88 0.57
CA GLN A 71 -4.15 8.28 -0.56
C GLN A 71 -3.40 7.09 -1.14
N LEU A 72 -3.72 6.75 -2.38
CA LEU A 72 -3.08 5.62 -3.05
C LEU A 72 -2.57 6.02 -4.43
N LYS A 73 -1.38 5.55 -4.78
CA LYS A 73 -0.79 5.86 -6.08
C LYS A 73 -0.17 4.61 -6.70
N THR A 74 -0.73 4.18 -7.83
CA THR A 74 -0.23 2.99 -8.52
C THR A 74 0.39 3.37 -9.86
N LEU A 75 1.73 3.32 -9.92
CA LEU A 75 2.45 3.64 -11.15
C LEU A 75 3.52 2.60 -11.44
N THR A 76 3.98 2.58 -12.69
CA THR A 76 5.00 1.63 -13.11
C THR A 76 6.36 1.98 -12.51
N PRO A 77 7.30 1.02 -12.57
CA PRO A 77 8.64 1.21 -12.03
C PRO A 77 9.47 2.19 -12.86
N ASP A 78 8.95 2.53 -14.04
CA ASP A 78 9.64 3.46 -14.93
C ASP A 78 9.29 4.90 -14.59
N GLU A 79 8.14 5.09 -13.95
CA GLU A 79 7.68 6.42 -13.57
C GLU A 79 7.79 6.63 -12.07
N ALA A 80 8.86 6.10 -11.49
CA ALA A 80 9.09 6.23 -10.05
C ALA A 80 10.24 7.18 -9.76
N MET A 1 14.20 8.61 6.86
CA MET A 1 13.16 8.94 7.82
C MET A 1 13.29 8.09 9.08
N ARG A 2 12.73 8.58 10.19
CA ARG A 2 12.79 7.88 11.45
C ARG A 2 11.39 7.63 12.00
N LYS A 3 10.85 6.45 11.70
CA LYS A 3 9.51 6.09 12.16
C LYS A 3 9.53 4.72 12.85
N ARG A 4 10.14 3.74 12.18
CA ARG A 4 10.22 2.39 12.73
C ARG A 4 8.97 2.04 13.54
N PRO A 5 7.81 2.18 12.89
CA PRO A 5 6.51 1.90 13.54
C PRO A 5 6.32 0.40 13.78
N LEU A 6 5.08 0.02 14.09
CA LEU A 6 4.75 -1.38 14.36
C LEU A 6 3.53 -1.82 13.55
N ASP A 7 2.94 -0.87 12.84
CA ASP A 7 1.76 -1.15 12.02
C ASP A 7 2.08 -1.02 10.54
N ALA A 8 2.19 0.22 10.07
CA ALA A 8 2.49 0.48 8.68
C ALA A 8 3.63 -0.40 8.18
N GLU A 9 4.52 -0.78 9.10
CA GLU A 9 5.66 -1.63 8.76
C GLU A 9 5.21 -3.08 8.52
N THR A 10 4.19 -3.50 9.25
CA THR A 10 3.67 -4.85 9.12
C THR A 10 3.23 -5.14 7.69
N ILE A 11 2.31 -4.32 7.18
CA ILE A 11 1.81 -4.49 5.82
C ILE A 11 2.84 -4.03 4.80
N ARG A 12 3.59 -2.99 5.15
CA ARG A 12 4.62 -2.47 4.26
C ARG A 12 5.69 -3.51 3.97
N LYS A 13 6.13 -4.19 5.02
CA LYS A 13 7.15 -5.22 4.89
C LYS A 13 6.59 -6.46 4.19
N LEU A 14 5.37 -6.83 4.54
CA LEU A 14 4.72 -7.99 3.94
C LEU A 14 4.67 -7.87 2.43
N ILE A 15 4.22 -6.72 1.94
CA ILE A 15 4.13 -6.47 0.51
C ILE A 15 5.52 -6.36 -0.11
N GLU A 16 6.41 -5.64 0.55
CA GLU A 16 7.77 -5.45 0.07
C GLU A 16 8.43 -6.79 -0.22
N SER A 17 8.16 -7.78 0.63
CA SER A 17 8.73 -9.11 0.46
C SER A 17 7.99 -9.89 -0.62
N GLY A 18 6.67 -9.80 -0.60
CA GLY A 18 5.86 -10.51 -1.58
C GLY A 18 6.17 -10.06 -3.01
N LEU A 19 6.16 -8.76 -3.25
CA LEU A 19 6.44 -8.21 -4.56
C LEU A 19 7.94 -8.19 -4.84
N PRO A 20 8.30 -8.16 -6.13
CA PRO A 20 9.71 -8.13 -6.56
C PRO A 20 10.39 -6.80 -6.21
N GLU A 21 10.33 -5.86 -7.15
CA GLU A 21 10.94 -4.55 -6.95
C GLU A 21 9.88 -3.48 -6.73
N ALA A 22 8.78 -3.87 -6.08
CA ALA A 22 7.70 -2.95 -5.79
C ALA A 22 7.96 -2.16 -4.52
N ARG A 23 7.91 -0.83 -4.63
CA ARG A 23 8.15 0.04 -3.48
C ARG A 23 6.84 0.38 -2.78
N VAL A 24 6.65 -0.18 -1.59
CA VAL A 24 5.45 0.07 -0.81
C VAL A 24 5.74 0.93 0.42
N ASP A 25 5.06 2.06 0.52
CA ASP A 25 5.26 2.97 1.65
C ASP A 25 3.92 3.44 2.20
N VAL A 26 3.66 3.11 3.47
CA VAL A 26 2.42 3.50 4.12
C VAL A 26 2.69 4.20 5.45
N GLN A 27 2.01 5.33 5.66
CA GLN A 27 2.18 6.10 6.89
C GLN A 27 0.83 6.49 7.47
N GLY A 28 0.57 6.05 8.70
CA GLY A 28 -0.69 6.36 9.36
C GLY A 28 -1.12 5.28 10.33
N GLU A 29 -2.41 4.99 10.35
CA GLU A 29 -2.96 3.98 11.26
C GLU A 29 -4.29 3.45 10.74
N ASP A 30 -4.86 2.49 11.46
CA ASP A 30 -6.13 1.91 11.08
C ASP A 30 -7.30 2.77 11.56
N GLY A 31 -8.35 2.85 10.75
CA GLY A 31 -9.51 3.64 11.12
C GLY A 31 -9.25 5.13 11.04
N VAL A 32 -8.19 5.51 10.33
CA VAL A 32 -7.83 6.92 10.18
C VAL A 32 -7.31 7.20 8.78
N HIS A 33 -7.27 8.48 8.42
CA HIS A 33 -6.79 8.89 7.10
C HIS A 33 -5.27 8.80 7.01
N PHE A 34 -4.79 7.79 6.29
CA PHE A 34 -3.35 7.59 6.12
C PHE A 34 -2.95 7.69 4.66
N GLU A 35 -1.65 7.79 4.41
CA GLU A 35 -1.13 7.90 3.05
C GLU A 35 -0.25 6.69 2.70
N ALA A 36 -0.64 5.98 1.65
CA ALA A 36 0.12 4.81 1.21
C ALA A 36 0.44 4.89 -0.28
N THR A 37 1.74 4.96 -0.59
CA THR A 37 2.19 5.05 -1.97
C THR A 37 2.90 3.77 -2.41
N VAL A 38 2.35 3.12 -3.43
CA VAL A 38 2.94 1.88 -3.94
C VAL A 38 3.26 2.00 -5.43
N VAL A 39 4.49 1.67 -5.78
CA VAL A 39 4.94 1.74 -7.17
C VAL A 39 5.50 0.41 -7.63
N SER A 40 4.93 -0.15 -8.70
CA SER A 40 5.37 -1.43 -9.24
C SER A 40 4.83 -1.63 -10.65
N PRO A 41 5.38 -2.64 -11.34
CA PRO A 41 4.98 -2.97 -12.72
C PRO A 41 3.56 -3.55 -12.78
N ALA A 42 3.10 -4.08 -11.66
CA ALA A 42 1.76 -4.66 -11.59
C ALA A 42 0.73 -3.75 -12.24
N PHE A 43 0.78 -2.46 -11.92
CA PHE A 43 -0.14 -1.48 -12.47
C PHE A 43 0.36 -0.95 -13.81
N VAL A 44 0.99 -1.82 -14.58
CA VAL A 44 1.52 -1.44 -15.89
C VAL A 44 0.45 -0.76 -16.74
N GLY A 45 0.75 0.45 -17.20
CA GLY A 45 -0.19 1.19 -18.03
C GLY A 45 -1.46 1.52 -17.27
N LYS A 46 -2.32 0.52 -17.08
CA LYS A 46 -3.59 0.72 -16.38
C LYS A 46 -3.66 -0.17 -15.14
N ALA A 47 -4.20 0.39 -14.06
CA ALA A 47 -4.33 -0.35 -12.81
C ALA A 47 -5.76 -0.87 -12.62
N PRO A 48 -5.97 -2.15 -12.98
CA PRO A 48 -7.28 -2.79 -12.85
C PRO A 48 -7.69 -3.02 -11.40
N LEU A 49 -8.92 -3.48 -11.20
CA LEU A 49 -9.43 -3.73 -9.86
C LEU A 49 -8.55 -4.74 -9.13
N ALA A 50 -7.88 -5.59 -9.89
CA ALA A 50 -7.00 -6.60 -9.31
C ALA A 50 -5.90 -5.95 -8.47
N ARG A 51 -5.17 -5.01 -9.07
CA ARG A 51 -4.10 -4.32 -8.38
C ARG A 51 -4.65 -3.40 -7.30
N HIS A 52 -5.72 -2.68 -7.62
CA HIS A 52 -6.34 -1.77 -6.66
C HIS A 52 -6.77 -2.51 -5.40
N ARG A 53 -7.56 -3.57 -5.59
CA ARG A 53 -8.04 -4.37 -4.47
C ARG A 53 -6.89 -5.08 -3.76
N MET A 54 -5.90 -5.50 -4.53
CA MET A 54 -4.74 -6.19 -3.98
C MET A 54 -4.03 -5.33 -2.94
N VAL A 55 -3.83 -4.06 -3.28
CA VAL A 55 -3.17 -3.12 -2.38
C VAL A 55 -4.05 -2.80 -1.18
N TYR A 56 -5.35 -2.65 -1.42
CA TYR A 56 -6.30 -2.33 -0.37
C TYR A 56 -6.45 -3.51 0.59
N ALA A 57 -6.37 -4.72 0.05
CA ALA A 57 -6.50 -5.93 0.86
C ALA A 57 -5.23 -6.18 1.66
N THR A 58 -4.08 -6.08 1.00
CA THR A 58 -2.80 -6.30 1.66
C THR A 58 -2.57 -5.29 2.77
N LEU A 59 -2.96 -4.06 2.53
CA LEU A 59 -2.81 -2.99 3.51
C LEU A 59 -3.94 -3.01 4.54
N GLY A 60 -4.85 -3.97 4.37
CA GLY A 60 -5.96 -4.09 5.29
C GLY A 60 -6.45 -2.74 5.78
N GLU A 61 -7.42 -2.17 5.07
CA GLU A 61 -7.98 -0.87 5.43
C GLU A 61 -9.26 -1.05 6.23
N LEU A 62 -10.00 -2.10 5.95
CA LEU A 62 -11.26 -2.38 6.64
C LEU A 62 -10.99 -3.00 8.01
N MET A 63 -9.73 -2.99 8.43
CA MET A 63 -9.34 -3.55 9.71
C MET A 63 -9.79 -2.63 10.86
N GLY A 64 -10.18 -1.41 10.51
CA GLY A 64 -10.63 -0.47 11.52
C GLY A 64 -11.64 0.51 10.98
N GLY A 65 -11.51 0.87 9.71
CA GLY A 65 -12.44 1.81 9.10
C GLY A 65 -11.81 2.59 7.96
N ALA A 66 -12.09 2.18 6.74
CA ALA A 66 -11.54 2.87 5.56
C ALA A 66 -12.37 4.10 5.20
N ILE A 67 -11.72 5.25 5.16
CA ILE A 67 -12.39 6.49 4.82
C ILE A 67 -11.92 7.05 3.48
N HIS A 68 -12.69 7.97 2.92
CA HIS A 68 -12.34 8.57 1.64
C HIS A 68 -11.07 9.43 1.76
N ALA A 69 -10.56 9.54 2.98
CA ALA A 69 -9.36 10.32 3.24
C ALA A 69 -8.10 9.47 3.04
N LEU A 70 -8.19 8.49 2.15
CA LEU A 70 -7.07 7.61 1.87
C LEU A 70 -6.32 8.06 0.63
N GLN A 71 -4.99 8.10 0.72
CA GLN A 71 -4.16 8.51 -0.40
C GLN A 71 -3.38 7.33 -0.97
N LEU A 72 -3.68 6.99 -2.22
CA LEU A 72 -3.01 5.87 -2.88
C LEU A 72 -2.57 6.26 -4.29
N LYS A 73 -1.37 5.82 -4.67
CA LYS A 73 -0.84 6.12 -5.99
C LYS A 73 -0.20 4.87 -6.61
N THR A 74 -0.78 4.40 -7.71
CA THR A 74 -0.26 3.23 -8.40
C THR A 74 0.40 3.61 -9.72
N LEU A 75 1.73 3.54 -9.75
CA LEU A 75 2.48 3.88 -10.95
C LEU A 75 3.49 2.79 -11.30
N THR A 76 3.95 2.77 -12.54
CA THR A 76 4.92 1.77 -12.99
C THR A 76 6.29 2.04 -12.39
N PRO A 77 7.16 1.02 -12.45
CA PRO A 77 8.52 1.11 -11.91
C PRO A 77 9.41 2.03 -12.75
N ASP A 78 8.99 2.29 -13.99
CA ASP A 78 9.74 3.15 -14.89
C ASP A 78 9.70 4.60 -14.41
N GLU A 79 8.56 5.00 -13.87
CA GLU A 79 8.39 6.36 -13.37
C GLU A 79 9.29 6.62 -12.17
N ALA A 80 9.41 5.64 -11.29
CA ALA A 80 10.24 5.76 -10.11
C ALA A 80 11.72 5.89 -10.48
N MET A 1 14.14 -2.26 23.38
CA MET A 1 13.72 -1.12 22.55
C MET A 1 12.87 -1.60 21.38
N ARG A 2 11.83 -0.83 21.06
CA ARG A 2 10.94 -1.17 19.96
C ARG A 2 10.22 -2.48 20.23
N LYS A 3 9.54 -2.55 21.37
CA LYS A 3 8.81 -3.75 21.76
C LYS A 3 7.30 -3.53 21.59
N ARG A 4 6.91 -3.01 20.44
CA ARG A 4 5.50 -2.76 20.14
C ARG A 4 5.17 -3.08 18.69
N PRO A 5 3.98 -3.63 18.47
CA PRO A 5 3.51 -4.00 17.12
C PRO A 5 3.23 -2.78 16.26
N LEU A 6 3.48 -2.92 14.95
CA LEU A 6 3.25 -1.82 14.01
C LEU A 6 2.06 -2.11 13.10
N ASP A 7 1.82 -1.23 12.15
CA ASP A 7 0.72 -1.40 11.21
C ASP A 7 1.20 -1.23 9.77
N ALA A 8 1.49 0.00 9.38
CA ALA A 8 1.95 0.30 8.04
C ALA A 8 3.25 -0.44 7.73
N GLU A 9 4.05 -0.68 8.76
CA GLU A 9 5.32 -1.38 8.61
C GLU A 9 5.09 -2.85 8.29
N THR A 10 4.08 -3.43 8.93
CA THR A 10 3.76 -4.84 8.71
C THR A 10 3.33 -5.10 7.27
N ILE A 11 2.34 -4.34 6.81
CA ILE A 11 1.85 -4.48 5.45
C ILE A 11 2.91 -4.10 4.43
N ARG A 12 3.63 -3.02 4.70
CA ARG A 12 4.68 -2.56 3.81
C ARG A 12 5.77 -3.61 3.64
N LYS A 13 6.19 -4.19 4.77
CA LYS A 13 7.22 -5.23 4.74
C LYS A 13 6.75 -6.46 3.98
N LEU A 14 5.50 -6.84 4.20
CA LEU A 14 4.93 -8.00 3.53
C LEU A 14 4.97 -7.83 2.01
N ILE A 15 4.52 -6.68 1.53
CA ILE A 15 4.52 -6.40 0.11
C ILE A 15 5.94 -6.36 -0.44
N GLU A 16 6.83 -5.66 0.25
CA GLU A 16 8.22 -5.55 -0.16
C GLU A 16 8.83 -6.94 -0.38
N SER A 17 8.57 -7.85 0.54
CA SER A 17 9.10 -9.20 0.46
C SER A 17 8.46 -9.96 -0.70
N GLY A 18 7.15 -9.80 -0.86
CA GLY A 18 6.45 -10.48 -1.94
C GLY A 18 6.88 -9.99 -3.30
N LEU A 19 6.75 -8.70 -3.54
CA LEU A 19 7.13 -8.10 -4.81
C LEU A 19 8.64 -8.04 -4.97
N PRO A 20 9.11 -8.01 -6.22
CA PRO A 20 10.54 -7.96 -6.54
C PRO A 20 11.17 -6.62 -6.15
N GLU A 21 11.17 -5.69 -7.10
CA GLU A 21 11.75 -4.36 -6.87
C GLU A 21 10.65 -3.33 -6.64
N ALA A 22 9.54 -3.77 -6.06
CA ALA A 22 8.42 -2.88 -5.79
C ALA A 22 8.65 -2.06 -4.53
N ARG A 23 8.43 -0.76 -4.63
CA ARG A 23 8.62 0.14 -3.49
C ARG A 23 7.28 0.51 -2.86
N VAL A 24 7.07 0.06 -1.63
CA VAL A 24 5.83 0.35 -0.91
C VAL A 24 6.09 1.20 0.33
N ASP A 25 5.37 2.32 0.43
CA ASP A 25 5.53 3.22 1.57
C ASP A 25 4.16 3.65 2.11
N VAL A 26 3.89 3.31 3.36
CA VAL A 26 2.63 3.67 3.99
C VAL A 26 2.85 4.38 5.32
N GLN A 27 2.09 5.45 5.54
CA GLN A 27 2.21 6.22 6.78
C GLN A 27 0.84 6.49 7.38
N GLY A 28 0.63 6.03 8.61
CA GLY A 28 -0.64 6.23 9.28
C GLY A 28 -1.05 5.04 10.12
N GLU A 29 -2.32 4.65 10.00
CA GLU A 29 -2.83 3.50 10.75
C GLU A 29 -4.23 3.12 10.25
N ASP A 30 -4.69 1.94 10.65
CA ASP A 30 -6.01 1.46 10.26
C ASP A 30 -7.10 2.22 10.98
N GLY A 31 -8.28 2.28 10.36
CA GLY A 31 -9.40 2.98 10.96
C GLY A 31 -9.23 4.49 10.93
N VAL A 32 -8.09 4.93 10.42
CA VAL A 32 -7.81 6.36 10.33
C VAL A 32 -7.34 6.74 8.93
N HIS A 33 -7.35 8.04 8.64
CA HIS A 33 -6.92 8.54 7.33
C HIS A 33 -5.39 8.48 7.21
N PHE A 34 -4.91 7.58 6.36
CA PHE A 34 -3.48 7.42 6.15
C PHE A 34 -3.13 7.48 4.66
N GLU A 35 -1.85 7.62 4.37
CA GLU A 35 -1.39 7.70 2.98
C GLU A 35 -0.47 6.54 2.65
N ALA A 36 -0.79 5.82 1.58
CA ALA A 36 0.02 4.67 1.15
C ALA A 36 0.39 4.78 -0.32
N THR A 37 1.69 4.92 -0.60
CA THR A 37 2.17 5.04 -1.96
C THR A 37 2.94 3.79 -2.39
N VAL A 38 2.36 3.02 -3.30
CA VAL A 38 2.99 1.81 -3.79
C VAL A 38 3.43 1.96 -5.23
N VAL A 39 4.60 1.41 -5.55
CA VAL A 39 5.14 1.48 -6.91
C VAL A 39 5.65 0.12 -7.38
N SER A 40 5.05 -0.40 -8.44
CA SER A 40 5.43 -1.70 -8.97
C SER A 40 4.92 -1.86 -10.41
N PRO A 41 5.56 -2.78 -11.16
CA PRO A 41 5.18 -3.05 -12.56
C PRO A 41 3.83 -3.74 -12.66
N ALA A 42 3.35 -4.26 -11.54
CA ALA A 42 2.05 -4.95 -11.52
C ALA A 42 0.99 -4.14 -12.25
N PHE A 43 0.90 -2.85 -11.93
CA PHE A 43 -0.08 -1.98 -12.55
C PHE A 43 0.44 -1.45 -13.89
N VAL A 44 1.19 -2.29 -14.60
CA VAL A 44 1.74 -1.90 -15.89
C VAL A 44 0.67 -1.34 -16.81
N GLY A 45 0.96 -0.18 -17.41
CA GLY A 45 0.01 0.45 -18.30
C GLY A 45 -1.26 0.88 -17.59
N LYS A 46 -2.14 -0.07 -17.31
CA LYS A 46 -3.39 0.22 -16.63
C LYS A 46 -3.52 -0.60 -15.36
N ALA A 47 -4.05 0.02 -14.30
CA ALA A 47 -4.23 -0.66 -13.03
C ALA A 47 -5.69 -1.03 -12.80
N PRO A 48 -6.02 -2.31 -13.07
CA PRO A 48 -7.39 -2.82 -12.90
C PRO A 48 -7.79 -2.92 -11.44
N LEU A 49 -9.08 -3.17 -11.20
CA LEU A 49 -9.60 -3.29 -9.85
C LEU A 49 -8.85 -4.37 -9.07
N ALA A 50 -8.33 -5.35 -9.79
CA ALA A 50 -7.58 -6.45 -9.18
C ALA A 50 -6.41 -5.91 -8.36
N ARG A 51 -5.58 -5.08 -8.99
CA ARG A 51 -4.42 -4.51 -8.31
C ARG A 51 -4.85 -3.50 -7.26
N HIS A 52 -5.82 -2.65 -7.62
CA HIS A 52 -6.32 -1.63 -6.71
C HIS A 52 -6.82 -2.26 -5.41
N ARG A 53 -7.72 -3.24 -5.54
CA ARG A 53 -8.28 -3.92 -4.38
C ARG A 53 -7.21 -4.73 -3.66
N MET A 54 -6.32 -5.34 -4.43
CA MET A 54 -5.24 -6.16 -3.86
C MET A 54 -4.44 -5.36 -2.84
N VAL A 55 -4.02 -4.16 -3.24
CA VAL A 55 -3.24 -3.30 -2.35
C VAL A 55 -4.08 -2.82 -1.17
N TYR A 56 -5.33 -2.44 -1.45
CA TYR A 56 -6.23 -1.97 -0.41
C TYR A 56 -6.50 -3.05 0.62
N ALA A 57 -6.59 -4.29 0.15
CA ALA A 57 -6.85 -5.43 1.02
C ALA A 57 -5.60 -5.80 1.81
N THR A 58 -4.44 -5.67 1.18
CA THR A 58 -3.17 -5.99 1.82
C THR A 58 -2.83 -4.98 2.91
N LEU A 59 -3.27 -3.74 2.72
CA LEU A 59 -3.01 -2.68 3.70
C LEU A 59 -4.11 -2.64 4.75
N GLY A 60 -5.19 -3.38 4.51
CA GLY A 60 -6.29 -3.42 5.46
C GLY A 60 -6.70 -2.04 5.93
N GLU A 61 -7.59 -1.40 5.17
CA GLU A 61 -8.06 -0.06 5.51
C GLU A 61 -9.52 -0.09 5.94
N LEU A 62 -10.35 -0.77 5.14
CA LEU A 62 -11.77 -0.87 5.45
C LEU A 62 -12.03 -1.93 6.52
N MET A 63 -10.96 -2.58 6.96
CA MET A 63 -11.06 -3.61 7.99
C MET A 63 -11.03 -2.99 9.38
N GLY A 64 -10.65 -1.72 9.45
CA GLY A 64 -10.57 -1.04 10.74
C GLY A 64 -11.64 0.01 10.88
N GLY A 65 -12.04 0.62 9.76
CA GLY A 65 -13.06 1.65 9.79
C GLY A 65 -12.49 3.04 9.65
N ALA A 66 -11.69 3.25 8.60
CA ALA A 66 -11.08 4.55 8.36
C ALA A 66 -12.01 5.46 7.55
N ILE A 67 -11.78 6.76 7.65
CA ILE A 67 -12.60 7.73 6.93
C ILE A 67 -12.32 7.68 5.43
N HIS A 68 -13.20 8.30 4.65
CA HIS A 68 -13.05 8.31 3.20
C HIS A 68 -11.95 9.29 2.79
N ALA A 69 -10.79 9.17 3.43
CA ALA A 69 -9.66 10.03 3.12
C ALA A 69 -8.39 9.22 2.92
N LEU A 70 -8.46 8.22 2.06
CA LEU A 70 -7.31 7.36 1.77
C LEU A 70 -6.59 7.81 0.50
N GLN A 71 -5.27 7.93 0.59
CA GLN A 71 -4.47 8.36 -0.55
C GLN A 71 -3.59 7.23 -1.04
N LEU A 72 -3.84 6.77 -2.27
CA LEU A 72 -3.06 5.69 -2.85
C LEU A 72 -2.78 5.95 -4.33
N LYS A 73 -1.56 5.66 -4.75
CA LYS A 73 -1.17 5.87 -6.15
C LYS A 73 -0.37 4.67 -6.67
N THR A 74 -0.93 3.97 -7.65
CA THR A 74 -0.27 2.81 -8.23
C THR A 74 0.38 3.16 -9.56
N LEU A 75 1.71 3.25 -9.56
CA LEU A 75 2.46 3.58 -10.77
C LEU A 75 3.51 2.52 -11.06
N THR A 76 4.00 2.50 -12.30
CA THR A 76 5.02 1.54 -12.70
C THR A 76 6.37 1.86 -12.06
N PRO A 77 7.29 0.88 -12.10
CA PRO A 77 8.62 1.03 -11.52
C PRO A 77 9.49 2.00 -12.31
N ASP A 78 9.09 2.26 -13.56
CA ASP A 78 9.83 3.17 -14.41
C ASP A 78 9.56 4.62 -14.02
N GLU A 79 8.37 4.88 -13.49
CA GLU A 79 7.99 6.23 -13.07
C GLU A 79 8.60 6.56 -11.71
N ALA A 80 9.42 5.66 -11.19
CA ALA A 80 10.06 5.86 -9.90
C ALA A 80 11.39 6.59 -10.05
N MET A 1 16.83 -6.38 18.89
CA MET A 1 17.27 -7.39 17.93
C MET A 1 16.41 -7.35 16.67
N ARG A 2 15.09 -7.25 16.86
CA ARG A 2 14.17 -7.21 15.74
C ARG A 2 13.24 -6.00 15.84
N LYS A 3 12.66 -5.59 14.72
CA LYS A 3 11.75 -4.45 14.69
C LYS A 3 10.34 -4.87 15.09
N ARG A 4 9.64 -3.98 15.79
CA ARG A 4 8.28 -4.25 16.23
C ARG A 4 7.27 -3.52 15.35
N PRO A 5 6.73 -4.25 14.35
CA PRO A 5 5.75 -3.69 13.41
C PRO A 5 4.40 -3.44 14.08
N LEU A 6 3.59 -2.59 13.46
CA LEU A 6 2.27 -2.25 13.99
C LEU A 6 1.21 -2.35 12.90
N ASP A 7 1.18 -1.36 12.03
CA ASP A 7 0.21 -1.34 10.93
C ASP A 7 0.91 -1.12 9.59
N ALA A 8 1.45 0.08 9.40
CA ALA A 8 2.14 0.41 8.16
C ALA A 8 3.43 -0.39 8.02
N GLU A 9 4.01 -0.78 9.15
CA GLU A 9 5.25 -1.55 9.14
C GLU A 9 4.99 -2.99 8.70
N THR A 10 3.96 -3.60 9.28
CA THR A 10 3.61 -4.98 8.94
C THR A 10 3.22 -5.10 7.47
N ILE A 11 2.40 -4.17 7.00
CA ILE A 11 1.95 -4.17 5.61
C ILE A 11 3.09 -3.82 4.66
N ARG A 12 3.93 -2.87 5.07
CA ARG A 12 5.06 -2.44 4.27
C ARG A 12 6.02 -3.60 4.01
N LYS A 13 6.36 -4.31 5.08
CA LYS A 13 7.27 -5.45 4.97
C LYS A 13 6.61 -6.61 4.23
N LEU A 14 5.32 -6.82 4.51
CA LEU A 14 4.58 -7.90 3.86
C LEU A 14 4.62 -7.76 2.34
N ILE A 15 4.33 -6.55 1.85
CA ILE A 15 4.33 -6.29 0.42
C ILE A 15 5.75 -6.29 -0.13
N GLU A 16 6.66 -5.62 0.57
CA GLU A 16 8.06 -5.56 0.15
C GLU A 16 8.63 -6.96 -0.07
N SER A 17 8.21 -7.90 0.78
CA SER A 17 8.68 -9.27 0.68
C SER A 17 7.95 -10.03 -0.42
N GLY A 18 6.64 -9.80 -0.52
CA GLY A 18 5.83 -10.45 -1.52
C GLY A 18 6.22 -10.05 -2.93
N LEU A 19 6.20 -8.75 -3.20
CA LEU A 19 6.55 -8.22 -4.51
C LEU A 19 8.06 -8.24 -4.72
N PRO A 20 8.48 -8.19 -5.99
CA PRO A 20 9.91 -8.19 -6.34
C PRO A 20 10.60 -6.89 -5.98
N GLU A 21 10.62 -5.94 -6.90
CA GLU A 21 11.25 -4.65 -6.67
C GLU A 21 10.20 -3.56 -6.50
N ALA A 22 9.04 -3.94 -5.98
CA ALA A 22 7.95 -2.99 -5.75
C ALA A 22 8.20 -2.17 -4.50
N ARG A 23 8.05 -0.84 -4.62
CA ARG A 23 8.26 0.06 -3.51
C ARG A 23 6.93 0.41 -2.84
N VAL A 24 6.77 -0.01 -1.59
CA VAL A 24 5.55 0.26 -0.84
C VAL A 24 5.83 1.10 0.40
N ASP A 25 5.13 2.21 0.52
CA ASP A 25 5.31 3.10 1.67
C ASP A 25 3.96 3.55 2.23
N VAL A 26 3.70 3.21 3.49
CA VAL A 26 2.46 3.57 4.13
C VAL A 26 2.72 4.33 5.44
N GLN A 27 1.96 5.41 5.64
CA GLN A 27 2.12 6.23 6.83
C GLN A 27 0.76 6.55 7.45
N GLY A 28 0.58 6.18 8.71
CA GLY A 28 -0.68 6.44 9.40
C GLY A 28 -1.08 5.30 10.31
N GLU A 29 -2.35 4.92 10.24
CA GLU A 29 -2.86 3.84 11.08
C GLU A 29 -4.20 3.32 10.54
N ASP A 30 -4.56 2.11 10.94
CA ASP A 30 -5.81 1.49 10.50
C ASP A 30 -7.01 2.24 11.07
N GLY A 31 -8.10 2.28 10.31
CA GLY A 31 -9.30 2.96 10.75
C GLY A 31 -9.17 4.47 10.68
N VAL A 32 -7.96 4.94 10.38
CA VAL A 32 -7.70 6.37 10.29
C VAL A 32 -7.24 6.75 8.89
N HIS A 33 -7.25 8.05 8.60
CA HIS A 33 -6.83 8.55 7.30
C HIS A 33 -5.32 8.48 7.16
N PHE A 34 -4.85 7.53 6.35
CA PHE A 34 -3.41 7.36 6.13
C PHE A 34 -3.08 7.47 4.64
N GLU A 35 -1.79 7.59 4.34
CA GLU A 35 -1.34 7.69 2.95
C GLU A 35 -0.50 6.47 2.56
N ALA A 36 -0.87 5.85 1.44
CA ALA A 36 -0.16 4.68 0.95
C ALA A 36 0.31 4.89 -0.48
N THR A 37 1.62 4.77 -0.68
CA THR A 37 2.21 4.94 -2.00
C THR A 37 2.96 3.69 -2.45
N VAL A 38 2.41 3.00 -3.44
CA VAL A 38 3.03 1.79 -3.96
C VAL A 38 3.35 1.93 -5.44
N VAL A 39 4.59 1.60 -5.80
CA VAL A 39 5.03 1.69 -7.19
C VAL A 39 5.63 0.36 -7.65
N SER A 40 5.02 -0.23 -8.68
CA SER A 40 5.49 -1.50 -9.21
C SER A 40 4.92 -1.74 -10.61
N PRO A 41 5.45 -2.77 -11.30
CA PRO A 41 5.01 -3.13 -12.65
C PRO A 41 3.60 -3.71 -12.67
N ALA A 42 3.17 -4.21 -11.51
CA ALA A 42 1.84 -4.81 -11.39
C ALA A 42 0.79 -3.95 -12.10
N PHE A 43 0.75 -2.67 -11.75
CA PHE A 43 -0.22 -1.75 -12.36
C PHE A 43 0.28 -1.25 -13.71
N VAL A 44 0.92 -2.14 -14.46
CA VAL A 44 1.44 -1.80 -15.78
C VAL A 44 0.38 -1.12 -16.64
N GLY A 45 0.71 0.05 -17.18
CA GLY A 45 -0.22 0.78 -18.01
C GLY A 45 -1.43 1.27 -17.23
N LYS A 46 -2.36 0.37 -16.97
CA LYS A 46 -3.58 0.72 -16.23
C LYS A 46 -3.71 -0.14 -14.98
N ALA A 47 -4.19 0.47 -13.89
CA ALA A 47 -4.36 -0.25 -12.64
C ALA A 47 -5.83 -0.64 -12.43
N PRO A 48 -6.14 -1.91 -12.74
CA PRO A 48 -7.50 -2.45 -12.61
C PRO A 48 -7.92 -2.59 -11.15
N LEU A 49 -9.21 -2.79 -10.94
CA LEU A 49 -9.75 -2.94 -9.58
C LEU A 49 -9.02 -4.05 -8.84
N ALA A 50 -8.45 -4.99 -9.59
CA ALA A 50 -7.73 -6.10 -8.99
C ALA A 50 -6.53 -5.61 -8.17
N ARG A 51 -5.71 -4.77 -8.79
CA ARG A 51 -4.53 -4.23 -8.11
C ARG A 51 -4.93 -3.21 -7.06
N HIS A 52 -5.96 -2.42 -7.36
CA HIS A 52 -6.44 -1.39 -6.45
C HIS A 52 -6.94 -2.03 -5.14
N ARG A 53 -7.79 -3.04 -5.27
CA ARG A 53 -8.33 -3.73 -4.11
C ARG A 53 -7.25 -4.55 -3.40
N MET A 54 -6.41 -5.19 -4.20
CA MET A 54 -5.34 -6.02 -3.66
C MET A 54 -4.47 -5.22 -2.68
N VAL A 55 -4.03 -4.05 -3.12
CA VAL A 55 -3.20 -3.19 -2.29
C VAL A 55 -3.97 -2.67 -1.09
N TYR A 56 -5.20 -2.23 -1.34
CA TYR A 56 -6.06 -1.71 -0.28
C TYR A 56 -6.21 -2.71 0.86
N ALA A 57 -6.34 -3.98 0.50
CA ALA A 57 -6.49 -5.05 1.48
C ALA A 57 -5.16 -5.37 2.15
N THR A 58 -4.08 -5.35 1.36
CA THR A 58 -2.75 -5.64 1.87
C THR A 58 -2.29 -4.56 2.85
N LEU A 59 -2.87 -3.37 2.72
CA LEU A 59 -2.52 -2.26 3.61
C LEU A 59 -3.50 -2.15 4.77
N GLY A 60 -4.49 -3.05 4.78
CA GLY A 60 -5.48 -3.04 5.84
C GLY A 60 -6.57 -2.01 5.61
N GLU A 61 -7.38 -2.22 4.57
CA GLU A 61 -8.46 -1.30 4.24
C GLU A 61 -9.62 -1.47 5.22
N LEU A 62 -10.25 -2.64 5.16
CA LEU A 62 -11.39 -2.92 6.04
C LEU A 62 -10.92 -3.48 7.38
N MET A 63 -9.61 -3.41 7.61
CA MET A 63 -9.03 -3.90 8.86
C MET A 63 -9.38 -2.97 10.02
N GLY A 64 -9.86 -1.78 9.69
CA GLY A 64 -10.23 -0.82 10.73
C GLY A 64 -11.36 0.08 10.30
N GLY A 65 -11.40 0.42 9.01
CA GLY A 65 -12.45 1.29 8.50
C GLY A 65 -11.90 2.41 7.65
N ALA A 66 -11.37 2.06 6.48
CA ALA A 66 -10.82 3.05 5.57
C ALA A 66 -11.88 4.07 5.15
N ILE A 67 -11.52 5.35 5.22
CA ILE A 67 -12.45 6.42 4.85
C ILE A 67 -11.99 7.12 3.57
N HIS A 68 -12.91 7.85 2.95
CA HIS A 68 -12.60 8.57 1.71
C HIS A 68 -11.31 9.36 1.85
N ALA A 69 -10.88 9.59 3.09
CA ALA A 69 -9.65 10.32 3.35
C ALA A 69 -8.43 9.43 3.17
N LEU A 70 -8.42 8.67 2.09
CA LEU A 70 -7.30 7.77 1.79
C LEU A 70 -6.56 8.22 0.54
N GLN A 71 -5.25 8.01 0.53
CA GLN A 71 -4.42 8.39 -0.62
C GLN A 71 -3.63 7.20 -1.13
N LEU A 72 -3.92 6.80 -2.36
CA LEU A 72 -3.22 5.66 -2.98
C LEU A 72 -2.58 6.07 -4.30
N LYS A 73 -1.39 5.54 -4.56
CA LYS A 73 -0.67 5.85 -5.79
C LYS A 73 -0.14 4.57 -6.43
N THR A 74 -0.65 4.25 -7.62
CA THR A 74 -0.23 3.05 -8.35
C THR A 74 0.39 3.41 -9.68
N LEU A 75 1.71 3.31 -9.78
CA LEU A 75 2.42 3.62 -11.01
C LEU A 75 3.45 2.54 -11.33
N THR A 76 3.88 2.50 -12.59
CA THR A 76 4.87 1.52 -13.03
C THR A 76 6.26 1.86 -12.48
N PRO A 77 7.16 0.87 -12.53
CA PRO A 77 8.53 1.04 -12.04
C PRO A 77 9.36 1.97 -12.93
N ASP A 78 8.89 2.16 -14.16
CA ASP A 78 9.58 3.03 -15.11
C ASP A 78 9.49 4.48 -14.68
N GLU A 79 8.36 4.86 -14.11
CA GLU A 79 8.14 6.23 -13.65
C GLU A 79 9.10 6.58 -12.52
N ALA A 80 9.36 5.62 -11.64
CA ALA A 80 10.26 5.82 -10.52
C ALA A 80 11.69 6.09 -11.00
N MET A 1 11.10 9.55 21.39
CA MET A 1 10.69 9.78 20.01
C MET A 1 10.76 8.49 19.19
N ARG A 2 9.59 7.93 18.88
CA ARG A 2 9.54 6.70 18.11
C ARG A 2 9.45 7.00 16.61
N LYS A 3 10.13 6.19 15.81
CA LYS A 3 10.14 6.37 14.36
C LYS A 3 9.60 5.13 13.66
N ARG A 4 10.30 4.00 13.82
CA ARG A 4 9.90 2.74 13.21
C ARG A 4 8.41 2.48 13.43
N PRO A 5 7.63 2.47 12.34
CA PRO A 5 6.19 2.23 12.39
C PRO A 5 5.86 0.80 12.77
N LEU A 6 4.61 0.57 13.19
CA LEU A 6 4.16 -0.76 13.58
C LEU A 6 3.16 -1.31 12.57
N ASP A 7 1.98 -0.70 12.53
CA ASP A 7 0.92 -1.13 11.60
C ASP A 7 1.38 -0.98 10.15
N ALA A 8 1.77 0.24 9.78
CA ALA A 8 2.23 0.50 8.43
C ALA A 8 3.44 -0.34 8.07
N GLU A 9 4.20 -0.73 9.11
CA GLU A 9 5.39 -1.55 8.90
C GLU A 9 5.02 -2.96 8.48
N THR A 10 3.96 -3.50 9.08
CA THR A 10 3.51 -4.84 8.77
C THR A 10 3.08 -4.96 7.31
N ILE A 11 2.19 -4.07 6.89
CA ILE A 11 1.71 -4.08 5.51
C ILE A 11 2.82 -3.70 4.54
N ARG A 12 3.56 -2.65 4.87
CA ARG A 12 4.65 -2.19 4.03
C ARG A 12 5.62 -3.32 3.72
N LYS A 13 6.07 -4.01 4.77
CA LYS A 13 6.99 -5.13 4.61
C LYS A 13 6.32 -6.30 3.91
N LEU A 14 5.04 -6.50 4.17
CA LEU A 14 4.28 -7.58 3.56
C LEU A 14 4.35 -7.50 2.04
N ILE A 15 4.06 -6.31 1.50
CA ILE A 15 4.10 -6.09 0.06
C ILE A 15 5.53 -6.09 -0.46
N GLU A 16 6.42 -5.42 0.26
CA GLU A 16 7.82 -5.33 -0.13
C GLU A 16 8.41 -6.72 -0.33
N SER A 17 7.99 -7.66 0.50
CA SER A 17 8.48 -9.03 0.43
C SER A 17 7.74 -9.81 -0.67
N GLY A 18 6.43 -9.64 -0.72
CA GLY A 18 5.63 -10.33 -1.72
C GLY A 18 6.01 -9.94 -3.13
N LEU A 19 6.31 -8.66 -3.33
CA LEU A 19 6.68 -8.16 -4.64
C LEU A 19 8.20 -8.19 -4.83
N PRO A 20 8.64 -8.13 -6.10
CA PRO A 20 10.06 -8.15 -6.43
C PRO A 20 10.77 -6.86 -6.03
N GLU A 21 10.81 -5.90 -6.94
CA GLU A 21 11.46 -4.62 -6.68
C GLU A 21 10.42 -3.51 -6.51
N ALA A 22 9.22 -3.90 -6.09
CA ALA A 22 8.15 -2.94 -5.89
C ALA A 22 8.39 -2.10 -4.64
N ARG A 23 8.29 -0.79 -4.79
CA ARG A 23 8.50 0.13 -3.68
C ARG A 23 7.18 0.54 -3.04
N VAL A 24 6.94 0.09 -1.82
CA VAL A 24 5.72 0.41 -1.11
C VAL A 24 6.00 1.29 0.11
N ASP A 25 5.25 2.38 0.23
CA ASP A 25 5.42 3.31 1.35
C ASP A 25 4.07 3.71 1.93
N VAL A 26 3.85 3.38 3.19
CA VAL A 26 2.59 3.70 3.87
C VAL A 26 2.85 4.39 5.20
N GLN A 27 2.08 5.42 5.48
CA GLN A 27 2.22 6.17 6.74
C GLN A 27 0.86 6.41 7.39
N GLY A 28 0.70 5.90 8.60
CA GLY A 28 -0.55 6.07 9.32
C GLY A 28 -0.91 4.86 10.15
N GLU A 29 -2.21 4.61 10.32
CA GLU A 29 -2.68 3.48 11.10
C GLU A 29 -4.08 3.06 10.67
N ASP A 30 -4.59 2.00 11.28
CA ASP A 30 -5.92 1.50 10.96
C ASP A 30 -7.00 2.36 11.61
N GLY A 31 -8.14 2.48 10.93
CA GLY A 31 -9.24 3.28 11.45
C GLY A 31 -8.95 4.77 11.37
N VAL A 32 -7.86 5.13 10.71
CA VAL A 32 -7.48 6.53 10.57
C VAL A 32 -7.06 6.84 9.13
N HIS A 33 -7.02 8.13 8.80
CA HIS A 33 -6.64 8.56 7.46
C HIS A 33 -5.13 8.45 7.26
N PHE A 34 -4.72 7.46 6.48
CA PHE A 34 -3.29 7.24 6.21
C PHE A 34 -3.01 7.34 4.71
N GLU A 35 -1.72 7.43 4.38
CA GLU A 35 -1.31 7.54 2.99
C GLU A 35 -0.52 6.31 2.55
N ALA A 36 -0.92 5.73 1.42
CA ALA A 36 -0.26 4.54 0.90
C ALA A 36 0.13 4.73 -0.56
N THR A 37 1.44 4.71 -0.82
CA THR A 37 1.95 4.89 -2.17
C THR A 37 2.78 3.69 -2.61
N VAL A 38 2.26 2.93 -3.58
CA VAL A 38 2.95 1.76 -4.09
C VAL A 38 3.38 1.95 -5.54
N VAL A 39 4.59 1.51 -5.85
CA VAL A 39 5.11 1.63 -7.21
C VAL A 39 5.71 0.31 -7.70
N SER A 40 5.21 -0.18 -8.83
CA SER A 40 5.68 -1.44 -9.40
C SER A 40 5.13 -1.64 -10.80
N PRO A 41 5.69 -2.63 -11.52
CA PRO A 41 5.27 -2.94 -12.89
C PRO A 41 3.88 -3.58 -12.92
N ALA A 42 3.47 -4.17 -11.81
CA ALA A 42 2.16 -4.81 -11.72
C ALA A 42 1.08 -3.94 -12.35
N PHE A 43 1.08 -2.66 -12.00
CA PHE A 43 0.10 -1.72 -12.53
C PHE A 43 0.56 -1.15 -13.86
N VAL A 44 1.16 -1.99 -14.70
CA VAL A 44 1.64 -1.57 -16.00
C VAL A 44 0.53 -0.94 -16.82
N GLY A 45 0.74 0.30 -17.24
CA GLY A 45 -0.25 1.00 -18.04
C GLY A 45 -1.42 1.48 -17.20
N LYS A 46 -2.46 0.66 -17.10
CA LYS A 46 -3.64 1.01 -16.33
C LYS A 46 -3.84 0.04 -15.17
N ALA A 47 -3.60 0.52 -13.95
CA ALA A 47 -3.76 -0.31 -12.76
C ALA A 47 -5.18 -0.86 -12.66
N PRO A 48 -5.34 -2.16 -12.94
CA PRO A 48 -6.64 -2.83 -12.89
C PRO A 48 -7.17 -2.98 -11.45
N LEU A 49 -8.42 -3.39 -11.34
CA LEU A 49 -9.04 -3.56 -10.02
C LEU A 49 -8.33 -4.65 -9.23
N ALA A 50 -7.67 -5.56 -9.93
CA ALA A 50 -6.94 -6.64 -9.28
C ALA A 50 -5.85 -6.11 -8.35
N ARG A 51 -4.99 -5.25 -8.88
CA ARG A 51 -3.91 -4.67 -8.09
C ARG A 51 -4.45 -3.64 -7.11
N HIS A 52 -5.41 -2.84 -7.56
CA HIS A 52 -6.02 -1.82 -6.71
C HIS A 52 -6.63 -2.45 -5.47
N ARG A 53 -7.45 -3.48 -5.66
CA ARG A 53 -8.10 -4.15 -4.56
C ARG A 53 -7.09 -4.93 -3.71
N MET A 54 -6.13 -5.56 -4.38
CA MET A 54 -5.10 -6.33 -3.70
C MET A 54 -4.41 -5.49 -2.64
N VAL A 55 -3.92 -4.32 -3.05
CA VAL A 55 -3.23 -3.41 -2.13
C VAL A 55 -4.15 -2.96 -1.01
N TYR A 56 -5.34 -2.50 -1.38
CA TYR A 56 -6.32 -2.04 -0.40
C TYR A 56 -6.61 -3.12 0.64
N ALA A 57 -6.53 -4.37 0.21
CA ALA A 57 -6.78 -5.50 1.10
C ALA A 57 -5.62 -5.70 2.07
N THR A 58 -4.40 -5.62 1.55
CA THR A 58 -3.20 -5.80 2.36
C THR A 58 -3.09 -4.71 3.41
N LEU A 59 -3.54 -3.50 3.07
CA LEU A 59 -3.48 -2.37 3.99
C LEU A 59 -4.66 -2.40 4.96
N GLY A 60 -5.42 -3.49 4.92
CA GLY A 60 -6.56 -3.62 5.80
C GLY A 60 -7.21 -2.29 6.13
N GLU A 61 -7.91 -1.72 5.16
CA GLU A 61 -8.57 -0.44 5.34
C GLU A 61 -9.86 -0.59 6.16
N LEU A 62 -10.58 -1.68 5.89
CA LEU A 62 -11.82 -1.95 6.59
C LEU A 62 -11.58 -2.77 7.85
N MET A 63 -10.31 -2.92 8.21
CA MET A 63 -9.94 -3.68 9.39
C MET A 63 -10.19 -2.87 10.67
N GLY A 64 -10.42 -1.58 10.50
CA GLY A 64 -10.67 -0.72 11.64
C GLY A 64 -11.64 0.41 11.32
N GLY A 65 -11.60 0.87 10.07
CA GLY A 65 -12.48 1.96 9.66
C GLY A 65 -11.94 2.72 8.46
N ALA A 66 -12.47 2.41 7.28
CA ALA A 66 -12.03 3.07 6.06
C ALA A 66 -12.74 4.41 5.88
N ILE A 67 -11.96 5.48 5.77
CA ILE A 67 -12.51 6.82 5.59
C ILE A 67 -12.15 7.39 4.22
N HIS A 68 -12.85 8.44 3.82
CA HIS A 68 -12.61 9.08 2.53
C HIS A 68 -11.36 9.95 2.58
N ALA A 69 -10.32 9.44 3.23
CA ALA A 69 -9.06 10.17 3.35
C ALA A 69 -7.87 9.26 3.07
N LEU A 70 -8.06 8.30 2.18
CA LEU A 70 -7.00 7.36 1.82
C LEU A 70 -6.29 7.80 0.55
N GLN A 71 -4.99 7.53 0.47
CA GLN A 71 -4.20 7.88 -0.69
C GLN A 71 -3.56 6.65 -1.32
N LEU A 72 -3.96 6.35 -2.55
CA LEU A 72 -3.43 5.19 -3.27
C LEU A 72 -2.85 5.61 -4.62
N LYS A 73 -1.55 5.40 -4.79
CA LYS A 73 -0.87 5.75 -6.03
C LYS A 73 -0.22 4.51 -6.67
N THR A 74 -0.73 4.12 -7.83
CA THR A 74 -0.20 2.96 -8.54
C THR A 74 0.43 3.36 -9.87
N LEU A 75 1.76 3.34 -9.93
CA LEU A 75 2.48 3.70 -11.14
C LEU A 75 3.54 2.65 -11.48
N THR A 76 3.99 2.66 -12.73
CA THR A 76 5.01 1.71 -13.18
C THR A 76 6.38 2.06 -12.59
N PRO A 77 7.30 1.10 -12.63
CA PRO A 77 8.66 1.28 -12.12
C PRO A 77 9.49 2.24 -12.98
N ASP A 78 8.94 2.62 -14.12
CA ASP A 78 9.61 3.54 -15.01
C ASP A 78 9.33 4.99 -14.64
N GLU A 79 8.17 5.22 -14.03
CA GLU A 79 7.78 6.57 -13.62
C GLU A 79 8.36 6.90 -12.26
N ALA A 80 9.38 6.15 -11.85
CA ALA A 80 10.01 6.37 -10.55
C ALA A 80 11.39 7.00 -10.73
N MET A 1 8.17 -10.15 23.31
CA MET A 1 8.35 -9.44 22.04
C MET A 1 8.28 -7.93 22.26
N ARG A 2 8.98 -7.19 21.41
CA ARG A 2 9.01 -5.73 21.50
C ARG A 2 8.15 -5.10 20.41
N LYS A 3 8.48 -5.40 19.16
CA LYS A 3 7.74 -4.86 18.03
C LYS A 3 6.74 -5.88 17.49
N ARG A 4 5.55 -5.42 17.14
CA ARG A 4 4.52 -6.30 16.61
C ARG A 4 4.01 -5.78 15.26
N PRO A 5 4.28 -6.55 14.19
CA PRO A 5 3.85 -6.20 12.84
C PRO A 5 2.35 -6.31 12.66
N LEU A 6 1.63 -5.23 12.97
CA LEU A 6 0.18 -5.21 12.85
C LEU A 6 -0.29 -3.94 12.13
N ASP A 7 0.45 -2.86 12.34
CA ASP A 7 0.12 -1.58 11.71
C ASP A 7 0.53 -1.57 10.24
N ALA A 8 0.37 -0.43 9.59
CA ALA A 8 0.72 -0.29 8.18
C ALA A 8 2.10 -0.88 7.90
N GLU A 9 2.96 -0.83 8.90
CA GLU A 9 4.31 -1.37 8.77
C GLU A 9 4.28 -2.84 8.36
N THR A 10 3.32 -3.57 8.91
CA THR A 10 3.18 -5.00 8.62
C THR A 10 2.93 -5.22 7.14
N ILE A 11 1.99 -4.46 6.58
CA ILE A 11 1.66 -4.58 5.17
C ILE A 11 2.79 -4.06 4.28
N ARG A 12 3.52 -3.08 4.79
CA ARG A 12 4.63 -2.50 4.05
C ARG A 12 5.75 -3.52 3.84
N LYS A 13 6.12 -4.21 4.92
CA LYS A 13 7.17 -5.22 4.85
C LYS A 13 6.69 -6.45 4.10
N LEU A 14 5.45 -6.83 4.34
CA LEU A 14 4.87 -8.01 3.68
C LEU A 14 4.91 -7.85 2.16
N ILE A 15 4.43 -6.71 1.67
CA ILE A 15 4.42 -6.44 0.24
C ILE A 15 5.84 -6.20 -0.29
N GLU A 16 6.59 -5.37 0.44
CA GLU A 16 7.95 -5.06 0.05
C GLU A 16 8.78 -6.34 -0.16
N SER A 17 8.51 -7.34 0.67
CA SER A 17 9.22 -8.61 0.59
C SER A 17 8.65 -9.47 -0.54
N GLY A 18 7.33 -9.52 -0.64
CA GLY A 18 6.69 -10.32 -1.67
C GLY A 18 7.15 -9.92 -3.06
N LEU A 19 7.08 -8.63 -3.38
CA LEU A 19 7.48 -8.13 -4.69
C LEU A 19 8.69 -7.21 -4.56
N PRO A 20 9.87 -7.74 -4.89
CA PRO A 20 11.12 -6.98 -4.83
C PRO A 20 11.20 -5.91 -5.90
N GLU A 21 10.32 -6.01 -6.89
CA GLU A 21 10.30 -5.04 -7.99
C GLU A 21 9.23 -3.98 -7.75
N ALA A 22 8.54 -4.08 -6.61
CA ALA A 22 7.50 -3.13 -6.27
C ALA A 22 7.83 -2.40 -4.97
N ARG A 23 7.62 -1.09 -4.95
CA ARG A 23 7.90 -0.28 -3.77
C ARG A 23 6.60 0.15 -3.09
N VAL A 24 6.38 -0.34 -1.88
CA VAL A 24 5.19 0.00 -1.12
C VAL A 24 5.53 0.75 0.16
N ASP A 25 4.95 1.93 0.34
CA ASP A 25 5.20 2.74 1.51
C ASP A 25 3.89 3.31 2.07
N VAL A 26 3.56 2.93 3.29
CA VAL A 26 2.34 3.41 3.93
C VAL A 26 2.65 4.08 5.26
N GLN A 27 1.97 5.19 5.52
CA GLN A 27 2.17 5.93 6.76
C GLN A 27 0.83 6.28 7.41
N GLY A 28 0.64 5.81 8.64
CA GLY A 28 -0.60 6.08 9.36
C GLY A 28 -1.00 4.94 10.28
N GLU A 29 -2.30 4.78 10.49
CA GLU A 29 -2.81 3.72 11.36
C GLU A 29 -4.20 3.29 10.92
N ASP A 30 -4.64 2.14 11.44
CA ASP A 30 -5.95 1.61 11.11
C ASP A 30 -7.06 2.48 11.69
N GLY A 31 -8.14 2.64 10.94
CA GLY A 31 -9.26 3.44 11.39
C GLY A 31 -8.95 4.94 11.35
N VAL A 32 -7.94 5.30 10.56
CA VAL A 32 -7.54 6.70 10.45
C VAL A 32 -7.09 7.02 9.02
N HIS A 33 -6.99 8.30 8.71
CA HIS A 33 -6.58 8.74 7.38
C HIS A 33 -5.07 8.56 7.20
N PHE A 34 -4.69 7.58 6.40
CA PHE A 34 -3.29 7.30 6.14
C PHE A 34 -2.95 7.44 4.66
N GLU A 35 -1.66 7.47 4.34
CA GLU A 35 -1.21 7.62 2.96
C GLU A 35 -0.48 6.37 2.50
N ALA A 36 -0.82 5.89 1.31
CA ALA A 36 -0.18 4.70 0.75
C ALA A 36 0.39 4.98 -0.64
N THR A 37 1.68 4.73 -0.80
CA THR A 37 2.35 4.96 -2.07
C THR A 37 2.98 3.67 -2.60
N VAL A 38 2.37 3.11 -3.64
CA VAL A 38 2.87 1.88 -4.24
C VAL A 38 3.31 2.12 -5.69
N VAL A 39 4.53 1.69 -6.01
CA VAL A 39 5.06 1.85 -7.36
C VAL A 39 5.70 0.56 -7.85
N SER A 40 5.16 0.01 -8.94
CA SER A 40 5.69 -1.23 -9.51
C SER A 40 5.15 -1.45 -10.92
N PRO A 41 5.74 -2.41 -11.64
CA PRO A 41 5.33 -2.74 -13.01
C PRO A 41 3.96 -3.40 -13.06
N ALA A 42 3.55 -4.01 -11.96
CA ALA A 42 2.26 -4.68 -11.88
C ALA A 42 1.16 -3.79 -12.43
N PHE A 43 1.18 -2.51 -12.04
CA PHE A 43 0.17 -1.56 -12.48
C PHE A 43 0.55 -0.96 -13.84
N VAL A 44 1.19 -1.77 -14.68
CA VAL A 44 1.61 -1.32 -16.00
C VAL A 44 0.44 -0.70 -16.76
N GLY A 45 0.75 0.32 -17.56
CA GLY A 45 -0.28 0.99 -18.33
C GLY A 45 -1.48 1.38 -17.49
N LYS A 46 -2.44 0.47 -17.35
CA LYS A 46 -3.64 0.73 -16.57
C LYS A 46 -3.74 -0.24 -15.40
N ALA A 47 -3.60 0.29 -14.18
CA ALA A 47 -3.68 -0.53 -12.98
C ALA A 47 -5.03 -1.24 -12.89
N PRO A 48 -5.00 -2.57 -13.11
CA PRO A 48 -6.21 -3.39 -13.06
C PRO A 48 -6.76 -3.53 -11.64
N LEU A 49 -8.02 -3.95 -11.54
CA LEU A 49 -8.67 -4.13 -10.24
C LEU A 49 -7.89 -5.12 -9.38
N ALA A 50 -7.17 -6.02 -10.05
CA ALA A 50 -6.37 -7.03 -9.34
C ALA A 50 -5.38 -6.37 -8.39
N ARG A 51 -4.57 -5.46 -8.91
CA ARG A 51 -3.58 -4.77 -8.12
C ARG A 51 -4.24 -3.81 -7.13
N HIS A 52 -5.21 -3.05 -7.62
CA HIS A 52 -5.93 -2.08 -6.79
C HIS A 52 -6.54 -2.78 -5.58
N ARG A 53 -7.32 -3.83 -5.81
CA ARG A 53 -7.97 -4.57 -4.74
C ARG A 53 -6.93 -5.26 -3.86
N MET A 54 -5.86 -5.74 -4.49
CA MET A 54 -4.79 -6.42 -3.76
C MET A 54 -4.24 -5.53 -2.65
N VAL A 55 -3.94 -4.28 -2.98
CA VAL A 55 -3.40 -3.34 -2.01
C VAL A 55 -4.44 -2.98 -0.96
N TYR A 56 -5.68 -2.80 -1.39
CA TYR A 56 -6.77 -2.45 -0.50
C TYR A 56 -7.09 -3.60 0.44
N ALA A 57 -6.94 -4.83 -0.05
CA ALA A 57 -7.20 -6.02 0.74
C ALA A 57 -6.05 -6.31 1.70
N THR A 58 -4.83 -6.21 1.19
CA THR A 58 -3.64 -6.46 2.00
C THR A 58 -3.56 -5.50 3.18
N LEU A 59 -3.90 -4.24 2.92
CA LEU A 59 -3.86 -3.22 3.97
C LEU A 59 -5.19 -3.15 4.71
N GLY A 60 -6.20 -3.83 4.16
CA GLY A 60 -7.51 -3.84 4.78
C GLY A 60 -7.81 -2.55 5.52
N GLU A 61 -8.36 -1.58 4.81
CA GLU A 61 -8.70 -0.29 5.40
C GLU A 61 -10.01 -0.37 6.18
N LEU A 62 -10.94 -1.17 5.67
CA LEU A 62 -12.24 -1.34 6.32
C LEU A 62 -12.13 -2.24 7.54
N MET A 63 -10.90 -2.58 7.90
CA MET A 63 -10.65 -3.43 9.06
C MET A 63 -10.62 -2.61 10.35
N GLY A 64 -10.54 -1.29 10.20
CA GLY A 64 -10.50 -0.41 11.35
C GLY A 64 -11.51 0.72 11.25
N GLY A 65 -11.92 1.03 10.03
CA GLY A 65 -12.87 2.11 9.82
C GLY A 65 -12.20 3.44 9.54
N ALA A 66 -11.16 3.42 8.71
CA ALA A 66 -10.44 4.63 8.36
C ALA A 66 -11.36 5.66 7.73
N ILE A 67 -10.97 6.93 7.81
CA ILE A 67 -11.76 8.02 7.25
C ILE A 67 -11.72 7.99 5.73
N HIS A 68 -12.63 8.73 5.10
CA HIS A 68 -12.70 8.79 3.64
C HIS A 68 -11.57 9.65 3.09
N ALA A 69 -10.36 9.43 3.59
CA ALA A 69 -9.20 10.19 3.15
C ALA A 69 -8.01 9.27 2.88
N LEU A 70 -8.19 8.32 1.98
CA LEU A 70 -7.12 7.37 1.64
C LEU A 70 -6.39 7.81 0.38
N GLN A 71 -5.07 7.79 0.44
CA GLN A 71 -4.25 8.18 -0.71
C GLN A 71 -3.51 6.98 -1.28
N LEU A 72 -3.84 6.62 -2.52
CA LEU A 72 -3.22 5.49 -3.18
C LEU A 72 -2.81 5.86 -4.61
N LYS A 73 -1.54 5.67 -4.93
CA LYS A 73 -1.02 5.97 -6.25
C LYS A 73 -0.30 4.76 -6.85
N THR A 74 -0.85 4.22 -7.92
CA THR A 74 -0.27 3.06 -8.59
C THR A 74 0.32 3.45 -9.94
N LEU A 75 1.65 3.48 -10.01
CA LEU A 75 2.34 3.83 -11.25
C LEU A 75 3.44 2.83 -11.56
N THR A 76 3.89 2.82 -12.81
CA THR A 76 4.94 1.91 -13.25
C THR A 76 6.30 2.31 -12.64
N PRO A 77 7.25 1.37 -12.69
CA PRO A 77 8.60 1.61 -12.15
C PRO A 77 9.39 2.60 -12.98
N ASP A 78 8.89 2.91 -14.17
CA ASP A 78 9.55 3.86 -15.06
C ASP A 78 9.27 5.30 -14.63
N GLU A 79 8.13 5.52 -14.00
CA GLU A 79 7.75 6.84 -13.53
C GLU A 79 8.35 7.13 -12.15
N ALA A 80 9.49 6.52 -11.87
CA ALA A 80 10.17 6.70 -10.60
C ALA A 80 11.58 7.27 -10.81
N MET A 1 16.78 -0.56 6.60
CA MET A 1 16.89 -0.49 8.04
C MET A 1 15.96 0.57 8.62
N ARG A 2 14.72 0.58 8.14
CA ARG A 2 13.74 1.55 8.61
C ARG A 2 12.61 0.86 9.36
N LYS A 3 12.75 0.72 10.67
CA LYS A 3 11.75 0.08 11.50
C LYS A 3 11.17 1.07 12.51
N ARG A 4 10.87 2.28 12.04
CA ARG A 4 10.31 3.30 12.91
C ARG A 4 8.87 2.97 13.28
N PRO A 5 8.00 2.86 12.26
CA PRO A 5 6.58 2.55 12.45
C PRO A 5 6.37 1.12 12.92
N LEU A 6 5.16 0.84 13.41
CA LEU A 6 4.82 -0.49 13.89
C LEU A 6 3.64 -1.07 13.12
N ASP A 7 2.68 -0.21 12.78
CA ASP A 7 1.51 -0.63 12.04
C ASP A 7 1.73 -0.52 10.54
N ALA A 8 2.22 0.64 10.10
CA ALA A 8 2.49 0.88 8.70
C ALA A 8 3.57 -0.07 8.17
N GLU A 9 4.44 -0.51 9.06
CA GLU A 9 5.52 -1.42 8.69
C GLU A 9 4.97 -2.82 8.40
N THR A 10 3.87 -3.16 9.05
CA THR A 10 3.25 -4.47 8.86
C THR A 10 2.86 -4.68 7.41
N ILE A 11 2.05 -3.78 6.87
CA ILE A 11 1.60 -3.87 5.49
C ILE A 11 2.72 -3.51 4.53
N ARG A 12 3.55 -2.55 4.92
CA ARG A 12 4.67 -2.12 4.09
C ARG A 12 5.65 -3.25 3.86
N LYS A 13 6.04 -3.94 4.94
CA LYS A 13 6.97 -5.05 4.85
C LYS A 13 6.32 -6.25 4.15
N LEU A 14 5.06 -6.50 4.45
CA LEU A 14 4.33 -7.61 3.85
C LEU A 14 4.35 -7.51 2.33
N ILE A 15 4.01 -6.33 1.82
CA ILE A 15 4.00 -6.10 0.38
C ILE A 15 5.41 -6.14 -0.21
N GLU A 16 6.34 -5.47 0.46
CA GLU A 16 7.72 -5.42 0.01
C GLU A 16 8.27 -6.83 -0.18
N SER A 17 7.87 -7.74 0.70
CA SER A 17 8.33 -9.13 0.64
C SER A 17 7.60 -9.89 -0.45
N GLY A 18 6.29 -9.68 -0.54
CA GLY A 18 5.49 -10.36 -1.54
C GLY A 18 5.89 -9.98 -2.96
N LEU A 19 6.05 -8.68 -3.19
CA LEU A 19 6.43 -8.18 -4.51
C LEU A 19 7.95 -8.20 -4.68
N PRO A 20 8.40 -8.14 -5.94
CA PRO A 20 9.83 -8.15 -6.27
C PRO A 20 10.53 -6.86 -5.86
N GLU A 21 10.57 -5.90 -6.78
CA GLU A 21 11.20 -4.61 -6.51
C GLU A 21 10.16 -3.51 -6.34
N ALA A 22 8.95 -3.90 -5.92
CA ALA A 22 7.87 -2.95 -5.72
C ALA A 22 8.12 -2.10 -4.48
N ARG A 23 8.09 -0.78 -4.67
CA ARG A 23 8.32 0.15 -3.56
C ARG A 23 6.99 0.56 -2.93
N VAL A 24 6.74 0.08 -1.70
CA VAL A 24 5.52 0.41 -1.00
C VAL A 24 5.82 1.25 0.25
N ASP A 25 5.12 2.37 0.36
CA ASP A 25 5.31 3.27 1.50
C ASP A 25 3.97 3.74 2.04
N VAL A 26 3.70 3.41 3.30
CA VAL A 26 2.44 3.80 3.94
C VAL A 26 2.70 4.53 5.25
N GLN A 27 1.96 5.60 5.48
CA GLN A 27 2.11 6.40 6.70
C GLN A 27 0.76 6.70 7.32
N GLY A 28 0.57 6.25 8.55
CA GLY A 28 -0.69 6.48 9.24
C GLY A 28 -1.04 5.38 10.22
N GLU A 29 -2.22 4.79 10.05
CA GLU A 29 -2.66 3.71 10.93
C GLU A 29 -4.01 3.15 10.45
N ASP A 30 -4.35 1.96 10.95
CA ASP A 30 -5.60 1.32 10.57
C ASP A 30 -6.79 2.02 11.22
N GLY A 31 -7.92 2.00 10.54
CA GLY A 31 -9.11 2.65 11.06
C GLY A 31 -9.03 4.16 11.01
N VAL A 32 -7.99 4.67 10.34
CA VAL A 32 -7.80 6.11 10.23
C VAL A 32 -7.34 6.50 8.82
N HIS A 33 -7.42 7.78 8.51
CA HIS A 33 -7.01 8.27 7.20
C HIS A 33 -5.49 8.30 7.08
N PHE A 34 -4.95 7.42 6.25
CA PHE A 34 -3.51 7.34 6.05
C PHE A 34 -3.16 7.43 4.57
N GLU A 35 -1.88 7.63 4.27
CA GLU A 35 -1.42 7.73 2.89
C GLU A 35 -0.52 6.55 2.52
N ALA A 36 -0.88 5.85 1.46
CA ALA A 36 -0.12 4.71 1.00
C ALA A 36 0.23 4.82 -0.49
N THR A 37 1.52 4.84 -0.79
CA THR A 37 1.98 4.95 -2.17
C THR A 37 2.77 3.72 -2.58
N VAL A 38 2.25 2.96 -3.54
CA VAL A 38 2.91 1.76 -4.03
C VAL A 38 3.35 1.94 -5.48
N VAL A 39 4.53 1.41 -5.80
CA VAL A 39 5.07 1.50 -7.15
C VAL A 39 5.64 0.16 -7.61
N SER A 40 5.12 -0.35 -8.71
CA SER A 40 5.57 -1.63 -9.26
C SER A 40 5.04 -1.84 -10.67
N PRO A 41 5.61 -2.82 -11.38
CA PRO A 41 5.22 -3.15 -12.75
C PRO A 41 3.82 -3.77 -12.82
N ALA A 42 3.34 -4.27 -11.69
CA ALA A 42 2.03 -4.89 -11.62
C ALA A 42 0.99 -4.06 -12.38
N PHE A 43 0.94 -2.76 -12.09
CA PHE A 43 0.00 -1.87 -12.75
C PHE A 43 0.58 -1.33 -14.05
N VAL A 44 1.26 -2.20 -14.80
CA VAL A 44 1.86 -1.80 -16.06
C VAL A 44 0.86 -1.10 -16.96
N GLY A 45 1.14 0.14 -17.30
CA GLY A 45 0.25 0.91 -18.16
C GLY A 45 -1.02 1.33 -17.44
N LYS A 46 -1.91 0.37 -17.20
CA LYS A 46 -3.16 0.65 -16.52
C LYS A 46 -3.29 -0.19 -15.25
N ALA A 47 -3.79 0.43 -14.18
CA ALA A 47 -3.96 -0.26 -12.90
C ALA A 47 -5.41 -0.70 -12.71
N PRO A 48 -5.68 -1.98 -12.99
CA PRO A 48 -7.03 -2.55 -12.84
C PRO A 48 -7.47 -2.65 -11.39
N LEU A 49 -8.76 -2.83 -11.18
CA LEU A 49 -9.32 -2.95 -9.82
C LEU A 49 -8.65 -4.08 -9.06
N ALA A 50 -8.16 -5.08 -9.80
CA ALA A 50 -7.49 -6.22 -9.19
C ALA A 50 -6.29 -5.78 -8.37
N ARG A 51 -5.43 -4.96 -8.97
CA ARG A 51 -4.24 -4.46 -8.29
C ARG A 51 -4.61 -3.44 -7.20
N HIS A 52 -5.49 -2.50 -7.56
CA HIS A 52 -5.93 -1.47 -6.62
C HIS A 52 -6.56 -2.11 -5.39
N ARG A 53 -7.49 -3.02 -5.60
CA ARG A 53 -8.18 -3.69 -4.50
C ARG A 53 -7.21 -4.59 -3.73
N MET A 54 -6.33 -5.27 -4.46
CA MET A 54 -5.36 -6.17 -3.85
C MET A 54 -4.54 -5.43 -2.78
N VAL A 55 -4.04 -4.25 -3.14
CA VAL A 55 -3.24 -3.45 -2.22
C VAL A 55 -4.09 -2.98 -1.03
N TYR A 56 -5.31 -2.55 -1.32
CA TYR A 56 -6.21 -2.07 -0.27
C TYR A 56 -6.38 -3.12 0.82
N ALA A 57 -6.52 -4.37 0.41
CA ALA A 57 -6.70 -5.48 1.34
C ALA A 57 -5.39 -5.78 2.08
N THR A 58 -4.30 -5.82 1.33
CA THR A 58 -2.99 -6.10 1.91
C THR A 58 -2.51 -4.95 2.77
N LEU A 59 -3.16 -3.80 2.64
CA LEU A 59 -2.80 -2.62 3.42
C LEU A 59 -3.66 -2.52 4.68
N GLY A 60 -4.70 -3.35 4.75
CA GLY A 60 -5.58 -3.33 5.90
C GLY A 60 -6.09 -1.94 6.23
N GLU A 61 -7.00 -1.44 5.40
CA GLU A 61 -7.56 -0.11 5.61
C GLU A 61 -9.05 -0.19 5.92
N LEU A 62 -9.74 -1.10 5.25
CA LEU A 62 -11.17 -1.29 5.46
C LEU A 62 -11.44 -2.28 6.59
N MET A 63 -10.38 -2.97 7.03
CA MET A 63 -10.50 -3.94 8.11
C MET A 63 -10.50 -3.25 9.47
N GLY A 64 -10.13 -1.97 9.48
CA GLY A 64 -10.09 -1.22 10.72
C GLY A 64 -11.19 -0.18 10.80
N GLY A 65 -11.66 0.27 9.63
CA GLY A 65 -12.71 1.27 9.60
C GLY A 65 -12.17 2.67 9.45
N ALA A 66 -11.33 2.88 8.43
CA ALA A 66 -10.75 4.19 8.18
C ALA A 66 -11.71 5.09 7.41
N ILE A 67 -11.45 6.39 7.44
CA ILE A 67 -12.30 7.35 6.74
C ILE A 67 -12.08 7.27 5.23
N HIS A 68 -13.00 7.87 4.48
CA HIS A 68 -12.92 7.88 3.02
C HIS A 68 -11.85 8.85 2.55
N ALA A 69 -10.68 8.80 3.19
CA ALA A 69 -9.57 9.67 2.83
C ALA A 69 -8.28 8.88 2.69
N LEU A 70 -8.31 7.84 1.87
CA LEU A 70 -7.14 7.01 1.64
C LEU A 70 -6.41 7.40 0.36
N GLN A 71 -5.09 7.47 0.43
CA GLN A 71 -4.28 7.85 -0.72
C GLN A 71 -3.56 6.63 -1.31
N LEU A 72 -3.91 6.28 -2.54
CA LEU A 72 -3.31 5.14 -3.21
C LEU A 72 -2.81 5.52 -4.60
N LYS A 73 -1.51 5.40 -4.81
CA LYS A 73 -0.91 5.72 -6.09
C LYS A 73 -0.24 4.50 -6.72
N THR A 74 -0.77 4.05 -7.85
CA THR A 74 -0.22 2.89 -8.54
C THR A 74 0.45 3.29 -9.84
N LEU A 75 1.78 3.24 -9.85
CA LEU A 75 2.55 3.60 -11.04
C LEU A 75 3.59 2.53 -11.36
N THR A 76 4.06 2.53 -12.60
CA THR A 76 5.07 1.56 -13.04
C THR A 76 6.42 1.87 -12.42
N PRO A 77 7.32 0.87 -12.45
CA PRO A 77 8.67 1.01 -11.91
C PRO A 77 9.55 1.94 -12.74
N ASP A 78 9.12 2.20 -13.96
CA ASP A 78 9.86 3.08 -14.86
C ASP A 78 9.74 4.54 -14.42
N GLU A 79 8.57 4.88 -13.88
CA GLU A 79 8.31 6.24 -13.43
C GLU A 79 9.16 6.57 -12.20
N ALA A 80 9.44 5.55 -11.39
CA ALA A 80 10.23 5.72 -10.18
C ALA A 80 11.68 6.05 -10.53
#